data_4GTY
#
_entry.id   4GTY
#
_cell.length_a   104.863
_cell.length_b   104.863
_cell.length_c   174.831
_cell.angle_alpha   90.000
_cell.angle_beta   90.000
_cell.angle_gamma   120.000
#
_symmetry.space_group_name_H-M   'P 31'
#
loop_
_entity.id
_entity.type
_entity.pdbx_description
1 polymer 'Ectonucleotide pyrophosphatase/phosphodiesterase family member 2, Alkaline phosphodiesterase I'
2 branched alpha-D-mannopyranose-(1-3)-alpha-D-mannopyranose-(1-6)-[alpha-D-mannopyranose-(1-3)]beta-D-mannopyranose-(1-4)-2-acetamido-2-deoxy-beta-D-glucopyranose-(1-4)-2-acetamido-2-deoxy-beta-D-glucopyranose
3 branched 2-acetamido-2-deoxy-beta-D-glucopyranose-(1-4)-2-acetamido-2-deoxy-beta-D-glucopyranose
4 non-polymer 2-acetamido-2-deoxy-beta-D-glucopyranose
5 non-polymer "GUANOSINE-5'-MONOPHOSPHATE"
6 non-polymer 'ZINC ION'
7 non-polymer 'CALCIUM ION'
#
_entity_poly.entity_id   1
_entity_poly.type   'polypeptide(L)'
_entity_poly.pdbx_seq_one_letter_code
;WTNTSGSCRGRCFERTFSNCRCDAACVSLGNCCLDFQETCVEPTHIWTCNKFRCGEKRLSRFVCSCADDCKTHNDCCINY
SSVCQDKKSWVEETCESIDTPECPAEFESPPTLLFSLDGFRAEYLHTWGGLLPVISKLKNCGTYTKNMRPMYPTKTFPNH
YSIVTGLYPESHGIIDNKMYDPKMNASFSLKSKEKFNPLWYKGQPIWVTANHQEVKSGTYFWPGSDVEIDGILPDIYKVY
NGSVPFEERILAVLEWLQLPSHERPHFYTLYLEEPDSSGHSHGPVSSEVIKALQKVDRLVGMLMDGLKDLGLDKCLNLIL
ISDHGMEQGSCKKYVYLNKYLGDVNNVKVVYGPAARLRPTDVPETYYSFNYEALAKNLSCREPNQHFRPYLKPFLPKRLH
FAKSDRIEPLTFYLDPQWQLALNPSERKYCGSGFHGSDNLFSNMQALFIGYGPAFKHGAEVDSFENIEVYNLMCDLLGLI
PAPNNGSHGSLNHLLKKPIYNPSHPKEEGFLSQCPIKSTSNDLGCTCDPWIVPIKDFEKQLNLTTEDDDIYHMTVPYGRP
RILLKQHRVCLLQQQQFLTGYSLDLLMPLWASYTFLSNDQFSRDDFSNCLYQDLRIPLSPVHKCSYYKSNSKLSYGFLTP
PRLNRVSNHIYSEALLTSNIVPMYQSFQVIWHYLHDTLLQRYAHERNGINVVSGPVFDFDYDGRYDSLEILKQNSRVIRS
QEILIPTHFFIVLTSCKQLSETPLECSALESSAYILPHRPDNIESCTHGKRESSWVEELLTLHRARVTDVELITGLSFYQ
DRQESVSELLRLKTHLPIFSQED
;
_entity_poly.pdbx_strand_id   A,B
#
# COMPACT_ATOMS: atom_id res chain seq x y z
N LYS A 88 27.03 -19.28 22.50
CA LYS A 88 25.76 -19.63 21.87
C LYS A 88 25.84 -19.45 20.36
N SER A 89 25.41 -20.48 19.63
CA SER A 89 25.40 -20.43 18.17
C SER A 89 24.33 -19.47 17.69
N TRP A 90 24.40 -19.09 16.41
CA TRP A 90 23.46 -18.14 15.82
C TRP A 90 22.02 -18.64 15.85
N VAL A 91 21.82 -19.94 15.61
CA VAL A 91 20.48 -20.52 15.59
C VAL A 91 19.86 -20.53 16.99
N GLU A 92 20.73 -20.56 18.00
CA GLU A 92 20.27 -20.59 19.39
C GLU A 92 19.85 -19.22 19.90
N GLU A 93 20.34 -18.16 19.26
CA GLU A 93 19.97 -16.80 19.65
C GLU A 93 18.60 -16.41 19.10
N THR A 94 17.94 -15.47 19.78
CA THR A 94 16.63 -15.02 19.35
C THR A 94 16.81 -13.97 18.26
N CYS A 95 15.69 -13.41 17.81
CA CYS A 95 15.73 -12.38 16.76
C CYS A 95 16.27 -11.06 17.29
N GLU A 96 17.08 -10.40 16.47
CA GLU A 96 17.61 -9.08 16.80
C GLU A 96 17.41 -8.12 15.64
N SER A 97 16.78 -6.99 15.93
CA SER A 97 16.48 -6.00 14.91
C SER A 97 17.75 -5.33 14.43
N ILE A 98 18.03 -5.45 13.14
CA ILE A 98 19.20 -4.80 12.55
C ILE A 98 18.72 -3.60 11.74
N ASP A 99 18.26 -2.57 12.44
CA ASP A 99 17.76 -1.34 11.81
C ASP A 99 18.88 -0.56 11.12
N THR A 100 20.04 -0.53 11.78
CA THR A 100 21.22 0.13 11.24
C THR A 100 22.37 -0.87 11.16
N PRO A 101 23.00 -0.98 9.98
CA PRO A 101 24.08 -1.96 9.82
C PRO A 101 25.23 -1.71 10.79
N GLU A 102 25.56 -2.72 11.59
CA GLU A 102 26.68 -2.67 12.52
C GLU A 102 27.93 -3.31 11.94
N CYS A 103 28.72 -2.56 11.19
CA CYS A 103 29.89 -3.16 10.56
C CYS A 103 31.19 -2.88 11.29
N PRO A 104 32.05 -3.91 11.39
CA PRO A 104 33.42 -3.86 11.93
C PRO A 104 34.26 -2.93 11.07
N ALA A 105 35.45 -2.54 11.54
CA ALA A 105 36.31 -1.68 10.76
C ALA A 105 36.70 -2.36 9.45
N GLU A 106 37.16 -1.56 8.49
CA GLU A 106 37.51 -2.00 7.12
C GLU A 106 36.28 -2.28 6.25
N PHE A 107 35.09 -2.18 6.84
CA PHE A 107 33.84 -2.33 6.10
C PHE A 107 33.09 -1.01 5.99
N GLU A 108 32.74 -0.59 4.78
CA GLU A 108 32.02 0.67 4.62
C GLU A 108 30.52 0.42 4.48
N SER A 109 30.18 -0.71 3.87
CA SER A 109 28.79 -1.09 3.67
C SER A 109 28.69 -2.62 3.63
N PRO A 110 27.58 -3.18 4.14
CA PRO A 110 27.36 -4.63 4.21
C PRO A 110 27.40 -5.30 2.84
N PRO A 111 28.23 -6.35 2.68
CA PRO A 111 28.29 -7.11 1.43
C PRO A 111 27.01 -7.91 1.22
N THR A 112 26.85 -8.49 0.02
CA THR A 112 25.66 -9.27 -0.30
C THR A 112 25.96 -10.68 -0.82
N LEU A 113 25.51 -11.69 -0.07
CA LEU A 113 25.72 -13.09 -0.47
C LEU A 113 24.46 -13.75 -1.03
N LEU A 114 24.60 -14.36 -2.20
CA LEU A 114 23.51 -15.10 -2.83
C LEU A 114 23.70 -16.61 -2.66
N PHE A 115 22.97 -17.18 -1.70
CA PHE A 115 23.08 -18.60 -1.38
C PHE A 115 21.97 -19.41 -2.06
N SER A 116 22.36 -20.34 -2.92
CA SER A 116 21.37 -21.15 -3.64
C SER A 116 21.33 -22.61 -3.20
N LEU A 117 20.11 -23.13 -3.06
CA LEU A 117 19.90 -24.53 -2.72
C LEU A 117 19.04 -25.15 -3.82
N ASP A 118 19.68 -25.81 -4.77
CA ASP A 118 19.01 -26.35 -5.96
C ASP A 118 17.91 -27.35 -5.61
N GLY A 119 16.75 -27.20 -6.25
CA GLY A 119 15.67 -28.15 -6.08
C GLY A 119 14.92 -28.01 -4.76
N PHE A 120 15.03 -26.84 -4.13
CA PHE A 120 14.33 -26.59 -2.88
C PHE A 120 12.91 -26.13 -3.18
N ARG A 121 12.00 -27.09 -3.27
CA ARG A 121 10.60 -26.81 -3.54
C ARG A 121 10.00 -26.01 -2.37
N ALA A 122 9.10 -25.09 -2.69
CA ALA A 122 8.54 -24.19 -1.70
C ALA A 122 7.73 -24.93 -0.64
N GLU A 123 7.15 -26.06 -1.02
CA GLU A 123 6.35 -26.86 -0.11
C GLU A 123 7.18 -27.46 1.03
N TYR A 124 8.48 -27.62 0.80
CA TYR A 124 9.38 -28.18 1.81
C TYR A 124 9.34 -27.39 3.12
N LEU A 125 9.53 -26.08 3.03
CA LEU A 125 9.54 -25.20 4.19
C LEU A 125 8.15 -25.02 4.81
N HIS A 126 7.11 -25.09 3.99
CA HIS A 126 5.75 -24.99 4.50
C HIS A 126 5.47 -26.13 5.48
N THR A 127 5.87 -27.33 5.07
CA THR A 127 5.56 -28.53 5.83
C THR A 127 6.62 -28.92 6.84
N TRP A 128 7.89 -28.90 6.43
CA TRP A 128 8.99 -29.37 7.27
C TRP A 128 9.76 -28.27 7.99
N GLY A 129 9.05 -27.25 8.45
CA GLY A 129 9.67 -26.14 9.16
C GLY A 129 10.25 -26.53 10.51
N GLY A 130 9.58 -27.47 11.19
CA GLY A 130 10.01 -27.91 12.51
C GLY A 130 11.26 -28.77 12.48
N LEU A 131 11.62 -29.24 11.30
CA LEU A 131 12.81 -30.06 11.14
C LEU A 131 13.99 -29.23 10.64
N LEU A 132 13.71 -27.98 10.28
CA LEU A 132 14.73 -27.08 9.76
C LEU A 132 14.81 -25.82 10.64
N PRO A 133 15.51 -25.91 11.77
CA PRO A 133 15.60 -24.83 12.78
C PRO A 133 16.36 -23.59 12.30
N VAL A 134 17.41 -23.78 11.50
CA VAL A 134 18.22 -22.66 11.02
C VAL A 134 17.46 -21.84 9.99
N ILE A 135 16.91 -22.51 9.00
CA ILE A 135 16.17 -21.86 7.92
C ILE A 135 14.93 -21.15 8.48
N SER A 136 14.31 -21.77 9.47
CA SER A 136 13.13 -21.20 10.10
C SER A 136 13.43 -19.89 10.82
N LYS A 137 14.63 -19.77 11.41
CA LYS A 137 14.99 -18.53 12.09
C LYS A 137 15.21 -17.41 11.07
N LEU A 138 15.82 -17.78 9.94
CA LEU A 138 15.99 -16.87 8.82
C LEU A 138 14.66 -16.37 8.25
N LYS A 139 13.67 -17.26 8.27
CA LYS A 139 12.32 -16.92 7.82
C LYS A 139 11.66 -15.93 8.78
N ASN A 140 11.75 -16.23 10.07
CA ASN A 140 11.09 -15.45 11.10
C ASN A 140 11.74 -14.10 11.37
N CYS A 141 13.01 -13.95 11.00
CA CYS A 141 13.72 -12.71 11.24
C CYS A 141 14.06 -11.93 9.97
N GLY A 142 13.56 -12.40 8.83
CA GLY A 142 13.85 -11.75 7.56
C GLY A 142 12.61 -11.54 6.71
N THR A 143 12.80 -11.28 5.43
CA THR A 143 11.68 -11.11 4.52
C THR A 143 11.45 -12.41 3.76
N TYR A 144 10.26 -12.98 3.94
CA TYR A 144 9.95 -14.29 3.38
C TYR A 144 8.73 -14.22 2.47
N THR A 145 8.66 -15.14 1.52
CA THR A 145 7.52 -15.28 0.61
C THR A 145 7.13 -16.75 0.47
N LYS A 146 5.86 -17.03 0.69
CA LYS A 146 5.30 -18.39 0.60
C LYS A 146 5.73 -19.13 -0.66
N ASN A 147 5.66 -18.43 -1.80
CA ASN A 147 6.03 -19.02 -3.08
C ASN A 147 6.81 -18.04 -3.93
N MET A 148 7.96 -18.47 -4.45
CA MET A 148 8.68 -17.65 -5.41
C MET A 148 8.55 -18.29 -6.78
N ARG A 149 8.00 -17.53 -7.72
CA ARG A 149 7.75 -18.06 -9.05
C ARG A 149 9.00 -18.02 -9.91
N PRO A 150 9.43 -19.19 -10.41
CA PRO A 150 10.62 -19.35 -11.24
C PRO A 150 10.29 -19.16 -12.70
N MET A 151 11.29 -19.26 -13.57
CA MET A 151 11.05 -19.08 -14.99
C MET A 151 10.71 -20.40 -15.68
N TYR A 152 10.33 -20.31 -16.96
CA TYR A 152 9.97 -21.49 -17.74
C TYR A 152 11.01 -21.77 -18.83
N PRO A 153 11.40 -23.05 -18.98
CA PRO A 153 11.01 -24.21 -18.16
C PRO A 153 11.73 -24.21 -16.82
N THR A 154 11.23 -24.99 -15.87
CA THR A 154 11.77 -25.00 -14.52
C THR A 154 13.01 -25.89 -14.42
N LYS A 155 14.13 -25.39 -14.93
CA LYS A 155 15.39 -26.12 -14.95
C LYS A 155 16.46 -25.29 -14.25
N THR A 156 17.55 -25.91 -13.82
CA THR A 156 18.60 -25.23 -13.06
C THR A 156 19.27 -24.05 -13.75
N PHE A 157 19.94 -24.33 -14.87
CA PHE A 157 20.69 -23.32 -15.59
C PHE A 157 19.89 -22.10 -16.07
N PRO A 158 18.71 -22.31 -16.69
CA PRO A 158 17.97 -21.13 -17.13
C PRO A 158 17.57 -20.23 -15.97
N ASN A 159 17.07 -20.83 -14.88
CA ASN A 159 16.63 -20.08 -13.72
C ASN A 159 17.75 -19.43 -12.93
N HIS A 160 18.81 -20.18 -12.67
CA HIS A 160 19.97 -19.65 -11.96
C HIS A 160 20.56 -18.45 -12.70
N TYR A 161 20.47 -18.49 -14.03
CA TYR A 161 20.99 -17.41 -14.85
C TYR A 161 19.96 -16.29 -15.00
N SER A 162 18.68 -16.64 -14.88
CA SER A 162 17.62 -15.64 -14.92
C SER A 162 17.60 -14.80 -13.65
N ILE A 163 18.02 -15.40 -12.55
CA ILE A 163 18.12 -14.71 -11.27
C ILE A 163 19.14 -13.58 -11.34
N VAL A 164 20.32 -13.88 -11.85
CA VAL A 164 21.44 -12.95 -11.88
C VAL A 164 21.43 -12.00 -13.10
N THR A 165 20.47 -12.19 -13.99
CA THR A 165 20.35 -11.33 -15.17
C THR A 165 19.04 -10.55 -15.17
N GLY A 166 18.04 -11.08 -14.46
CA GLY A 166 16.74 -10.46 -14.41
C GLY A 166 16.02 -10.53 -15.75
N LEU A 167 16.46 -11.47 -16.58
CA LEU A 167 15.89 -11.60 -17.91
C LEU A 167 15.10 -12.88 -18.05
N TYR A 168 14.14 -12.84 -18.97
CA TYR A 168 13.40 -14.04 -19.35
C TYR A 168 14.37 -14.95 -20.09
N PRO A 169 14.20 -16.27 -19.93
CA PRO A 169 15.06 -17.27 -20.59
C PRO A 169 15.15 -17.10 -22.11
N GLU A 170 14.08 -16.59 -22.73
CA GLU A 170 14.05 -16.38 -24.16
C GLU A 170 15.01 -15.26 -24.60
N SER A 171 15.52 -14.49 -23.63
CA SER A 171 16.35 -13.34 -23.93
C SER A 171 17.81 -13.49 -23.47
N HIS A 172 18.05 -14.31 -22.45
CA HIS A 172 19.42 -14.47 -21.95
C HIS A 172 20.14 -15.68 -22.55
N GLY A 173 19.45 -16.42 -23.40
CA GLY A 173 20.09 -17.47 -24.18
C GLY A 173 20.06 -18.88 -23.62
N ILE A 174 20.06 -19.01 -22.29
CA ILE A 174 20.06 -20.33 -21.66
C ILE A 174 18.64 -20.86 -21.51
N ILE A 175 18.14 -21.52 -22.56
CA ILE A 175 16.76 -22.01 -22.60
C ILE A 175 16.53 -23.25 -21.75
N ASP A 176 17.47 -24.20 -21.81
CA ASP A 176 17.33 -25.45 -21.06
C ASP A 176 18.73 -25.96 -20.68
N ASN A 177 18.80 -26.98 -19.83
CA ASN A 177 20.08 -27.61 -19.53
C ASN A 177 20.70 -28.23 -20.76
N LYS A 178 19.86 -28.87 -21.58
CA LYS A 178 20.29 -29.42 -22.84
C LYS A 178 19.46 -28.78 -23.94
N MET A 179 20.12 -28.13 -24.89
CA MET A 179 19.42 -27.44 -25.96
C MET A 179 20.27 -27.41 -27.21
N TYR A 180 19.78 -26.71 -28.23
CA TYR A 180 20.52 -26.63 -29.48
C TYR A 180 20.25 -25.35 -30.25
N ASP A 181 21.31 -24.77 -30.80
CA ASP A 181 21.21 -23.57 -31.62
C ASP A 181 21.48 -23.91 -33.09
N PRO A 182 20.47 -23.71 -33.95
CA PRO A 182 20.56 -24.00 -35.39
C PRO A 182 21.57 -23.10 -36.11
N LYS A 183 21.58 -21.81 -35.77
CA LYS A 183 22.46 -20.85 -36.42
C LYS A 183 23.93 -21.09 -36.11
N MET A 184 24.19 -21.87 -35.08
CA MET A 184 25.56 -22.21 -34.69
C MET A 184 25.90 -23.66 -35.04
N ASN A 185 24.87 -24.49 -35.25
CA ASN A 185 25.04 -25.93 -35.47
C ASN A 185 25.82 -26.58 -34.33
N ALA A 186 25.40 -26.26 -33.11
CA ALA A 186 26.07 -26.78 -31.92
C ALA A 186 25.08 -27.05 -30.79
N SER A 187 25.33 -28.11 -30.04
CA SER A 187 24.47 -28.48 -28.93
C SER A 187 25.02 -27.92 -27.61
N PHE A 188 24.19 -27.92 -26.58
CA PHE A 188 24.59 -27.39 -25.29
C PHE A 188 24.35 -28.39 -24.17
N SER A 189 25.28 -28.48 -23.23
CA SER A 189 25.13 -29.38 -22.10
C SER A 189 25.97 -28.91 -20.92
N LEU A 190 25.59 -29.32 -19.72
CA LEU A 190 26.30 -28.95 -18.51
C LEU A 190 27.66 -29.64 -18.50
N LYS A 191 27.66 -30.90 -18.89
CA LYS A 191 28.87 -31.70 -19.03
C LYS A 191 29.30 -31.71 -20.48
N SER A 192 29.80 -30.57 -20.95
CA SER A 192 30.19 -30.41 -22.35
C SER A 192 31.21 -29.30 -22.52
N LYS A 193 31.95 -29.34 -23.62
CA LYS A 193 32.95 -28.31 -23.89
C LYS A 193 32.25 -27.05 -24.36
N GLU A 194 31.04 -27.22 -24.88
CA GLU A 194 30.22 -26.11 -25.36
C GLU A 194 29.67 -25.23 -24.24
N LYS A 195 29.66 -25.75 -23.01
CA LYS A 195 29.17 -25.00 -21.86
C LYS A 195 29.97 -23.73 -21.61
N PHE A 196 31.29 -23.80 -21.80
CA PHE A 196 32.18 -22.68 -21.52
C PHE A 196 32.29 -21.71 -22.68
N ASN A 197 31.40 -21.87 -23.66
CA ASN A 197 31.37 -20.97 -24.82
C ASN A 197 30.51 -19.73 -24.58
N PRO A 198 31.15 -18.55 -24.61
CA PRO A 198 30.54 -17.24 -24.34
C PRO A 198 29.46 -16.86 -25.36
N LEU A 199 29.36 -17.60 -26.45
CA LEU A 199 28.38 -17.29 -27.50
C LEU A 199 26.96 -17.71 -27.11
N TRP A 200 26.84 -18.48 -26.03
CA TRP A 200 25.55 -18.94 -25.55
C TRP A 200 24.91 -17.89 -24.64
N TYR A 201 25.73 -17.32 -23.77
CA TYR A 201 25.27 -16.39 -22.73
C TYR A 201 25.04 -14.97 -23.22
N LYS A 202 23.77 -14.56 -23.25
CA LYS A 202 23.43 -13.19 -23.61
C LYS A 202 23.12 -12.39 -22.34
N GLY A 203 22.72 -11.14 -22.52
CA GLY A 203 22.39 -10.29 -21.39
C GLY A 203 23.62 -9.88 -20.58
N GLN A 204 23.40 -9.51 -19.33
CA GLN A 204 24.49 -9.08 -18.45
C GLN A 204 24.27 -9.50 -17.00
N PRO A 205 25.01 -10.52 -16.53
CA PRO A 205 24.88 -10.96 -15.15
C PRO A 205 25.41 -9.92 -14.15
N ILE A 206 25.04 -10.09 -12.88
CA ILE A 206 25.34 -9.11 -11.83
C ILE A 206 26.84 -8.88 -11.59
N TRP A 207 27.63 -9.94 -11.70
CA TRP A 207 29.08 -9.84 -11.46
C TRP A 207 29.76 -9.02 -12.55
N VAL A 208 29.18 -9.04 -13.75
CA VAL A 208 29.64 -8.21 -14.85
C VAL A 208 29.24 -6.77 -14.56
N THR A 209 28.02 -6.60 -14.05
CA THR A 209 27.52 -5.28 -13.68
C THR A 209 28.41 -4.67 -12.59
N ALA A 210 28.75 -5.47 -11.59
CA ALA A 210 29.62 -5.01 -10.51
C ALA A 210 31.00 -4.64 -11.04
N ASN A 211 31.47 -5.39 -12.03
CA ASN A 211 32.79 -5.15 -12.61
C ASN A 211 32.88 -3.83 -13.37
N HIS A 212 31.82 -3.48 -14.08
CA HIS A 212 31.78 -2.23 -14.85
C HIS A 212 31.70 -1.01 -13.95
N GLN A 213 31.23 -1.19 -12.72
CA GLN A 213 31.09 -0.10 -11.77
C GLN A 213 32.05 -0.21 -10.59
N GLU A 214 33.18 -0.86 -10.85
CA GLU A 214 34.29 -0.96 -9.90
C GLU A 214 33.88 -1.61 -8.57
N VAL A 215 33.22 -2.75 -8.67
CA VAL A 215 32.83 -3.54 -7.50
C VAL A 215 33.31 -4.98 -7.64
N LYS A 216 34.15 -5.41 -6.72
CA LYS A 216 34.70 -6.77 -6.78
C LYS A 216 33.60 -7.77 -6.43
N SER A 217 33.69 -8.96 -7.03
CA SER A 217 32.70 -10.01 -6.83
C SER A 217 33.39 -11.37 -6.75
N GLY A 218 33.02 -12.14 -5.74
CA GLY A 218 33.57 -13.46 -5.53
C GLY A 218 32.56 -14.58 -5.53
N THR A 219 32.59 -15.39 -6.59
CA THR A 219 31.60 -16.43 -6.77
C THR A 219 32.13 -17.84 -6.51
N TYR A 220 31.19 -18.75 -6.27
CA TYR A 220 31.52 -20.15 -6.03
C TYR A 220 30.42 -21.02 -6.66
N PHE A 221 30.71 -21.59 -7.82
CA PHE A 221 29.80 -22.51 -8.51
C PHE A 221 28.45 -21.92 -8.92
N TRP A 222 28.44 -20.74 -9.51
CA TRP A 222 27.17 -20.22 -10.03
C TRP A 222 27.18 -20.32 -11.55
N PRO A 223 26.06 -20.80 -12.11
CA PRO A 223 25.96 -20.95 -13.56
C PRO A 223 26.26 -19.63 -14.27
N GLY A 224 27.34 -19.64 -15.06
CA GLY A 224 27.80 -18.48 -15.78
C GLY A 224 29.04 -17.88 -15.14
N SER A 225 29.45 -18.43 -14.01
CA SER A 225 30.63 -17.95 -13.31
C SER A 225 31.90 -18.55 -13.90
N ASP A 226 31.80 -19.78 -14.40
CA ASP A 226 32.93 -20.44 -15.03
C ASP A 226 33.30 -19.79 -16.35
N VAL A 227 32.28 -19.40 -17.11
CA VAL A 227 32.48 -18.76 -18.40
C VAL A 227 32.69 -17.26 -18.29
N GLU A 228 33.52 -16.71 -19.17
CA GLU A 228 33.72 -15.28 -19.18
C GLU A 228 32.71 -14.71 -20.18
N ILE A 229 31.85 -13.82 -19.69
CA ILE A 229 30.86 -13.17 -20.54
C ILE A 229 31.28 -11.74 -20.78
N ASP A 230 31.28 -11.32 -22.06
CA ASP A 230 31.74 -9.99 -22.43
C ASP A 230 33.19 -9.72 -21.98
N GLY A 231 33.99 -10.79 -21.95
CA GLY A 231 35.38 -10.73 -21.56
C GLY A 231 35.61 -10.42 -20.09
N ILE A 232 34.59 -10.68 -19.28
CA ILE A 232 34.66 -10.39 -17.86
C ILE A 232 34.52 -11.67 -17.03
N LEU A 233 35.37 -11.81 -16.03
CA LEU A 233 35.29 -12.93 -15.11
C LEU A 233 35.24 -12.34 -13.71
N PRO A 234 34.50 -13.01 -12.81
CA PRO A 234 34.45 -12.57 -11.41
C PRO A 234 35.85 -12.56 -10.82
N ASP A 235 36.11 -11.57 -9.95
CA ASP A 235 37.44 -11.36 -9.39
C ASP A 235 37.98 -12.61 -8.67
N ILE A 236 37.06 -13.38 -8.11
CA ILE A 236 37.38 -14.67 -7.53
C ILE A 236 36.35 -15.68 -8.00
N TYR A 237 36.78 -16.66 -8.78
CA TYR A 237 35.85 -17.65 -9.29
C TYR A 237 36.36 -19.07 -9.14
N LYS A 238 35.47 -20.03 -9.37
CA LYS A 238 35.82 -21.44 -9.28
C LYS A 238 35.05 -22.24 -10.33
N VAL A 239 35.79 -22.87 -11.23
CA VAL A 239 35.21 -23.74 -12.25
C VAL A 239 34.44 -24.89 -11.59
N TYR A 240 33.25 -25.17 -12.10
CA TYR A 240 32.34 -26.09 -11.43
C TYR A 240 32.94 -27.48 -11.23
N ASN A 241 32.91 -27.94 -9.98
CA ASN A 241 33.37 -29.27 -9.60
C ASN A 241 32.42 -29.79 -8.54
N GLY A 242 31.50 -30.64 -8.96
CA GLY A 242 30.47 -31.16 -8.07
C GLY A 242 31.03 -32.06 -6.98
N SER A 243 32.32 -32.38 -7.09
CA SER A 243 32.96 -33.27 -6.12
C SER A 243 33.38 -32.50 -4.87
N VAL A 244 33.42 -31.17 -4.97
CA VAL A 244 33.82 -30.35 -3.83
C VAL A 244 32.77 -30.47 -2.72
N PRO A 245 33.22 -30.91 -1.53
CA PRO A 245 32.34 -31.10 -0.36
C PRO A 245 31.68 -29.79 0.08
N PHE A 246 30.43 -29.88 0.53
CA PHE A 246 29.65 -28.70 0.88
C PHE A 246 30.29 -27.88 1.99
N GLU A 247 30.78 -28.57 3.02
CA GLU A 247 31.39 -27.92 4.18
C GLU A 247 32.59 -27.06 3.78
N GLU A 248 33.27 -27.50 2.72
CA GLU A 248 34.44 -26.81 2.20
C GLU A 248 34.07 -25.55 1.42
N ARG A 249 32.87 -25.56 0.83
CA ARG A 249 32.39 -24.42 0.06
C ARG A 249 32.08 -23.22 0.94
N ILE A 250 31.49 -23.49 2.11
CA ILE A 250 31.14 -22.43 3.05
C ILE A 250 32.41 -21.75 3.58
N LEU A 251 33.37 -22.57 3.98
CA LEU A 251 34.63 -22.09 4.53
C LEU A 251 35.41 -21.28 3.49
N ALA A 252 35.28 -21.66 2.22
CA ALA A 252 35.95 -20.96 1.13
C ALA A 252 35.48 -19.51 1.04
N VAL A 253 34.18 -19.30 1.18
CA VAL A 253 33.60 -17.96 1.14
C VAL A 253 33.99 -17.21 2.40
N LEU A 254 34.00 -17.91 3.53
CA LEU A 254 34.40 -17.33 4.80
C LEU A 254 35.85 -16.85 4.77
N GLU A 255 36.70 -17.53 4.00
CA GLU A 255 38.09 -17.12 3.88
C GLU A 255 38.21 -15.83 3.06
N TRP A 256 37.33 -15.69 2.06
CA TRP A 256 37.33 -14.51 1.19
C TRP A 256 36.85 -13.23 1.89
N LEU A 257 35.94 -13.38 2.85
CA LEU A 257 35.39 -12.27 3.63
C LEU A 257 36.42 -11.57 4.51
N GLN A 258 37.59 -12.19 4.65
CA GLN A 258 38.63 -11.69 5.53
C GLN A 258 39.74 -10.94 4.77
N LEU A 259 39.60 -10.90 3.45
CA LEU A 259 40.55 -10.22 2.57
C LEU A 259 40.58 -8.71 2.86
N PRO A 260 41.73 -8.06 2.59
CA PRO A 260 41.87 -6.61 2.80
C PRO A 260 40.75 -5.80 2.15
N SER A 261 40.46 -4.63 2.73
CA SER A 261 39.33 -3.81 2.30
C SER A 261 39.36 -3.44 0.82
N HIS A 262 40.56 -3.45 0.25
CA HIS A 262 40.74 -3.09 -1.16
C HIS A 262 40.66 -4.32 -2.06
N GLU A 263 40.86 -5.50 -1.49
CA GLU A 263 40.86 -6.74 -2.26
C GLU A 263 39.73 -7.68 -1.87
N ARG A 264 38.78 -7.16 -1.09
CA ARG A 264 37.64 -7.97 -0.65
C ARG A 264 36.41 -7.72 -1.50
N PRO A 265 35.82 -8.80 -2.03
CA PRO A 265 34.61 -8.70 -2.86
C PRO A 265 33.42 -8.16 -2.07
N HIS A 266 32.47 -7.54 -2.76
CA HIS A 266 31.30 -6.96 -2.10
C HIS A 266 30.06 -7.80 -2.40
N PHE A 267 30.16 -8.62 -3.44
CA PHE A 267 29.08 -9.54 -3.82
C PHE A 267 29.58 -10.98 -3.84
N TYR A 268 28.80 -11.90 -3.27
CA TYR A 268 29.22 -13.29 -3.15
C TYR A 268 28.12 -14.26 -3.58
N THR A 269 28.51 -15.42 -4.11
CA THR A 269 27.54 -16.46 -4.45
C THR A 269 27.91 -17.81 -3.83
N LEU A 270 26.88 -18.62 -3.58
CA LEU A 270 27.05 -19.99 -3.08
C LEU A 270 26.03 -20.93 -3.72
N TYR A 271 26.49 -22.11 -4.13
CA TYR A 271 25.59 -23.06 -4.78
C TYR A 271 25.76 -24.48 -4.23
N LEU A 272 24.63 -25.12 -3.96
CA LEU A 272 24.58 -26.50 -3.51
C LEU A 272 23.66 -27.34 -4.38
N GLU A 273 24.06 -28.58 -4.68
CA GLU A 273 23.26 -29.47 -5.52
C GLU A 273 22.05 -30.07 -4.80
N GLU A 274 22.02 -29.90 -3.48
CA GLU A 274 20.91 -30.41 -2.67
C GLU A 274 19.86 -29.32 -2.43
N PRO A 275 18.58 -29.72 -2.25
CA PRO A 275 18.08 -31.10 -2.29
C PRO A 275 17.59 -31.57 -3.66
N ASP A 276 18.15 -31.04 -4.74
CA ASP A 276 17.74 -31.49 -6.07
C ASP A 276 18.16 -32.93 -6.29
N SER A 277 19.41 -33.24 -5.90
CA SER A 277 19.95 -34.58 -6.07
C SER A 277 19.14 -35.63 -5.31
N SER A 278 18.87 -35.36 -4.03
CA SER A 278 18.08 -36.27 -3.23
C SER A 278 16.62 -36.25 -3.67
N GLY A 279 16.20 -35.13 -4.25
CA GLY A 279 14.84 -34.97 -4.74
C GLY A 279 14.56 -35.85 -5.95
N HIS A 280 15.54 -35.95 -6.84
CA HIS A 280 15.41 -36.75 -8.04
C HIS A 280 15.37 -38.25 -7.73
N SER A 281 16.32 -38.72 -6.93
CA SER A 281 16.52 -40.15 -6.72
C SER A 281 15.50 -40.86 -5.83
N HIS A 282 14.80 -40.10 -4.99
CA HIS A 282 13.88 -40.73 -4.03
C HIS A 282 12.49 -40.08 -3.99
N GLY A 283 12.37 -38.90 -4.58
CA GLY A 283 11.09 -38.23 -4.64
C GLY A 283 10.98 -37.13 -3.60
N PRO A 284 10.07 -36.16 -3.82
CA PRO A 284 9.87 -35.01 -2.93
C PRO A 284 9.47 -35.46 -1.53
N VAL A 285 8.71 -36.54 -1.45
CA VAL A 285 8.29 -37.11 -0.17
C VAL A 285 9.07 -38.39 0.14
N SER A 286 10.22 -38.22 0.81
CA SER A 286 11.07 -39.36 1.13
C SER A 286 11.87 -39.10 2.40
N SER A 287 12.57 -40.12 2.87
CA SER A 287 13.42 -39.98 4.05
C SER A 287 14.71 -39.31 3.63
N GLU A 288 15.05 -39.45 2.35
CA GLU A 288 16.31 -38.92 1.87
C GLU A 288 16.24 -37.42 1.71
N VAL A 289 15.07 -36.89 1.37
CA VAL A 289 14.93 -35.43 1.26
C VAL A 289 14.87 -34.79 2.64
N ILE A 290 14.25 -35.48 3.59
CA ILE A 290 14.22 -35.02 4.96
C ILE A 290 15.65 -34.99 5.52
N LYS A 291 16.38 -36.07 5.25
CA LYS A 291 17.79 -36.16 5.62
C LYS A 291 18.62 -35.13 4.87
N ALA A 292 18.24 -34.83 3.63
CA ALA A 292 18.93 -33.84 2.83
C ALA A 292 18.63 -32.42 3.30
N LEU A 293 17.36 -32.16 3.63
CA LEU A 293 16.94 -30.85 4.11
C LEU A 293 17.61 -30.53 5.44
N GLN A 294 17.71 -31.52 6.32
CA GLN A 294 18.38 -31.34 7.59
C GLN A 294 19.86 -31.11 7.35
N LYS A 295 20.42 -31.78 6.33
CA LYS A 295 21.82 -31.60 5.98
C LYS A 295 22.03 -30.17 5.46
N VAL A 296 21.13 -29.71 4.59
CA VAL A 296 21.22 -28.36 4.05
C VAL A 296 20.94 -27.30 5.11
N ASP A 297 20.05 -27.63 6.05
CA ASP A 297 19.70 -26.69 7.12
C ASP A 297 20.87 -26.45 8.06
N ARG A 298 21.59 -27.51 8.41
CA ARG A 298 22.73 -27.41 9.31
C ARG A 298 23.90 -26.70 8.60
N LEU A 299 23.98 -26.87 7.29
CA LEU A 299 25.05 -26.25 6.50
C LEU A 299 24.92 -24.73 6.45
N VAL A 300 23.68 -24.24 6.39
CA VAL A 300 23.42 -22.81 6.43
C VAL A 300 23.74 -22.32 7.85
N GLY A 301 23.43 -23.17 8.82
CA GLY A 301 23.74 -22.91 10.21
C GLY A 301 25.23 -22.80 10.46
N MET A 302 26.00 -23.55 9.68
CA MET A 302 27.45 -23.48 9.77
C MET A 302 27.93 -22.12 9.29
N LEU A 303 27.30 -21.63 8.22
CA LEU A 303 27.62 -20.32 7.67
C LEU A 303 27.31 -19.20 8.65
N MET A 304 26.15 -19.27 9.29
CA MET A 304 25.73 -18.24 10.24
C MET A 304 26.58 -18.18 11.50
N ASP A 305 27.04 -19.32 11.98
CA ASP A 305 27.97 -19.36 13.11
C ASP A 305 29.34 -18.81 12.68
N GLY A 306 29.70 -19.08 11.43
CA GLY A 306 30.95 -18.59 10.86
C GLY A 306 30.94 -17.08 10.68
N LEU A 307 29.78 -16.55 10.29
CA LEU A 307 29.62 -15.11 10.13
C LEU A 307 29.68 -14.42 11.49
N LYS A 308 29.17 -15.11 12.52
CA LYS A 308 29.15 -14.58 13.87
C LYS A 308 30.55 -14.51 14.48
N ASP A 309 31.36 -15.53 14.20
CA ASP A 309 32.74 -15.56 14.71
C ASP A 309 33.61 -14.53 14.03
N LEU A 310 33.14 -14.01 12.90
CA LEU A 310 33.84 -12.96 12.19
C LEU A 310 33.22 -11.61 12.53
N GLY A 311 32.18 -11.63 13.37
CA GLY A 311 31.50 -10.42 13.78
C GLY A 311 30.74 -9.75 12.66
N LEU A 312 30.13 -10.56 11.80
CA LEU A 312 29.42 -10.07 10.63
C LEU A 312 27.98 -10.56 10.57
N ASP A 313 27.53 -11.19 11.64
CA ASP A 313 26.17 -11.74 11.69
C ASP A 313 25.11 -10.64 11.62
N LYS A 314 25.48 -9.42 11.96
CA LYS A 314 24.58 -8.28 11.83
C LYS A 314 25.14 -7.25 10.85
N CYS A 315 25.92 -7.71 9.89
CA CYS A 315 26.55 -6.84 8.89
C CYS A 315 26.56 -7.46 7.50
N LEU A 316 25.69 -8.44 7.26
CA LEU A 316 25.63 -9.11 5.95
C LEU A 316 24.21 -9.26 5.43
N ASN A 317 24.02 -8.98 4.14
CA ASN A 317 22.75 -9.24 3.48
C ASN A 317 22.73 -10.62 2.81
N LEU A 318 21.88 -11.51 3.33
CA LEU A 318 21.78 -12.86 2.81
C LEU A 318 20.51 -13.05 1.99
N ILE A 319 20.65 -13.62 0.80
CA ILE A 319 19.49 -13.96 -0.01
C ILE A 319 19.51 -15.47 -0.29
N LEU A 320 18.75 -16.21 0.51
CA LEU A 320 18.65 -17.66 0.36
C LEU A 320 17.58 -18.05 -0.66
N ILE A 321 18.03 -18.49 -1.83
CA ILE A 321 17.12 -18.70 -2.96
C ILE A 321 17.26 -20.11 -3.54
N SER A 322 16.33 -20.47 -4.42
CA SER A 322 16.41 -21.71 -5.19
C SER A 322 15.95 -21.50 -6.63
N ASP A 323 16.30 -22.45 -7.50
CA ASP A 323 16.01 -22.33 -8.93
C ASP A 323 14.62 -22.82 -9.31
N HIS A 324 14.19 -23.90 -8.66
CA HIS A 324 12.92 -24.51 -9.00
C HIS A 324 12.42 -25.45 -7.91
N GLY A 325 11.35 -26.17 -8.20
CA GLY A 325 10.78 -27.12 -7.27
C GLY A 325 11.07 -28.55 -7.67
N MET A 326 10.22 -29.47 -7.24
CA MET A 326 10.40 -30.89 -7.53
C MET A 326 9.04 -31.57 -7.56
N GLU A 327 8.81 -32.38 -8.59
CA GLU A 327 7.54 -33.09 -8.73
C GLU A 327 7.76 -34.60 -8.88
N GLN A 328 6.85 -35.38 -8.31
CA GLN A 328 6.96 -36.84 -8.38
C GLN A 328 6.51 -37.40 -9.72
N GLY A 329 7.47 -37.95 -10.47
CA GLY A 329 7.20 -38.57 -11.75
C GLY A 329 6.70 -39.99 -11.59
N SER A 330 6.06 -40.52 -12.63
CA SER A 330 5.54 -41.87 -12.58
C SER A 330 5.70 -42.57 -13.92
N CYS A 331 5.90 -43.88 -13.89
CA CYS A 331 6.02 -44.66 -15.12
C CYS A 331 4.68 -44.74 -15.83
N LYS A 332 3.60 -44.80 -15.05
CA LYS A 332 2.26 -44.87 -15.61
C LYS A 332 1.88 -43.52 -16.18
N LYS A 333 2.50 -42.47 -15.65
CA LYS A 333 2.25 -41.12 -16.10
C LYS A 333 3.41 -40.58 -16.94
N TYR A 334 3.63 -41.21 -18.09
CA TYR A 334 4.67 -40.80 -19.02
C TYR A 334 4.17 -40.89 -20.46
N VAL A 335 4.55 -39.94 -21.30
CA VAL A 335 4.08 -39.92 -22.69
C VAL A 335 5.19 -40.23 -23.69
N TYR A 336 4.94 -41.21 -24.56
CA TYR A 336 5.91 -41.59 -25.58
C TYR A 336 5.38 -41.28 -26.99
N LEU A 337 6.11 -40.44 -27.72
CA LEU A 337 5.68 -39.96 -29.04
C LEU A 337 5.57 -41.06 -30.10
N ASN A 338 6.33 -42.13 -29.91
CA ASN A 338 6.37 -43.24 -30.87
C ASN A 338 5.01 -43.88 -31.07
N LYS A 339 4.18 -43.79 -30.03
CA LYS A 339 2.85 -44.37 -30.05
C LYS A 339 1.94 -43.76 -31.11
N TYR A 340 2.24 -42.53 -31.53
CA TYR A 340 1.45 -41.86 -32.55
C TYR A 340 2.21 -41.75 -33.86
N LEU A 341 3.54 -41.84 -33.79
CA LEU A 341 4.39 -41.66 -34.95
C LEU A 341 5.10 -42.95 -35.38
N GLY A 342 5.46 -43.77 -34.40
CA GLY A 342 6.20 -45.00 -34.67
C GLY A 342 7.67 -44.79 -34.38
N ASP A 343 8.44 -45.88 -34.39
CA ASP A 343 9.88 -45.80 -34.13
C ASP A 343 10.59 -45.07 -35.27
N VAL A 344 10.30 -43.78 -35.40
CA VAL A 344 10.86 -42.94 -36.44
C VAL A 344 12.18 -42.33 -35.97
N ASN A 345 13.03 -41.96 -36.92
CA ASN A 345 14.34 -41.41 -36.59
C ASN A 345 14.60 -40.05 -37.24
N ASN A 346 13.56 -39.46 -37.81
CA ASN A 346 13.69 -38.16 -38.46
C ASN A 346 13.49 -37.01 -37.47
N VAL A 347 13.09 -37.34 -36.25
CA VAL A 347 12.84 -36.31 -35.23
C VAL A 347 13.57 -36.57 -33.92
N LYS A 348 13.98 -35.49 -33.27
CA LYS A 348 14.64 -35.54 -31.97
C LYS A 348 13.81 -34.89 -30.87
N VAL A 349 13.70 -35.57 -29.73
CA VAL A 349 12.87 -35.07 -28.64
C VAL A 349 13.67 -34.84 -27.36
N VAL A 350 13.71 -33.59 -26.89
CA VAL A 350 14.33 -33.26 -25.62
C VAL A 350 13.34 -33.60 -24.53
N TYR A 351 13.52 -34.76 -23.90
CA TYR A 351 12.53 -35.27 -22.95
C TYR A 351 12.36 -34.38 -21.72
N GLY A 352 11.23 -34.57 -21.03
CA GLY A 352 10.89 -33.79 -19.86
C GLY A 352 9.45 -33.29 -19.95
N PRO A 353 9.00 -32.57 -18.91
CA PRO A 353 7.66 -31.97 -18.87
C PRO A 353 7.52 -30.75 -19.78
N ALA A 354 8.65 -30.23 -20.25
CA ALA A 354 8.63 -29.14 -21.21
C ALA A 354 9.36 -29.61 -22.45
N ALA A 355 8.74 -30.53 -23.17
CA ALA A 355 9.39 -31.17 -24.30
C ALA A 355 9.42 -30.29 -25.53
N ARG A 356 10.51 -30.40 -26.29
CA ARG A 356 10.63 -29.67 -27.54
C ARG A 356 11.09 -30.63 -28.64
N LEU A 357 10.75 -30.31 -29.88
CA LEU A 357 11.01 -31.21 -30.99
C LEU A 357 11.72 -30.51 -32.15
N ARG A 358 12.80 -31.11 -32.63
CA ARG A 358 13.51 -30.61 -33.80
C ARG A 358 13.81 -31.78 -34.73
N PRO A 359 13.88 -31.50 -36.04
CA PRO A 359 14.19 -32.57 -37.00
C PRO A 359 15.63 -33.08 -36.88
N THR A 360 15.85 -34.31 -37.34
CA THR A 360 17.17 -34.92 -37.32
C THR A 360 18.11 -34.27 -38.33
N ASP A 361 17.61 -34.02 -39.53
CA ASP A 361 18.39 -33.36 -40.57
C ASP A 361 18.49 -31.88 -40.23
N VAL A 362 19.53 -31.54 -39.48
CA VAL A 362 19.70 -30.22 -38.93
C VAL A 362 21.12 -29.67 -39.20
N PRO A 363 21.23 -28.39 -39.58
CA PRO A 363 20.17 -27.40 -39.76
C PRO A 363 19.61 -27.34 -41.18
N GLU A 364 19.72 -28.44 -41.92
CA GLU A 364 19.20 -28.50 -43.28
C GLU A 364 17.69 -28.32 -43.35
N THR A 365 16.97 -28.97 -42.44
CA THR A 365 15.51 -28.92 -42.43
C THR A 365 14.93 -28.37 -41.13
N TYR A 366 15.70 -27.55 -40.43
CA TYR A 366 15.26 -26.98 -39.16
C TYR A 366 14.06 -26.06 -39.38
N TYR A 367 14.06 -25.39 -40.54
CA TYR A 367 13.00 -24.47 -40.91
C TYR A 367 12.16 -25.07 -42.04
N SER A 368 12.79 -25.91 -42.85
CA SER A 368 12.14 -26.56 -43.99
C SER A 368 11.05 -27.52 -43.52
N PHE A 369 11.28 -28.13 -42.35
CA PHE A 369 10.32 -29.05 -41.75
C PHE A 369 9.07 -28.29 -41.36
N ASN A 370 7.92 -28.75 -41.82
CA ASN A 370 6.67 -28.13 -41.42
C ASN A 370 6.16 -28.74 -40.12
N TYR A 371 6.27 -27.97 -39.05
CA TYR A 371 5.89 -28.41 -37.71
C TYR A 371 4.38 -28.39 -37.54
N GLU A 372 3.73 -27.53 -38.32
CA GLU A 372 2.29 -27.31 -38.23
C GLU A 372 1.50 -28.61 -38.45
N ALA A 373 1.96 -29.41 -39.40
CA ALA A 373 1.33 -30.69 -39.72
C ALA A 373 1.48 -31.69 -38.58
N LEU A 374 2.68 -31.76 -38.00
CA LEU A 374 2.94 -32.69 -36.90
C LEU A 374 2.10 -32.33 -35.67
N ALA A 375 1.96 -31.02 -35.42
CA ALA A 375 1.17 -30.54 -34.30
C ALA A 375 -0.32 -30.89 -34.47
N LYS A 376 -0.83 -30.71 -35.68
CA LYS A 376 -2.23 -31.01 -35.97
C LYS A 376 -2.48 -32.51 -35.95
N ASN A 377 -1.45 -33.27 -36.26
CA ASN A 377 -1.55 -34.73 -36.29
C ASN A 377 -1.44 -35.32 -34.88
N LEU A 378 -1.04 -34.47 -33.93
CA LEU A 378 -0.84 -34.88 -32.56
C LEU A 378 -1.87 -34.35 -31.55
N SER A 379 -2.76 -33.47 -31.99
CA SER A 379 -3.71 -32.88 -31.05
C SER A 379 -4.98 -33.74 -30.93
N CYS A 380 -5.46 -33.90 -29.70
CA CYS A 380 -6.70 -34.62 -29.43
C CYS A 380 -6.66 -36.06 -29.93
N ARG A 381 -5.65 -36.81 -29.52
CA ARG A 381 -5.51 -38.20 -29.93
C ARG A 381 -6.04 -39.08 -28.80
N GLU A 382 -6.08 -38.52 -27.60
CA GLU A 382 -6.54 -39.24 -26.43
C GLU A 382 -7.76 -38.50 -25.88
N PRO A 383 -8.66 -39.22 -25.18
CA PRO A 383 -9.85 -38.61 -24.59
C PRO A 383 -9.51 -37.53 -23.55
N ASN A 384 -8.54 -37.84 -22.69
CA ASN A 384 -8.03 -36.89 -21.71
C ASN A 384 -6.51 -36.78 -21.80
N GLN A 385 -6.06 -36.22 -22.91
CA GLN A 385 -4.64 -36.13 -23.24
C GLN A 385 -3.92 -35.30 -22.18
N HIS A 386 -2.77 -35.79 -21.71
CA HIS A 386 -2.04 -35.12 -20.65
C HIS A 386 -0.89 -34.27 -21.18
N PHE A 387 -0.85 -34.15 -22.50
CA PHE A 387 0.09 -33.27 -23.19
C PHE A 387 -0.63 -32.53 -24.30
N ARG A 388 -0.03 -31.46 -24.80
CA ARG A 388 -0.67 -30.66 -25.82
C ARG A 388 0.37 -30.05 -26.74
N PRO A 389 0.22 -30.28 -28.05
CA PRO A 389 1.12 -29.73 -29.07
C PRO A 389 0.94 -28.22 -29.20
N TYR A 390 2.06 -27.50 -29.10
CA TYR A 390 2.03 -26.05 -29.22
C TYR A 390 3.08 -25.54 -30.19
N LEU A 391 2.63 -24.82 -31.21
CA LEU A 391 3.55 -24.04 -32.01
C LEU A 391 4.10 -22.97 -31.06
N LYS A 392 5.35 -22.57 -31.27
CA LYS A 392 6.06 -21.71 -30.33
C LYS A 392 5.38 -20.36 -30.00
N PRO A 393 4.73 -19.72 -30.99
CA PRO A 393 3.99 -18.51 -30.65
C PRO A 393 2.62 -18.79 -30.01
N PHE A 394 2.15 -20.03 -30.12
CA PHE A 394 0.82 -20.38 -29.62
C PHE A 394 0.83 -20.77 -28.14
N LEU A 395 2.01 -20.79 -27.54
CA LEU A 395 2.13 -21.01 -26.11
C LEU A 395 1.52 -19.80 -25.39
N PRO A 396 0.99 -20.02 -24.18
CA PRO A 396 0.47 -18.94 -23.34
C PRO A 396 1.52 -17.85 -23.16
N LYS A 397 1.12 -16.60 -23.34
CA LYS A 397 2.05 -15.47 -23.33
C LYS A 397 2.73 -15.27 -21.99
N ARG A 398 2.10 -15.73 -20.92
CA ARG A 398 2.64 -15.59 -19.57
C ARG A 398 3.97 -16.30 -19.42
N LEU A 399 4.19 -17.32 -20.24
CA LEU A 399 5.43 -18.11 -20.21
C LEU A 399 6.64 -17.38 -20.81
N HIS A 400 6.39 -16.50 -21.78
CA HIS A 400 7.46 -15.77 -22.45
C HIS A 400 8.53 -16.69 -23.05
N PHE A 401 8.13 -17.61 -23.92
CA PHE A 401 8.99 -18.69 -24.33
C PHE A 401 8.93 -18.90 -25.84
N ALA A 402 9.22 -17.85 -26.59
CA ALA A 402 9.12 -17.93 -28.04
C ALA A 402 10.29 -17.27 -28.79
N LYS A 403 10.66 -16.06 -28.40
CA LYS A 403 11.61 -15.30 -29.19
C LYS A 403 13.06 -15.68 -28.89
N SER A 404 13.41 -16.92 -29.19
CA SER A 404 14.79 -17.37 -29.15
C SER A 404 15.02 -18.39 -30.27
N ASP A 405 16.23 -18.41 -30.81
CA ASP A 405 16.58 -19.37 -31.86
C ASP A 405 16.66 -20.77 -31.28
N ARG A 406 17.10 -20.88 -30.04
CA ARG A 406 17.33 -22.16 -29.41
C ARG A 406 16.04 -22.89 -29.05
N ILE A 407 14.95 -22.14 -28.85
CA ILE A 407 13.67 -22.77 -28.56
C ILE A 407 13.12 -23.39 -29.84
N GLU A 408 12.76 -24.67 -29.78
CA GLU A 408 12.20 -25.37 -30.94
C GLU A 408 10.84 -24.79 -31.32
N PRO A 409 10.55 -24.69 -32.63
CA PRO A 409 9.27 -24.17 -33.12
C PRO A 409 8.08 -25.02 -32.69
N LEU A 410 8.34 -26.24 -32.20
CA LEU A 410 7.28 -27.09 -31.66
C LEU A 410 7.58 -27.47 -30.21
N THR A 411 6.69 -27.06 -29.31
CA THR A 411 6.85 -27.38 -27.89
C THR A 411 5.67 -28.19 -27.36
N PHE A 412 5.78 -28.68 -26.13
CA PHE A 412 4.73 -29.46 -25.50
C PHE A 412 4.38 -29.00 -24.08
N TYR A 413 3.11 -28.74 -23.84
CA TYR A 413 2.61 -28.42 -22.51
C TYR A 413 1.97 -29.64 -21.86
N LEU A 414 2.42 -29.99 -20.67
CA LEU A 414 1.91 -31.18 -19.98
C LEU A 414 1.20 -30.88 -18.66
N ASP A 415 0.26 -31.76 -18.33
CA ASP A 415 -0.46 -31.71 -17.05
C ASP A 415 0.57 -31.98 -15.96
N PRO A 416 0.26 -31.57 -14.72
CA PRO A 416 1.18 -31.85 -13.60
C PRO A 416 1.50 -33.33 -13.44
N GLN A 417 2.73 -33.63 -13.02
CA GLN A 417 3.24 -34.99 -12.82
C GLN A 417 3.42 -35.83 -14.09
N TRP A 418 3.51 -35.18 -15.25
CA TRP A 418 3.66 -35.88 -16.53
C TRP A 418 4.86 -35.39 -17.36
N GLN A 419 5.60 -36.33 -17.96
CA GLN A 419 6.71 -36.01 -18.84
C GLN A 419 6.50 -36.63 -20.22
N LEU A 420 7.20 -36.10 -21.23
CA LEU A 420 7.08 -36.60 -22.60
C LEU A 420 8.43 -36.91 -23.23
N ALA A 421 8.48 -38.00 -24.01
CA ALA A 421 9.69 -38.40 -24.71
C ALA A 421 9.38 -39.16 -26.00
N LEU A 422 10.38 -39.30 -26.87
CA LEU A 422 10.19 -40.04 -28.12
C LEU A 422 10.16 -41.54 -27.87
N ASN A 423 11.23 -42.06 -27.30
CA ASN A 423 11.29 -43.48 -26.98
C ASN A 423 11.64 -43.71 -25.51
N PRO A 424 11.15 -44.81 -24.93
CA PRO A 424 11.41 -45.18 -23.52
C PRO A 424 12.89 -45.39 -23.19
N SER A 425 13.73 -45.38 -24.21
CA SER A 425 15.18 -45.56 -24.03
C SER A 425 15.93 -44.25 -23.77
N GLU A 426 15.46 -43.15 -24.36
CA GLU A 426 16.13 -41.86 -24.23
C GLU A 426 16.09 -41.29 -22.81
N ARG A 427 14.95 -41.41 -22.15
CA ARG A 427 14.77 -40.88 -20.80
C ARG A 427 15.72 -41.55 -19.81
N LYS A 428 16.11 -40.82 -18.77
CA LYS A 428 16.97 -41.37 -17.74
C LYS A 428 16.16 -42.37 -16.90
N TYR A 429 15.09 -41.88 -16.29
CA TYR A 429 14.17 -42.75 -15.54
C TYR A 429 12.80 -42.07 -15.43
N CYS A 430 11.76 -42.88 -15.31
CA CYS A 430 10.37 -42.38 -15.34
C CYS A 430 9.73 -42.12 -13.98
N GLY A 431 10.10 -42.93 -12.98
CA GLY A 431 9.48 -42.84 -11.67
C GLY A 431 10.37 -42.17 -10.64
N SER A 432 11.15 -41.19 -11.09
CA SER A 432 12.02 -40.42 -10.21
C SER A 432 11.48 -39.00 -10.07
N GLY A 433 11.97 -38.29 -9.05
CA GLY A 433 11.58 -36.91 -8.87
C GLY A 433 12.10 -36.08 -10.03
N PHE A 434 11.23 -35.28 -10.61
CA PHE A 434 11.59 -34.46 -11.76
C PHE A 434 11.11 -33.03 -11.58
N HIS A 435 11.48 -32.17 -12.52
CA HIS A 435 11.02 -30.79 -12.54
C HIS A 435 11.12 -30.24 -13.96
N GLY A 436 10.51 -29.08 -14.19
CA GLY A 436 10.48 -28.52 -15.53
C GLY A 436 9.06 -28.23 -15.97
N SER A 437 8.11 -28.59 -15.12
CA SER A 437 6.70 -28.34 -15.41
C SER A 437 6.38 -26.86 -15.41
N ASP A 438 5.13 -26.52 -15.70
CA ASP A 438 4.67 -25.14 -15.74
C ASP A 438 5.05 -24.39 -14.48
N ASN A 439 5.58 -23.18 -14.66
CA ASN A 439 6.08 -22.40 -13.53
C ASN A 439 4.99 -21.82 -12.63
N LEU A 440 3.73 -22.07 -12.99
CA LEU A 440 2.59 -21.66 -12.17
C LEU A 440 2.07 -22.85 -11.35
N PHE A 441 2.69 -24.00 -11.55
CA PHE A 441 2.31 -25.20 -10.82
C PHE A 441 2.76 -25.10 -9.37
N SER A 442 1.98 -25.69 -8.48
CA SER A 442 2.21 -25.59 -7.04
C SER A 442 3.58 -26.10 -6.60
N ASN A 443 3.99 -27.25 -7.13
CA ASN A 443 5.25 -27.85 -6.70
C ASN A 443 6.49 -27.37 -7.44
N MET A 444 6.30 -26.50 -8.43
CA MET A 444 7.45 -25.93 -9.14
C MET A 444 7.95 -24.66 -8.47
N GLN A 445 7.22 -24.24 -7.43
CA GLN A 445 7.53 -23.00 -6.74
C GLN A 445 8.84 -23.08 -5.96
N ALA A 446 9.56 -21.96 -5.92
CA ALA A 446 10.88 -21.91 -5.30
C ALA A 446 10.91 -21.20 -3.95
N LEU A 447 12.11 -21.13 -3.37
CA LEU A 447 12.31 -20.57 -2.04
C LEU A 447 12.89 -19.17 -2.12
N PHE A 448 12.50 -18.29 -1.20
CA PHE A 448 13.12 -16.99 -1.06
C PHE A 448 13.07 -16.50 0.38
N ILE A 449 14.24 -16.25 0.94
CA ILE A 449 14.35 -15.62 2.25
C ILE A 449 15.42 -14.54 2.23
N GLY A 450 15.02 -13.30 2.51
CA GLY A 450 15.95 -12.20 2.57
C GLY A 450 16.22 -11.84 4.01
N TYR A 451 17.46 -11.99 4.42
CA TYR A 451 17.87 -11.69 5.79
C TYR A 451 19.08 -10.76 5.80
N GLY A 452 19.13 -9.88 6.81
CA GLY A 452 20.23 -8.94 6.93
C GLY A 452 19.75 -7.59 7.40
N PRO A 453 20.67 -6.62 7.49
CA PRO A 453 20.34 -5.26 7.92
C PRO A 453 19.42 -4.54 6.94
N ALA A 454 19.47 -4.92 5.67
CA ALA A 454 18.69 -4.25 4.63
C ALA A 454 17.25 -4.76 4.56
N PHE A 455 17.01 -5.95 5.09
CA PHE A 455 15.68 -6.56 5.03
C PHE A 455 14.90 -6.41 6.33
N LYS A 456 13.58 -6.28 6.21
CA LYS A 456 12.70 -6.19 7.38
C LYS A 456 12.71 -7.51 8.13
N HIS A 457 12.24 -7.48 9.38
CA HIS A 457 12.29 -8.66 10.24
C HIS A 457 10.93 -9.31 10.51
N GLY A 458 10.74 -10.51 10.01
CA GLY A 458 9.50 -11.23 10.21
C GLY A 458 8.38 -10.74 9.31
N ALA A 459 8.77 -10.23 8.15
CA ALA A 459 7.80 -9.72 7.19
C ALA A 459 7.54 -10.75 6.09
N GLU A 460 6.28 -11.12 5.91
CA GLU A 460 5.91 -12.06 4.87
C GLU A 460 5.18 -11.35 3.73
N VAL A 461 5.78 -11.40 2.56
CA VAL A 461 5.25 -10.72 1.38
C VAL A 461 4.62 -11.68 0.38
N ASP A 462 3.95 -11.11 -0.62
CA ASP A 462 3.29 -11.89 -1.65
C ASP A 462 4.30 -12.46 -2.65
N SER A 463 3.83 -13.39 -3.48
CA SER A 463 4.69 -14.09 -4.43
C SER A 463 5.28 -13.16 -5.48
N PHE A 464 6.49 -13.46 -5.95
CA PHE A 464 7.10 -12.69 -7.02
C PHE A 464 8.03 -13.54 -7.87
N GLU A 465 8.27 -13.10 -9.10
CA GLU A 465 9.12 -13.82 -10.04
C GLU A 465 10.59 -13.62 -9.71
N ASN A 466 11.43 -14.54 -10.18
CA ASN A 466 12.86 -14.49 -9.88
C ASN A 466 13.62 -13.45 -10.69
N ILE A 467 12.99 -12.94 -11.75
CA ILE A 467 13.63 -11.91 -12.57
C ILE A 467 13.59 -10.56 -11.88
N GLU A 468 12.84 -10.48 -10.78
CA GLU A 468 12.73 -9.25 -10.01
C GLU A 468 13.91 -9.11 -9.05
N VAL A 469 14.56 -10.23 -8.75
CA VAL A 469 15.67 -10.26 -7.80
C VAL A 469 16.92 -9.52 -8.30
N TYR A 470 17.13 -9.53 -9.61
CA TYR A 470 18.28 -8.83 -10.21
C TYR A 470 18.35 -7.37 -9.81
N ASN A 471 17.24 -6.67 -9.96
CA ASN A 471 17.15 -5.26 -9.57
C ASN A 471 17.32 -5.08 -8.08
N LEU A 472 16.84 -6.05 -7.31
CA LEU A 472 16.97 -6.00 -5.86
C LEU A 472 18.44 -5.99 -5.44
N MET A 473 19.25 -6.82 -6.09
CA MET A 473 20.68 -6.91 -5.80
C MET A 473 21.45 -5.67 -6.23
N CYS A 474 21.01 -5.06 -7.33
CA CYS A 474 21.64 -3.83 -7.80
C CYS A 474 21.48 -2.73 -6.75
N ASP A 475 20.32 -2.71 -6.09
CA ASP A 475 20.06 -1.73 -5.04
C ASP A 475 20.87 -2.04 -3.78
N LEU A 476 21.16 -3.32 -3.57
CA LEU A 476 21.93 -3.75 -2.41
C LEU A 476 23.43 -3.54 -2.61
N LEU A 477 23.86 -3.45 -3.86
CA LEU A 477 25.27 -3.27 -4.18
C LEU A 477 25.50 -1.85 -4.71
N GLY A 478 24.43 -1.06 -4.77
CA GLY A 478 24.53 0.30 -5.25
C GLY A 478 24.93 0.34 -6.72
N LEU A 479 24.26 -0.46 -7.54
CA LEU A 479 24.61 -0.57 -8.96
C LEU A 479 23.46 -0.11 -9.86
N ILE A 480 23.82 0.50 -10.98
CA ILE A 480 22.85 0.80 -12.02
C ILE A 480 22.61 -0.47 -12.83
N PRO A 481 21.38 -1.01 -12.76
CA PRO A 481 21.00 -2.29 -13.36
C PRO A 481 21.02 -2.25 -14.88
N ALA A 482 21.42 -3.36 -15.49
CA ALA A 482 21.34 -3.49 -16.94
C ALA A 482 19.86 -3.59 -17.31
N PRO A 483 19.51 -3.25 -18.56
CA PRO A 483 18.12 -3.35 -18.99
C PRO A 483 17.58 -4.76 -18.82
N ASN A 484 16.69 -4.95 -17.84
CA ASN A 484 16.11 -6.26 -17.61
C ASN A 484 14.59 -6.31 -17.72
N ASN A 485 14.03 -7.46 -17.35
CA ASN A 485 12.59 -7.70 -17.46
C ASN A 485 11.85 -7.51 -16.14
N GLY A 486 12.59 -7.21 -15.08
CA GLY A 486 11.97 -7.01 -13.79
C GLY A 486 11.50 -5.58 -13.64
N SER A 487 10.33 -5.42 -13.03
CA SER A 487 9.79 -4.09 -12.75
C SER A 487 10.57 -3.48 -11.61
N HIS A 488 11.45 -2.54 -11.93
CA HIS A 488 12.34 -1.97 -10.93
C HIS A 488 11.55 -1.23 -9.86
N GLY A 489 11.67 -1.69 -8.62
CA GLY A 489 10.99 -1.06 -7.51
C GLY A 489 9.81 -1.85 -6.97
N SER A 490 9.48 -2.96 -7.62
CA SER A 490 8.32 -3.76 -7.22
C SER A 490 8.56 -4.54 -5.93
N LEU A 491 9.82 -4.68 -5.54
CA LEU A 491 10.17 -5.39 -4.31
C LEU A 491 10.58 -4.43 -3.20
N ASN A 492 10.19 -3.16 -3.34
CA ASN A 492 10.52 -2.14 -2.36
C ASN A 492 9.96 -2.43 -0.96
N HIS A 493 8.88 -3.21 -0.91
CA HIS A 493 8.21 -3.52 0.35
C HIS A 493 9.02 -4.49 1.21
N LEU A 494 10.08 -5.04 0.63
CA LEU A 494 10.96 -5.98 1.33
C LEU A 494 12.03 -5.26 2.16
N LEU A 495 12.41 -4.07 1.71
CA LEU A 495 13.53 -3.35 2.31
C LEU A 495 13.09 -2.40 3.41
N LYS A 496 13.98 -2.20 4.40
CA LYS A 496 13.75 -1.22 5.44
C LYS A 496 13.77 0.16 4.82
N LYS A 497 14.86 0.49 4.14
CA LYS A 497 14.98 1.77 3.48
C LYS A 497 15.17 1.53 1.98
N PRO A 498 14.07 1.61 1.22
CA PRO A 498 14.10 1.41 -0.24
C PRO A 498 15.03 2.42 -0.90
N ILE A 499 15.81 1.95 -1.88
CA ILE A 499 16.79 2.79 -2.56
C ILE A 499 16.20 3.52 -3.76
N TYR A 500 15.44 2.79 -4.58
CA TYR A 500 14.86 3.36 -5.80
C TYR A 500 13.37 3.62 -5.69
N ASN A 501 12.97 4.84 -6.01
CA ASN A 501 11.56 5.23 -6.02
C ASN A 501 11.02 5.35 -7.44
N PRO A 502 10.26 4.34 -7.88
CA PRO A 502 9.75 4.22 -9.25
C PRO A 502 8.72 5.27 -9.61
N SER A 503 8.54 5.49 -10.91
CA SER A 503 7.54 6.43 -11.41
C SER A 503 6.73 5.81 -12.54
N HIS A 504 5.56 6.39 -12.80
CA HIS A 504 4.70 5.95 -13.90
C HIS A 504 5.26 6.36 -15.26
N PRO A 505 5.08 5.50 -16.27
CA PRO A 505 5.54 5.79 -17.63
C PRO A 505 4.78 6.96 -18.26
N LYS A 506 5.52 7.91 -18.82
CA LYS A 506 4.92 9.08 -19.46
C LYS A 506 4.12 8.64 -20.69
N GLU A 507 3.09 9.41 -21.03
CA GLU A 507 2.26 9.07 -22.17
C GLU A 507 2.91 9.54 -23.46
N GLU A 508 3.30 8.57 -24.29
CA GLU A 508 3.99 8.86 -25.53
C GLU A 508 3.04 9.01 -26.71
N GLY A 509 1.79 8.61 -26.51
CA GLY A 509 0.80 8.66 -27.57
C GLY A 509 0.39 10.08 -27.93
N PHE A 510 0.16 10.32 -29.22
CA PHE A 510 -0.31 11.63 -29.66
C PHE A 510 -1.83 11.67 -29.52
N LEU A 511 -2.29 12.11 -28.36
CA LEU A 511 -3.71 12.10 -28.04
C LEU A 511 -4.47 13.23 -28.74
N SER A 512 -5.41 12.86 -29.61
CA SER A 512 -6.22 13.85 -30.31
C SER A 512 -7.71 13.61 -30.08
N GLN A 513 -8.54 14.52 -30.60
CA GLN A 513 -9.98 14.43 -30.41
C GLN A 513 -10.78 14.24 -31.70
N CYS A 514 -11.87 13.48 -31.59
CA CYS A 514 -12.73 13.15 -32.72
C CYS A 514 -14.16 13.69 -32.61
N PRO A 515 -14.44 14.84 -33.26
CA PRO A 515 -15.78 15.41 -33.27
C PRO A 515 -16.60 14.82 -34.43
N ILE A 516 -17.87 15.19 -34.54
CA ILE A 516 -18.69 14.71 -35.66
C ILE A 516 -18.32 15.40 -36.96
N LYS A 517 -17.80 14.63 -37.91
CA LYS A 517 -17.30 15.20 -39.16
C LYS A 517 -17.78 14.50 -40.44
N SER A 518 -18.13 13.23 -40.36
CA SER A 518 -18.49 12.49 -41.57
C SER A 518 -19.87 11.81 -41.54
N THR A 519 -20.88 12.53 -42.02
CA THR A 519 -22.25 12.04 -42.09
C THR A 519 -22.78 11.99 -43.53
N SER A 520 -23.44 10.91 -43.93
CA SER A 520 -23.64 9.69 -43.16
C SER A 520 -23.79 8.53 -44.13
N ASN A 521 -22.90 7.54 -44.08
CA ASN A 521 -22.95 6.45 -45.03
C ASN A 521 -24.05 5.44 -44.71
N ASP A 522 -24.46 4.66 -45.72
CA ASP A 522 -25.42 3.59 -45.51
C ASP A 522 -24.64 2.33 -45.15
N LEU A 523 -24.96 1.73 -44.01
CA LEU A 523 -24.24 0.53 -43.59
C LEU A 523 -24.85 -0.76 -44.13
N GLY A 524 -26.11 -0.70 -44.54
CA GLY A 524 -26.78 -1.87 -45.09
C GLY A 524 -26.99 -2.95 -44.05
N CYS A 525 -27.60 -2.59 -42.93
CA CYS A 525 -27.83 -3.52 -41.84
C CYS A 525 -29.32 -3.59 -41.49
N THR A 526 -29.78 -4.78 -41.13
CA THR A 526 -31.16 -4.99 -40.72
C THR A 526 -31.32 -5.00 -39.20
N CYS A 527 -32.14 -4.09 -38.68
CA CYS A 527 -32.34 -3.98 -37.24
C CYS A 527 -33.78 -4.26 -36.84
N ASP A 528 -33.98 -5.33 -36.07
CA ASP A 528 -35.30 -5.70 -35.60
C ASP A 528 -35.67 -4.83 -34.39
N PRO A 529 -36.90 -4.32 -34.36
CA PRO A 529 -37.36 -3.49 -33.25
C PRO A 529 -37.32 -4.25 -31.93
N GLU A 546 -21.68 16.77 -15.55
CA GLU A 546 -22.39 16.16 -16.67
C GLU A 546 -21.60 14.99 -17.25
N ASP A 547 -20.77 15.30 -18.24
CA ASP A 547 -19.89 14.34 -18.90
C ASP A 547 -18.80 13.81 -17.98
N ASP A 548 -18.33 14.65 -17.06
CA ASP A 548 -17.29 14.25 -16.13
C ASP A 548 -17.80 13.26 -15.10
N ASP A 549 -19.11 13.31 -14.82
CA ASP A 549 -19.72 12.40 -13.87
C ASP A 549 -19.80 10.99 -14.46
N ILE A 550 -20.09 10.90 -15.76
CA ILE A 550 -20.24 9.62 -16.46
C ILE A 550 -18.89 8.99 -16.82
N TYR A 551 -17.86 9.81 -16.83
CA TYR A 551 -16.47 9.42 -17.11
C TYR A 551 -15.87 8.58 -15.98
N HIS A 552 -15.91 9.14 -14.78
CA HIS A 552 -15.37 8.52 -13.57
C HIS A 552 -15.99 7.15 -13.26
N MET A 553 -17.16 6.88 -13.82
CA MET A 553 -17.84 5.61 -13.60
C MET A 553 -17.29 4.50 -14.49
N THR A 554 -16.78 4.88 -15.65
CA THR A 554 -16.25 3.92 -16.63
C THR A 554 -14.75 3.67 -16.44
N VAL A 555 -14.02 4.69 -16.04
CA VAL A 555 -12.59 4.54 -15.73
C VAL A 555 -12.32 5.05 -14.32
N PRO A 556 -12.74 4.28 -13.31
CA PRO A 556 -12.68 4.67 -11.90
C PRO A 556 -11.27 4.68 -11.31
N TYR A 557 -10.33 4.06 -12.01
CA TYR A 557 -8.96 3.98 -11.53
C TYR A 557 -8.07 4.88 -12.38
N GLY A 558 -8.69 5.60 -13.29
CA GLY A 558 -7.96 6.44 -14.22
C GLY A 558 -7.93 5.78 -15.57
N ARG A 559 -8.02 6.56 -16.64
CA ARG A 559 -7.96 6.01 -17.98
C ARG A 559 -6.58 5.41 -18.22
N PRO A 560 -6.52 4.34 -19.04
CA PRO A 560 -5.26 3.73 -19.47
C PRO A 560 -4.41 4.74 -20.24
N ARG A 561 -3.12 4.83 -19.90
CA ARG A 561 -2.24 5.75 -20.61
C ARG A 561 -1.64 5.07 -21.83
N ILE A 562 -1.49 5.85 -22.90
CA ILE A 562 -0.97 5.33 -24.15
C ILE A 562 0.55 5.42 -24.18
N LEU A 563 1.21 4.27 -24.05
CA LEU A 563 2.67 4.21 -24.03
C LEU A 563 3.24 4.06 -25.43
N LEU A 564 2.36 4.01 -26.43
CA LEU A 564 2.77 3.86 -27.82
C LEU A 564 3.41 5.14 -28.36
N LYS A 565 4.54 4.99 -29.05
CA LYS A 565 5.26 6.13 -29.60
C LYS A 565 5.51 5.99 -31.11
N GLN A 566 4.90 6.88 -31.90
CA GLN A 566 4.00 7.89 -31.36
C GLN A 566 2.61 7.76 -31.99
N HIS A 567 1.83 6.82 -31.48
CA HIS A 567 0.52 6.46 -32.00
C HIS A 567 -0.54 7.56 -31.84
N ARG A 568 -1.45 7.65 -32.82
CA ARG A 568 -2.55 8.60 -32.77
C ARG A 568 -3.80 7.91 -32.18
N VAL A 569 -4.24 8.39 -31.02
CA VAL A 569 -5.36 7.77 -30.30
C VAL A 569 -6.47 8.76 -29.95
N CYS A 570 -7.72 8.38 -30.18
CA CYS A 570 -8.85 9.21 -29.77
C CYS A 570 -9.64 8.62 -28.59
N LEU A 571 -10.18 9.50 -27.75
CA LEU A 571 -10.99 9.10 -26.61
C LEU A 571 -12.48 9.31 -26.90
N LEU A 572 -13.19 8.20 -27.10
CA LEU A 572 -14.61 8.24 -27.42
C LEU A 572 -15.49 7.96 -26.19
N GLN A 573 -16.22 8.97 -25.74
CA GLN A 573 -17.01 8.82 -24.53
C GLN A 573 -18.43 8.36 -24.85
N GLN A 574 -18.89 7.35 -24.12
CA GLN A 574 -20.26 6.86 -24.23
C GLN A 574 -20.95 6.90 -22.87
N GLN A 575 -22.18 6.41 -22.81
CA GLN A 575 -22.96 6.46 -21.58
C GLN A 575 -22.76 5.26 -20.66
N GLN A 576 -22.15 4.20 -21.19
CA GLN A 576 -21.91 2.99 -20.39
C GLN A 576 -20.42 2.64 -20.35
N PHE A 577 -19.68 3.12 -21.34
CA PHE A 577 -18.25 2.79 -21.44
C PHE A 577 -17.43 3.92 -22.05
N LEU A 578 -16.13 3.87 -21.81
CA LEU A 578 -15.19 4.79 -22.45
C LEU A 578 -14.21 3.96 -23.25
N THR A 579 -14.03 4.31 -24.52
CA THR A 579 -13.18 3.53 -25.40
C THR A 579 -12.06 4.35 -26.05
N GLY A 580 -10.85 3.81 -26.02
CA GLY A 580 -9.73 4.44 -26.69
C GLY A 580 -9.59 3.94 -28.11
N TYR A 581 -9.95 4.78 -29.07
CA TYR A 581 -9.98 4.39 -30.47
C TYR A 581 -8.69 4.80 -31.20
N SER A 582 -8.21 3.94 -32.08
CA SER A 582 -6.99 4.22 -32.83
C SER A 582 -7.36 4.75 -34.21
N LEU A 583 -6.77 5.88 -34.60
CA LEU A 583 -7.01 6.47 -35.91
C LEU A 583 -6.10 5.89 -36.99
N ASP A 584 -4.94 5.39 -36.57
CA ASP A 584 -3.97 4.82 -37.50
C ASP A 584 -4.35 3.40 -37.89
N LEU A 585 -5.08 2.72 -37.02
CA LEU A 585 -5.49 1.34 -37.28
C LEU A 585 -6.97 1.22 -37.53
N LEU A 586 -7.70 2.29 -37.21
CA LEU A 586 -9.16 2.34 -37.34
C LEU A 586 -9.89 1.20 -36.63
N MET A 587 -9.57 1.04 -35.34
CA MET A 587 -10.23 0.06 -34.49
C MET A 587 -9.89 0.39 -33.03
N PRO A 588 -10.75 -0.03 -32.09
CA PRO A 588 -10.52 0.31 -30.68
C PRO A 588 -9.30 -0.38 -30.09
N LEU A 589 -8.46 0.37 -29.37
CA LEU A 589 -7.31 -0.22 -28.69
C LEU A 589 -7.77 -0.84 -27.37
N TRP A 590 -8.65 -0.13 -26.68
CA TRP A 590 -9.19 -0.61 -25.41
C TRP A 590 -10.58 -0.04 -25.14
N ALA A 591 -11.35 -0.75 -24.32
CA ALA A 591 -12.67 -0.27 -23.93
C ALA A 591 -12.92 -0.59 -22.45
N SER A 592 -13.12 0.46 -21.65
CA SER A 592 -13.31 0.29 -20.21
C SER A 592 -14.74 0.59 -19.79
N TYR A 593 -15.28 -0.28 -18.93
CA TYR A 593 -16.65 -0.12 -18.41
C TYR A 593 -16.79 -0.78 -17.05
N THR A 594 -17.82 -0.38 -16.30
CA THR A 594 -18.05 -0.96 -14.99
C THR A 594 -19.33 -1.80 -14.99
N PHE A 595 -19.19 -3.06 -14.58
CA PHE A 595 -20.31 -3.99 -14.53
C PHE A 595 -20.61 -4.32 -13.07
N LEU A 596 -21.77 -3.87 -12.60
CA LEU A 596 -22.13 -4.02 -11.19
C LEU A 596 -22.71 -5.39 -10.86
N SER A 597 -23.07 -5.59 -9.59
CA SER A 597 -23.54 -6.88 -9.10
C SER A 597 -24.83 -7.30 -9.79
N ASN A 598 -25.77 -6.36 -9.92
CA ASN A 598 -27.03 -6.65 -10.59
C ASN A 598 -27.59 -5.47 -11.37
N ASP A 599 -27.31 -5.46 -12.67
CA ASP A 599 -27.81 -4.41 -13.54
C ASP A 599 -27.80 -4.86 -14.99
N SER A 607 -27.81 -8.59 -33.51
CA SER A 607 -27.42 -9.62 -34.48
C SER A 607 -27.57 -9.07 -35.89
N ASN A 608 -26.44 -8.77 -36.52
CA ASN A 608 -26.37 -8.25 -37.89
C ASN A 608 -26.74 -6.76 -37.96
N CYS A 609 -26.96 -6.14 -36.80
CA CYS A 609 -27.27 -4.72 -36.78
C CYS A 609 -26.14 -3.90 -36.18
N LEU A 610 -25.93 -2.71 -36.73
CA LEU A 610 -24.89 -1.79 -36.26
C LEU A 610 -25.23 -0.34 -36.59
N TYR A 611 -24.67 0.58 -35.81
CA TYR A 611 -24.86 2.01 -36.00
C TYR A 611 -23.52 2.68 -36.30
N GLN A 612 -23.51 3.58 -37.28
CA GLN A 612 -22.28 4.24 -37.68
C GLN A 612 -21.88 5.32 -36.68
N ASP A 613 -20.66 5.21 -36.16
CA ASP A 613 -20.13 6.21 -35.25
C ASP A 613 -19.61 7.37 -36.08
N LEU A 614 -20.33 8.49 -36.04
CA LEU A 614 -20.01 9.64 -36.88
C LEU A 614 -18.73 10.35 -36.45
N ARG A 615 -18.15 9.90 -35.33
CA ARG A 615 -16.93 10.50 -34.83
C ARG A 615 -15.69 9.87 -35.46
N ILE A 616 -15.86 8.68 -36.02
CA ILE A 616 -14.74 7.99 -36.65
C ILE A 616 -14.92 7.89 -38.17
N PRO A 617 -13.80 7.89 -38.91
CA PRO A 617 -13.84 7.74 -40.37
C PRO A 617 -14.36 6.37 -40.78
N LEU A 618 -15.13 6.34 -41.87
CA LEU A 618 -15.75 5.11 -42.33
C LEU A 618 -14.76 4.17 -43.01
N SER A 619 -14.86 2.89 -42.68
CA SER A 619 -14.05 1.85 -43.31
C SER A 619 -14.98 0.83 -43.93
N PRO A 620 -14.57 0.24 -45.07
CA PRO A 620 -15.38 -0.79 -45.74
C PRO A 620 -15.69 -2.00 -44.86
N VAL A 621 -14.88 -2.22 -43.83
CA VAL A 621 -15.06 -3.34 -42.91
C VAL A 621 -16.03 -3.03 -41.76
N HIS A 622 -16.61 -1.82 -41.78
CA HIS A 622 -17.58 -1.42 -40.76
C HIS A 622 -19.00 -1.78 -41.17
N LYS A 623 -19.19 -1.94 -42.48
CA LYS A 623 -20.49 -2.28 -43.05
C LYS A 623 -20.82 -3.75 -42.84
N CYS A 624 -22.09 -4.03 -42.55
CA CYS A 624 -22.52 -5.41 -42.32
C CYS A 624 -22.45 -6.18 -43.63
N SER A 625 -22.48 -5.44 -44.73
CA SER A 625 -22.38 -6.04 -46.06
C SER A 625 -21.01 -6.70 -46.26
N TYR A 626 -20.03 -6.26 -45.46
CA TYR A 626 -18.70 -6.86 -45.53
C TYR A 626 -18.68 -8.27 -44.97
N TYR A 627 -19.57 -8.56 -44.03
CA TYR A 627 -19.56 -9.86 -43.37
C TYR A 627 -20.62 -10.80 -43.90
N LYS A 628 -20.17 -11.93 -44.42
CA LYS A 628 -21.04 -12.97 -44.93
C LYS A 628 -21.12 -14.08 -43.89
N SER A 629 -22.11 -14.96 -44.02
CA SER A 629 -22.28 -16.06 -43.08
C SER A 629 -21.42 -17.29 -43.38
N ASN A 630 -20.69 -17.25 -44.49
CA ASN A 630 -19.87 -18.40 -44.88
C ASN A 630 -18.44 -18.32 -44.34
N SER A 631 -17.88 -17.11 -44.37
CA SER A 631 -16.51 -16.87 -43.93
C SER A 631 -16.42 -16.94 -42.39
N LYS A 632 -15.34 -17.57 -41.92
CA LYS A 632 -15.13 -17.77 -40.48
C LYS A 632 -14.82 -16.46 -39.75
N LEU A 633 -14.35 -15.46 -40.49
CA LEU A 633 -14.05 -14.16 -39.91
C LEU A 633 -15.30 -13.29 -39.80
N SER A 634 -15.53 -12.75 -38.60
CA SER A 634 -16.66 -11.88 -38.35
C SER A 634 -16.27 -10.73 -37.43
N TYR A 635 -17.25 -10.07 -36.83
CA TYR A 635 -16.96 -9.01 -35.87
C TYR A 635 -17.46 -9.35 -34.47
N GLY A 636 -16.69 -8.92 -33.47
CA GLY A 636 -17.08 -9.08 -32.08
C GLY A 636 -17.10 -7.75 -31.35
N PHE A 637 -17.77 -7.72 -30.20
CA PHE A 637 -17.83 -6.50 -29.40
C PHE A 637 -16.84 -6.50 -28.23
N LEU A 638 -16.21 -5.35 -28.00
CA LEU A 638 -15.35 -5.21 -26.83
C LEU A 638 -16.21 -5.03 -25.58
N THR A 639 -17.29 -4.27 -25.72
CA THR A 639 -18.25 -4.07 -24.63
C THR A 639 -19.53 -4.86 -24.95
N PRO A 640 -19.95 -5.73 -24.02
CA PRO A 640 -21.16 -6.54 -24.22
C PRO A 640 -22.40 -5.68 -24.42
N PRO A 641 -23.19 -5.98 -25.47
CA PRO A 641 -24.40 -5.22 -25.83
C PRO A 641 -25.58 -5.51 -24.91
N ARG A 642 -25.48 -6.59 -24.12
CA ARG A 642 -26.56 -7.00 -23.24
C ARG A 642 -26.55 -6.19 -21.94
N LEU A 643 -25.80 -5.09 -21.95
CA LEU A 643 -25.68 -4.21 -20.79
C LEU A 643 -26.96 -3.38 -20.60
N ASN A 644 -27.34 -3.20 -19.34
CA ASN A 644 -28.57 -2.49 -18.94
C ASN A 644 -29.82 -2.90 -19.71
N HIS A 649 -35.16 -3.85 -22.48
CA HIS A 649 -34.47 -3.00 -23.43
C HIS A 649 -33.01 -3.39 -23.58
N ILE A 650 -32.31 -2.74 -24.50
CA ILE A 650 -30.92 -3.06 -24.78
C ILE A 650 -30.07 -1.84 -25.10
N TYR A 651 -28.89 -1.75 -24.47
CA TYR A 651 -27.99 -0.62 -24.68
C TYR A 651 -27.55 -0.62 -26.15
N SER A 652 -27.82 0.46 -26.85
CA SER A 652 -27.58 0.55 -28.28
C SER A 652 -26.20 1.06 -28.70
N GLU A 653 -25.55 1.82 -27.82
CA GLU A 653 -24.23 2.39 -28.12
C GLU A 653 -23.11 1.35 -28.17
N ALA A 654 -23.39 0.14 -27.69
CA ALA A 654 -22.45 -0.96 -27.78
C ALA A 654 -22.45 -1.51 -29.20
N LEU A 655 -23.45 -1.11 -29.98
CA LEU A 655 -23.56 -1.51 -31.38
C LEU A 655 -22.95 -0.44 -32.28
N LEU A 656 -22.16 0.45 -31.69
CA LEU A 656 -21.45 1.48 -32.44
C LEU A 656 -20.33 0.83 -33.25
N THR A 657 -19.99 1.42 -34.39
CA THR A 657 -18.94 0.87 -35.23
C THR A 657 -17.59 0.85 -34.51
N SER A 658 -17.42 1.76 -33.56
CA SER A 658 -16.13 1.90 -32.88
C SER A 658 -15.97 0.90 -31.74
N ASN A 659 -16.91 -0.03 -31.61
CA ASN A 659 -16.83 -1.02 -30.53
C ASN A 659 -16.72 -2.44 -31.07
N ILE A 660 -16.46 -2.57 -32.36
CA ILE A 660 -16.33 -3.88 -33.00
C ILE A 660 -14.89 -4.15 -33.44
N VAL A 661 -14.49 -5.42 -33.38
CA VAL A 661 -13.17 -5.84 -33.81
C VAL A 661 -13.28 -7.13 -34.63
N PRO A 662 -12.40 -7.30 -35.63
CA PRO A 662 -12.39 -8.52 -36.45
C PRO A 662 -12.14 -9.75 -35.58
N MET A 663 -13.04 -10.73 -35.69
CA MET A 663 -13.02 -11.89 -34.80
C MET A 663 -13.49 -13.17 -35.50
N TYR A 664 -12.70 -14.23 -35.40
CA TYR A 664 -13.08 -15.54 -35.92
C TYR A 664 -14.35 -16.03 -35.25
N GLN A 665 -15.12 -16.85 -35.97
CA GLN A 665 -16.36 -17.41 -35.45
C GLN A 665 -16.10 -18.41 -34.33
N SER A 666 -14.97 -19.09 -34.41
CA SER A 666 -14.58 -20.09 -33.40
C SER A 666 -14.23 -19.43 -32.08
N PHE A 667 -13.69 -18.22 -32.17
CA PHE A 667 -13.32 -17.45 -30.99
C PHE A 667 -14.55 -16.82 -30.35
N GLN A 668 -15.57 -16.59 -31.16
CA GLN A 668 -16.84 -16.02 -30.68
C GLN A 668 -17.50 -16.99 -29.71
N VAL A 669 -17.17 -18.27 -29.82
CA VAL A 669 -17.67 -19.30 -28.92
C VAL A 669 -17.13 -19.06 -27.51
N ILE A 670 -15.87 -18.63 -27.43
CA ILE A 670 -15.22 -18.38 -26.15
C ILE A 670 -15.58 -17.01 -25.60
N TRP A 671 -15.69 -16.03 -26.50
CA TRP A 671 -15.90 -14.64 -26.12
C TRP A 671 -17.29 -14.34 -25.59
N HIS A 672 -18.30 -15.00 -26.15
CA HIS A 672 -19.68 -14.82 -25.72
C HIS A 672 -19.92 -15.52 -24.38
N TYR A 673 -19.40 -16.74 -24.25
CA TYR A 673 -19.53 -17.49 -23.01
C TYR A 673 -18.78 -16.79 -21.89
N LEU A 674 -17.73 -16.06 -22.26
CA LEU A 674 -16.93 -15.32 -21.29
C LEU A 674 -17.75 -14.19 -20.66
N HIS A 675 -18.64 -13.62 -21.44
CA HIS A 675 -19.44 -12.47 -21.01
C HIS A 675 -20.85 -12.83 -20.57
N ASP A 676 -21.43 -13.84 -21.21
CA ASP A 676 -22.81 -14.23 -20.91
C ASP A 676 -22.92 -15.09 -19.65
N THR A 677 -21.88 -15.83 -19.34
CA THR A 677 -21.92 -16.76 -18.21
C THR A 677 -20.92 -16.41 -17.10
N LEU A 678 -19.64 -16.44 -17.43
CA LEU A 678 -18.58 -16.24 -16.44
C LEU A 678 -18.58 -14.84 -15.82
N LEU A 679 -18.68 -13.82 -16.68
CA LEU A 679 -18.58 -12.43 -16.23
C LEU A 679 -19.69 -12.07 -15.26
N GLN A 680 -20.89 -12.61 -15.49
CA GLN A 680 -22.01 -12.34 -14.61
C GLN A 680 -21.84 -13.05 -13.28
N ARG A 681 -21.25 -14.25 -13.33
CA ARG A 681 -21.00 -15.02 -12.12
C ARG A 681 -19.95 -14.33 -11.27
N TYR A 682 -18.94 -13.79 -11.93
CA TYR A 682 -17.84 -13.10 -11.26
C TYR A 682 -18.28 -11.79 -10.62
N ALA A 683 -19.32 -11.18 -11.16
CA ALA A 683 -19.86 -9.93 -10.62
C ALA A 683 -20.59 -10.15 -9.30
N HIS A 684 -21.12 -11.36 -9.11
CA HIS A 684 -21.80 -11.70 -7.87
C HIS A 684 -20.77 -12.13 -6.83
N GLU A 685 -19.76 -12.87 -7.26
CA GLU A 685 -18.74 -13.36 -6.33
C GLU A 685 -17.87 -12.21 -5.83
N ARG A 686 -17.58 -11.26 -6.72
CA ARG A 686 -16.68 -10.16 -6.38
C ARG A 686 -17.40 -8.82 -6.24
N ASN A 687 -18.72 -8.86 -6.15
CA ASN A 687 -19.56 -7.67 -6.02
C ASN A 687 -19.34 -6.63 -7.12
N GLY A 688 -19.38 -7.07 -8.37
CA GLY A 688 -19.15 -6.19 -9.50
C GLY A 688 -17.71 -6.23 -9.96
N ILE A 689 -17.50 -5.98 -11.25
CA ILE A 689 -16.15 -5.95 -11.82
C ILE A 689 -15.98 -4.81 -12.81
N ASN A 690 -14.80 -4.19 -12.83
CA ASN A 690 -14.47 -3.23 -13.87
C ASN A 690 -13.65 -3.92 -14.97
N VAL A 691 -14.13 -3.79 -16.20
CA VAL A 691 -13.53 -4.50 -17.32
C VAL A 691 -12.88 -3.56 -18.34
N VAL A 692 -11.65 -3.90 -18.72
CA VAL A 692 -10.97 -3.23 -19.82
C VAL A 692 -10.55 -4.30 -20.82
N SER A 693 -11.02 -4.19 -22.06
CA SER A 693 -10.73 -5.20 -23.07
C SER A 693 -10.19 -4.59 -24.35
N GLY A 694 -9.54 -5.40 -25.17
CA GLY A 694 -9.02 -4.94 -26.43
C GLY A 694 -8.25 -5.99 -27.22
N PRO A 695 -7.95 -5.68 -28.48
CA PRO A 695 -7.22 -6.57 -29.40
C PRO A 695 -5.72 -6.56 -29.14
N VAL A 696 -5.06 -7.65 -29.48
CA VAL A 696 -3.61 -7.75 -29.31
C VAL A 696 -2.92 -8.11 -30.62
N PHE A 697 -1.90 -7.34 -30.97
CA PHE A 697 -1.15 -7.56 -32.20
C PHE A 697 0.33 -7.80 -31.91
N ASP A 698 0.74 -9.06 -31.84
CA ASP A 698 2.14 -9.39 -31.66
C ASP A 698 2.54 -10.50 -32.62
N PHE A 699 2.80 -10.13 -33.86
CA PHE A 699 3.13 -11.09 -34.89
C PHE A 699 4.57 -11.60 -34.81
N ASP A 700 5.46 -10.81 -34.21
CA ASP A 700 6.85 -11.24 -34.08
C ASP A 700 7.02 -11.99 -32.77
N TYR A 701 5.90 -12.25 -32.10
CA TYR A 701 5.82 -13.01 -30.85
C TYR A 701 6.96 -12.72 -29.86
N ASP A 702 7.24 -11.44 -29.64
CA ASP A 702 8.31 -11.04 -28.72
C ASP A 702 7.74 -10.59 -27.38
N GLY A 703 6.42 -10.48 -27.28
CA GLY A 703 5.80 -10.07 -26.04
C GLY A 703 5.60 -8.57 -25.87
N ARG A 704 6.00 -7.81 -26.90
CA ARG A 704 5.85 -6.37 -26.87
C ARG A 704 5.00 -5.93 -28.05
N TYR A 705 4.45 -4.72 -27.95
CA TYR A 705 3.57 -4.21 -29.00
C TYR A 705 4.33 -4.02 -30.29
N ASP A 706 3.67 -4.24 -31.42
CA ASP A 706 4.36 -4.14 -32.69
C ASP A 706 4.41 -2.69 -33.15
N SER A 707 5.47 -2.36 -33.89
CA SER A 707 5.61 -1.03 -34.45
C SER A 707 4.73 -0.95 -35.68
N LEU A 708 4.54 0.27 -36.20
CA LEU A 708 3.70 0.49 -37.36
C LEU A 708 4.28 -0.26 -38.57
N GLU A 709 5.61 -0.38 -38.58
CA GLU A 709 6.33 -1.04 -39.66
C GLU A 709 6.01 -2.52 -39.80
N ILE A 710 6.09 -3.25 -38.69
CA ILE A 710 5.82 -4.68 -38.71
C ILE A 710 4.30 -4.94 -38.80
N LEU A 711 3.53 -3.95 -38.35
CA LEU A 711 2.07 -4.00 -38.42
C LEU A 711 1.58 -4.01 -39.86
N LYS A 712 2.22 -3.24 -40.73
CA LYS A 712 1.84 -3.16 -42.13
C LYS A 712 2.23 -4.44 -42.87
N GLN A 713 3.22 -5.15 -42.35
CA GLN A 713 3.69 -6.39 -42.97
C GLN A 713 2.76 -7.56 -42.72
N ASN A 714 2.02 -7.52 -41.61
CA ASN A 714 1.14 -8.61 -41.25
C ASN A 714 -0.34 -8.36 -41.50
N SER A 715 -0.66 -7.31 -42.24
CA SER A 715 -2.06 -7.03 -42.54
C SER A 715 -2.51 -7.85 -43.74
N ARG A 716 -3.20 -8.96 -43.46
CA ARG A 716 -3.73 -9.83 -44.49
C ARG A 716 -4.89 -9.17 -45.23
N VAL A 717 -5.23 -9.72 -46.40
CA VAL A 717 -6.39 -9.26 -47.15
C VAL A 717 -7.40 -10.40 -47.26
N ILE A 718 -8.63 -10.15 -46.83
CA ILE A 718 -9.68 -11.16 -46.87
C ILE A 718 -11.02 -10.56 -47.26
N ARG A 719 -11.76 -11.26 -48.12
CA ARG A 719 -13.07 -10.83 -48.58
C ARG A 719 -12.99 -9.48 -49.31
N SER A 720 -11.90 -9.32 -50.05
CA SER A 720 -11.63 -8.15 -50.88
C SER A 720 -11.32 -6.86 -50.12
N GLN A 721 -11.03 -6.97 -48.83
CA GLN A 721 -10.67 -5.82 -48.02
C GLN A 721 -9.44 -6.07 -47.17
N GLU A 722 -8.66 -5.03 -46.91
CA GLU A 722 -7.45 -5.18 -46.10
C GLU A 722 -7.81 -5.16 -44.62
N ILE A 723 -7.37 -6.18 -43.89
CA ILE A 723 -7.68 -6.30 -42.48
C ILE A 723 -6.47 -6.67 -41.63
N LEU A 724 -6.28 -5.94 -40.53
CA LEU A 724 -5.27 -6.30 -39.56
C LEU A 724 -6.00 -7.08 -38.48
N ILE A 725 -5.79 -8.40 -38.47
CA ILE A 725 -6.49 -9.27 -37.55
C ILE A 725 -5.67 -9.57 -36.30
N PRO A 726 -6.30 -9.43 -35.11
CA PRO A 726 -5.61 -9.61 -33.83
C PRO A 726 -5.10 -11.03 -33.58
N THR A 727 -3.90 -11.13 -33.03
CA THR A 727 -3.32 -12.43 -32.65
C THR A 727 -3.91 -12.89 -31.33
N HIS A 728 -4.20 -11.93 -30.45
CA HIS A 728 -4.81 -12.21 -29.16
C HIS A 728 -5.83 -11.15 -28.77
N PHE A 729 -6.54 -11.41 -27.68
CA PHE A 729 -7.42 -10.43 -27.06
C PHE A 729 -7.15 -10.37 -25.56
N PHE A 730 -6.88 -9.19 -25.04
CA PHE A 730 -6.62 -9.05 -23.60
C PHE A 730 -7.86 -8.64 -22.83
N ILE A 731 -7.93 -9.06 -21.56
CA ILE A 731 -9.01 -8.64 -20.69
C ILE A 731 -8.55 -8.58 -19.22
N VAL A 732 -8.73 -7.40 -18.61
CA VAL A 732 -8.31 -7.22 -17.22
C VAL A 732 -9.52 -7.02 -16.31
N LEU A 733 -9.68 -7.91 -15.33
CA LEU A 733 -10.79 -7.84 -14.39
C LEU A 733 -10.34 -7.25 -13.04
N THR A 734 -10.99 -6.16 -12.64
CA THR A 734 -10.67 -5.49 -11.39
C THR A 734 -11.84 -5.43 -10.42
N SER A 735 -11.59 -5.78 -9.17
CA SER A 735 -12.61 -5.72 -8.12
C SER A 735 -12.02 -5.19 -6.83
N CYS A 736 -12.84 -5.12 -5.79
CA CYS A 736 -12.38 -4.65 -4.50
C CYS A 736 -11.92 -5.84 -3.67
N LYS A 737 -10.90 -5.61 -2.85
CA LYS A 737 -10.39 -6.64 -1.96
C LYS A 737 -11.37 -6.86 -0.82
N GLN A 738 -12.19 -5.84 -0.57
CA GLN A 738 -13.24 -5.91 0.43
C GLN A 738 -14.57 -6.07 -0.29
N LEU A 739 -15.23 -7.20 -0.04
CA LEU A 739 -16.47 -7.54 -0.76
C LEU A 739 -17.63 -6.61 -0.46
N SER A 740 -17.49 -5.76 0.54
CA SER A 740 -18.53 -4.81 0.90
C SER A 740 -18.56 -3.61 -0.06
N GLU A 741 -17.50 -3.48 -0.85
CA GLU A 741 -17.34 -2.33 -1.74
C GLU A 741 -17.56 -2.66 -3.22
N THR A 742 -18.13 -1.72 -3.94
CA THR A 742 -18.31 -1.81 -5.40
C THR A 742 -17.06 -1.27 -6.08
N PRO A 743 -16.82 -1.67 -7.34
CA PRO A 743 -15.65 -1.22 -8.11
C PRO A 743 -15.44 0.29 -8.18
N LEU A 744 -16.44 1.08 -7.75
CA LEU A 744 -16.31 2.53 -7.79
C LEU A 744 -15.82 3.07 -6.45
N GLU A 745 -15.61 2.18 -5.49
CA GLU A 745 -15.21 2.59 -4.14
C GLU A 745 -14.22 1.62 -3.50
N CYS A 746 -13.33 1.05 -4.31
CA CYS A 746 -12.34 0.11 -3.80
C CYS A 746 -11.31 0.82 -2.92
N SER A 747 -10.97 0.21 -1.79
CA SER A 747 -9.87 0.68 -0.94
C SER A 747 -8.57 0.07 -1.43
N ALA A 748 -8.64 -1.20 -1.83
CA ALA A 748 -7.51 -1.89 -2.46
C ALA A 748 -8.04 -2.64 -3.67
N LEU A 749 -7.17 -2.91 -4.64
CA LEU A 749 -7.61 -3.50 -5.89
C LEU A 749 -7.45 -5.02 -5.91
N GLU A 750 -8.19 -5.65 -6.82
CA GLU A 750 -8.13 -7.09 -7.01
C GLU A 750 -8.08 -7.40 -8.50
N SER A 751 -6.87 -7.50 -9.04
CA SER A 751 -6.71 -7.68 -10.48
C SER A 751 -6.50 -9.13 -10.91
N SER A 752 -6.94 -9.42 -12.12
CA SER A 752 -6.72 -10.70 -12.77
C SER A 752 -6.80 -10.46 -14.27
N ALA A 753 -5.69 -10.68 -14.96
CA ALA A 753 -5.65 -10.42 -16.40
C ALA A 753 -5.62 -11.70 -17.21
N TYR A 754 -6.08 -11.61 -18.45
CA TYR A 754 -6.06 -12.73 -19.36
C TYR A 754 -5.64 -12.27 -20.75
N ILE A 755 -4.84 -13.07 -21.43
CA ILE A 755 -4.50 -12.83 -22.81
C ILE A 755 -4.92 -14.02 -23.65
N LEU A 756 -6.12 -13.93 -24.22
CA LEU A 756 -6.71 -15.07 -24.94
C LEU A 756 -6.25 -15.09 -26.38
N PRO A 757 -5.76 -16.26 -26.83
CA PRO A 757 -5.29 -16.46 -28.20
C PRO A 757 -6.43 -16.40 -29.20
N HIS A 758 -6.24 -15.64 -30.27
CA HIS A 758 -7.25 -15.51 -31.31
C HIS A 758 -6.98 -16.53 -32.41
N ARG A 759 -7.62 -17.69 -32.30
CA ARG A 759 -7.40 -18.79 -33.22
C ARG A 759 -8.61 -19.03 -34.11
N PRO A 760 -8.37 -19.43 -35.37
CA PRO A 760 -9.44 -19.74 -36.32
C PRO A 760 -10.20 -20.99 -35.91
N ASP A 761 -9.59 -21.81 -35.06
CA ASP A 761 -10.23 -23.02 -34.58
C ASP A 761 -9.97 -23.28 -33.10
N ASN A 762 -10.66 -24.29 -32.56
CA ASN A 762 -10.50 -24.65 -31.15
C ASN A 762 -9.85 -26.02 -31.00
N ILE A 763 -8.76 -26.24 -31.74
CA ILE A 763 -8.06 -27.52 -31.68
C ILE A 763 -7.33 -27.64 -30.34
N GLU A 764 -6.91 -26.49 -29.82
CA GLU A 764 -6.20 -26.43 -28.55
C GLU A 764 -7.09 -26.92 -27.41
N SER A 765 -8.39 -26.68 -27.57
CA SER A 765 -9.37 -26.94 -26.52
C SER A 765 -9.97 -28.34 -26.56
N CYS A 766 -9.86 -29.01 -27.70
CA CYS A 766 -10.51 -30.31 -27.90
C CYS A 766 -12.01 -30.21 -27.62
N THR A 767 -12.69 -29.41 -28.44
CA THR A 767 -14.11 -29.13 -28.28
C THR A 767 -14.89 -30.43 -28.42
N HIS A 768 -14.31 -31.35 -29.17
CA HIS A 768 -14.87 -32.66 -29.47
C HIS A 768 -15.32 -33.39 -28.21
N GLY A 769 -16.62 -33.61 -28.13
CA GLY A 769 -17.30 -34.16 -26.95
C GLY A 769 -18.36 -33.15 -26.54
N LYS A 770 -18.21 -31.95 -27.08
CA LYS A 770 -19.14 -30.83 -26.91
C LYS A 770 -19.50 -30.37 -25.50
N ARG A 771 -18.54 -30.38 -24.56
CA ARG A 771 -18.84 -29.86 -23.23
C ARG A 771 -18.36 -28.41 -23.15
N GLU A 772 -19.19 -27.48 -23.63
CA GLU A 772 -18.79 -26.07 -23.75
C GLU A 772 -18.44 -25.32 -22.45
N SER A 773 -19.20 -25.55 -21.39
CA SER A 773 -18.98 -24.83 -20.13
C SER A 773 -17.69 -25.27 -19.43
N SER A 774 -17.12 -26.37 -19.89
CA SER A 774 -15.93 -26.95 -19.30
C SER A 774 -14.63 -26.46 -19.96
N TRP A 775 -14.53 -26.66 -21.26
CA TRP A 775 -13.29 -26.38 -21.97
C TRP A 775 -12.93 -24.90 -22.04
N VAL A 776 -13.93 -24.03 -21.99
CA VAL A 776 -13.70 -22.59 -22.05
C VAL A 776 -12.97 -22.05 -20.80
N GLU A 777 -13.48 -22.37 -19.62
CA GLU A 777 -12.86 -21.94 -18.37
C GLU A 777 -11.43 -22.46 -18.22
N GLU A 778 -11.19 -23.65 -18.75
CA GLU A 778 -9.86 -24.24 -18.71
C GLU A 778 -8.91 -23.49 -19.64
N LEU A 779 -9.47 -22.89 -20.68
CA LEU A 779 -8.67 -22.09 -21.61
C LEU A 779 -8.37 -20.73 -21.00
N LEU A 780 -9.37 -20.17 -20.32
CA LEU A 780 -9.22 -18.89 -19.62
C LEU A 780 -8.14 -18.96 -18.53
N THR A 781 -8.24 -19.98 -17.68
CA THR A 781 -7.33 -20.14 -16.56
C THR A 781 -5.89 -20.38 -17.04
N LEU A 782 -5.75 -21.08 -18.16
CA LEU A 782 -4.45 -21.40 -18.73
C LEU A 782 -3.75 -20.16 -19.29
N HIS A 783 -4.53 -19.24 -19.84
CA HIS A 783 -3.97 -18.05 -20.45
C HIS A 783 -4.09 -16.79 -19.60
N ARG A 784 -4.11 -17.00 -18.29
CA ARG A 784 -4.02 -15.89 -17.34
C ARG A 784 -2.64 -15.26 -17.49
N ALA A 785 -2.53 -13.97 -17.22
CA ALA A 785 -1.26 -13.27 -17.39
C ALA A 785 -1.14 -12.13 -16.38
N ARG A 786 0.08 -11.64 -16.18
CA ARG A 786 0.28 -10.47 -15.35
C ARG A 786 -0.34 -9.28 -16.04
N VAL A 787 -0.76 -8.28 -15.26
CA VAL A 787 -1.26 -7.05 -15.84
C VAL A 787 -0.11 -6.35 -16.56
N THR A 788 1.10 -6.55 -16.04
CA THR A 788 2.32 -6.03 -16.66
C THR A 788 2.51 -6.67 -18.04
N ASP A 789 2.19 -7.96 -18.13
CA ASP A 789 2.27 -8.69 -19.40
C ASP A 789 1.37 -8.05 -20.44
N VAL A 790 0.16 -7.69 -20.00
CA VAL A 790 -0.80 -7.01 -20.87
C VAL A 790 -0.27 -5.63 -21.25
N GLU A 791 0.33 -4.94 -20.29
CA GLU A 791 0.90 -3.63 -20.51
C GLU A 791 2.01 -3.71 -21.56
N LEU A 792 2.85 -4.73 -21.43
CA LEU A 792 4.00 -4.92 -22.30
C LEU A 792 3.57 -5.24 -23.73
N ILE A 793 2.44 -5.93 -23.87
CA ILE A 793 2.01 -6.40 -25.18
C ILE A 793 1.05 -5.44 -25.90
N THR A 794 0.51 -4.46 -25.17
CA THR A 794 -0.42 -3.51 -25.75
C THR A 794 0.12 -2.08 -25.76
N GLY A 795 1.14 -1.83 -24.94
CA GLY A 795 1.71 -0.50 -24.84
C GLY A 795 0.77 0.44 -24.10
N LEU A 796 0.08 -0.11 -23.10
CA LEU A 796 -0.85 0.68 -22.30
C LEU A 796 -0.41 0.63 -20.84
N SER A 797 -0.83 1.61 -20.05
CA SER A 797 -0.48 1.64 -18.63
C SER A 797 -1.75 1.82 -17.79
N PHE A 798 -1.99 0.90 -16.88
CA PHE A 798 -3.22 0.92 -16.09
C PHE A 798 -3.00 1.45 -14.68
N TYR A 799 -4.11 1.88 -14.07
CA TYR A 799 -4.16 2.25 -12.65
C TYR A 799 -3.24 3.43 -12.26
N GLN A 800 -3.00 4.35 -13.19
CA GLN A 800 -2.08 5.44 -12.91
C GLN A 800 -2.63 6.49 -11.95
N ASP A 801 -3.95 6.65 -11.92
CA ASP A 801 -4.59 7.61 -11.03
C ASP A 801 -5.03 6.96 -9.73
N ARG A 802 -4.67 5.69 -9.55
CA ARG A 802 -5.03 4.95 -8.36
C ARG A 802 -4.28 5.51 -7.14
N GLN A 803 -4.93 5.46 -5.98
CA GLN A 803 -4.39 6.09 -4.77
C GLN A 803 -3.12 5.46 -4.23
N GLU A 804 -2.96 4.16 -4.42
CA GLU A 804 -1.77 3.46 -3.93
C GLU A 804 -0.52 3.97 -4.64
N SER A 805 0.64 3.81 -4.00
CA SER A 805 1.89 4.31 -4.58
C SER A 805 2.33 3.47 -5.77
N VAL A 806 3.31 3.99 -6.52
CA VAL A 806 3.84 3.31 -7.69
C VAL A 806 4.40 1.93 -7.35
N SER A 807 5.17 1.87 -6.26
CA SER A 807 5.76 0.62 -5.80
C SER A 807 4.71 -0.42 -5.47
N GLU A 808 3.61 0.04 -4.88
CA GLU A 808 2.49 -0.82 -4.56
C GLU A 808 1.82 -1.32 -5.84
N LEU A 809 1.65 -0.43 -6.81
CA LEU A 809 1.00 -0.77 -8.07
C LEU A 809 1.80 -1.74 -8.94
N LEU A 810 3.12 -1.66 -8.85
CA LEU A 810 3.99 -2.60 -9.54
C LEU A 810 3.83 -4.00 -8.97
N ARG A 811 3.72 -4.08 -7.65
CA ARG A 811 3.51 -5.33 -6.95
C ARG A 811 2.20 -5.98 -7.41
N LEU A 812 1.18 -5.15 -7.60
CA LEU A 812 -0.15 -5.58 -8.01
C LEU A 812 -0.19 -6.10 -9.46
N LYS A 813 0.52 -5.42 -10.35
CA LYS A 813 0.47 -5.70 -11.77
C LYS A 813 1.32 -6.90 -12.20
N THR A 814 2.29 -7.28 -11.36
CA THR A 814 3.15 -8.42 -11.67
C THR A 814 2.67 -9.73 -11.04
N HIS A 815 1.44 -9.74 -10.52
CA HIS A 815 0.95 -10.90 -9.79
C HIS A 815 0.26 -11.95 -10.67
N LEU A 816 0.49 -13.23 -10.34
CA LEU A 816 -0.21 -14.35 -10.96
C LEU A 816 -0.53 -15.42 -9.92
N PRO A 817 -1.74 -16.03 -10.00
CA PRO A 817 -2.14 -17.11 -9.10
C PRO A 817 -1.48 -18.44 -9.40
N ILE A 818 -1.18 -19.22 -8.36
CA ILE A 818 -0.57 -20.53 -8.51
C ILE A 818 -1.63 -21.64 -8.67
N PHE A 819 -1.46 -22.47 -9.69
CA PHE A 819 -2.34 -23.61 -9.93
C PHE A 819 -2.18 -24.73 -8.91
N SER A 820 -3.30 -25.21 -8.38
CA SER A 820 -3.32 -26.30 -7.41
C SER A 820 -2.48 -25.99 -6.16
N LYS B 88 -16.92 26.94 -24.80
CA LYS B 88 -17.29 25.95 -23.79
C LYS B 88 -16.67 26.29 -22.43
N SER B 89 -17.50 26.29 -21.40
CA SER B 89 -17.04 26.59 -20.05
C SER B 89 -16.18 25.44 -19.52
N TRP B 90 -15.45 25.69 -18.44
CA TRP B 90 -14.58 24.67 -17.86
C TRP B 90 -15.41 23.50 -17.35
N VAL B 91 -16.57 23.82 -16.78
CA VAL B 91 -17.47 22.83 -16.23
C VAL B 91 -18.09 21.97 -17.33
N GLU B 92 -18.19 22.51 -18.54
CA GLU B 92 -18.79 21.79 -19.64
C GLU B 92 -17.83 20.75 -20.24
N GLU B 93 -16.54 20.95 -20.04
CA GLU B 93 -15.56 19.99 -20.56
C GLU B 93 -15.46 18.78 -19.64
N THR B 94 -15.06 17.64 -20.18
CA THR B 94 -14.94 16.42 -19.39
C THR B 94 -13.61 16.38 -18.65
N CYS B 95 -13.36 15.29 -17.93
CA CYS B 95 -12.10 15.15 -17.19
C CYS B 95 -10.94 14.92 -18.14
N GLU B 96 -9.82 15.56 -17.86
CA GLU B 96 -8.60 15.37 -18.64
C GLU B 96 -7.40 15.15 -17.73
N SER B 97 -6.67 14.07 -17.98
CA SER B 97 -5.52 13.70 -17.17
C SER B 97 -4.37 14.67 -17.37
N ILE B 98 -3.95 15.31 -16.28
CA ILE B 98 -2.84 16.24 -16.34
C ILE B 98 -1.60 15.59 -15.73
N ASP B 99 -1.04 14.63 -16.47
CA ASP B 99 0.15 13.89 -16.03
C ASP B 99 1.36 14.81 -16.01
N THR B 100 1.47 15.68 -16.99
CA THR B 100 2.54 16.66 -17.06
C THR B 100 1.97 18.06 -17.11
N PRO B 101 2.43 18.96 -16.22
CA PRO B 101 1.89 20.32 -16.19
C PRO B 101 2.10 21.04 -17.52
N GLU B 102 1.01 21.52 -18.11
CA GLU B 102 1.07 22.29 -19.34
C GLU B 102 1.05 23.80 -19.05
N CYS B 103 2.24 24.35 -18.81
CA CYS B 103 2.40 25.75 -18.43
C CYS B 103 2.86 26.67 -19.57
N PRO B 104 2.31 27.90 -19.60
CA PRO B 104 2.66 28.98 -20.53
C PRO B 104 4.12 29.39 -20.40
N ALA B 105 4.62 30.17 -21.36
CA ALA B 105 6.02 30.61 -21.37
C ALA B 105 6.41 31.46 -20.16
N GLU B 106 5.46 32.16 -19.56
CA GLU B 106 5.79 33.02 -18.42
C GLU B 106 5.77 32.28 -17.08
N PHE B 107 5.38 31.01 -17.14
CA PHE B 107 5.35 30.14 -15.98
C PHE B 107 6.40 29.03 -16.03
N GLU B 108 7.18 28.91 -14.96
CA GLU B 108 8.23 27.90 -14.89
C GLU B 108 7.74 26.66 -14.14
N SER B 109 6.85 26.85 -13.18
CA SER B 109 6.28 25.75 -12.42
C SER B 109 4.87 26.10 -11.95
N PRO B 110 3.98 25.10 -11.89
CA PRO B 110 2.58 25.33 -11.50
C PRO B 110 2.42 25.92 -10.11
N PRO B 111 1.72 27.04 -9.99
CA PRO B 111 1.41 27.67 -8.70
C PRO B 111 0.42 26.85 -7.90
N THR B 112 0.22 27.20 -6.63
CA THR B 112 -0.71 26.49 -5.76
C THR B 112 -1.74 27.44 -5.13
N LEU B 113 -3.01 27.23 -5.44
CA LEU B 113 -4.07 28.08 -4.88
C LEU B 113 -4.84 27.35 -3.78
N LEU B 114 -4.97 28.00 -2.62
CA LEU B 114 -5.74 27.46 -1.51
C LEU B 114 -7.09 28.16 -1.37
N PHE B 115 -8.14 27.51 -1.85
CA PHE B 115 -9.49 28.08 -1.85
C PHE B 115 -10.29 27.58 -0.65
N SER B 116 -10.71 28.49 0.22
CA SER B 116 -11.47 28.11 1.41
C SER B 116 -12.92 28.57 1.34
N LEU B 117 -13.82 27.68 1.75
CA LEU B 117 -15.25 27.99 1.83
C LEU B 117 -15.69 27.75 3.27
N ASP B 118 -15.76 28.82 4.05
CA ASP B 118 -16.02 28.71 5.48
C ASP B 118 -17.36 28.03 5.76
N GLY B 119 -17.33 27.07 6.70
CA GLY B 119 -18.53 26.40 7.16
C GLY B 119 -19.08 25.36 6.19
N PHE B 120 -18.24 24.89 5.28
CA PHE B 120 -18.65 23.86 4.33
C PHE B 120 -18.50 22.48 4.94
N ARG B 121 -19.52 22.02 5.65
CA ARG B 121 -19.48 20.69 6.26
C ARG B 121 -19.47 19.62 5.18
N ALA B 122 -18.78 18.51 5.46
CA ALA B 122 -18.56 17.45 4.49
C ALA B 122 -19.84 16.81 3.97
N GLU B 123 -20.89 16.80 4.78
CA GLU B 123 -22.16 16.20 4.38
C GLU B 123 -22.79 16.94 3.20
N TYR B 124 -22.43 18.21 3.03
CA TYR B 124 -22.95 19.02 1.93
C TYR B 124 -22.66 18.40 0.57
N LEU B 125 -21.41 18.06 0.32
CA LEU B 125 -21.02 17.47 -0.97
C LEU B 125 -21.56 16.04 -1.11
N HIS B 126 -21.71 15.34 0.01
CA HIS B 126 -22.26 14.00 -0.01
C HIS B 126 -23.68 14.02 -0.54
N THR B 127 -24.48 14.96 -0.02
CA THR B 127 -25.88 15.04 -0.34
C THR B 127 -26.19 15.92 -1.54
N TRP B 128 -25.62 17.13 -1.55
CA TRP B 128 -25.95 18.08 -2.61
C TRP B 128 -24.92 18.16 -3.72
N GLY B 129 -24.33 17.02 -4.08
CA GLY B 129 -23.36 16.97 -5.16
C GLY B 129 -23.95 17.26 -6.53
N GLY B 130 -25.18 16.82 -6.75
CA GLY B 130 -25.86 16.99 -8.03
C GLY B 130 -26.30 18.42 -8.29
N LEU B 131 -26.27 19.22 -7.24
CA LEU B 131 -26.64 20.62 -7.31
C LEU B 131 -25.39 21.46 -7.43
N LEU B 132 -24.24 20.81 -7.30
CA LEU B 132 -22.96 21.48 -7.37
C LEU B 132 -22.14 20.85 -8.49
N PRO B 133 -22.40 21.27 -9.74
CA PRO B 133 -21.80 20.72 -10.95
C PRO B 133 -20.30 21.01 -11.06
N VAL B 134 -19.88 22.18 -10.61
CA VAL B 134 -18.48 22.56 -10.68
C VAL B 134 -17.62 21.75 -9.71
N ILE B 135 -18.06 21.71 -8.46
CA ILE B 135 -17.35 20.99 -7.41
C ILE B 135 -17.31 19.50 -7.69
N SER B 136 -18.38 18.95 -8.24
CA SER B 136 -18.41 17.52 -8.53
C SER B 136 -17.37 17.15 -9.58
N LYS B 137 -17.14 18.03 -10.55
CA LYS B 137 -16.12 17.74 -11.55
C LYS B 137 -14.73 17.81 -10.92
N LEU B 138 -14.56 18.78 -10.03
CA LEU B 138 -13.32 18.92 -9.28
C LEU B 138 -13.07 17.68 -8.41
N LYS B 139 -14.15 17.10 -7.91
CA LYS B 139 -14.07 15.86 -7.14
C LYS B 139 -13.65 14.71 -8.04
N ASN B 140 -14.32 14.60 -9.18
CA ASN B 140 -14.13 13.51 -10.12
C ASN B 140 -12.80 13.53 -10.88
N CYS B 141 -12.18 14.69 -10.98
CA CYS B 141 -10.93 14.79 -11.72
C CYS B 141 -9.74 15.08 -10.80
N GLY B 142 -9.99 15.09 -9.49
CA GLY B 142 -8.93 15.40 -8.54
C GLY B 142 -8.89 14.41 -7.38
N THR B 143 -8.20 14.80 -6.31
CA THR B 143 -8.12 13.96 -5.11
C THR B 143 -9.10 14.44 -4.05
N TYR B 144 -10.04 13.57 -3.69
CA TYR B 144 -11.12 13.92 -2.77
C TYR B 144 -11.11 12.98 -1.57
N THR B 145 -11.62 13.47 -0.44
CA THR B 145 -11.77 12.66 0.76
C THR B 145 -13.16 12.93 1.37
N LYS B 146 -13.91 11.86 1.60
CA LYS B 146 -15.25 11.95 2.17
C LYS B 146 -15.30 12.86 3.40
N ASN B 147 -14.34 12.71 4.29
CA ASN B 147 -14.31 13.52 5.50
C ASN B 147 -12.90 13.98 5.82
N MET B 148 -12.74 15.27 6.08
CA MET B 148 -11.46 15.78 6.55
C MET B 148 -11.60 16.25 7.98
N ARG B 149 -10.92 15.57 8.89
CA ARG B 149 -11.05 15.86 10.31
C ARG B 149 -10.32 17.16 10.67
N PRO B 150 -11.07 18.13 11.22
CA PRO B 150 -10.51 19.42 11.61
C PRO B 150 -9.97 19.36 13.03
N MET B 151 -9.56 20.50 13.56
CA MET B 151 -9.02 20.54 14.92
C MET B 151 -10.07 20.99 15.93
N TYR B 152 -9.72 20.85 17.20
CA TYR B 152 -10.61 21.23 18.30
C TYR B 152 -10.13 22.51 18.97
N PRO B 153 -11.06 23.44 19.24
CA PRO B 153 -12.49 23.40 18.88
C PRO B 153 -12.73 23.69 17.41
N THR B 154 -13.91 23.33 16.92
CA THR B 154 -14.24 23.49 15.50
C THR B 154 -14.69 24.92 15.20
N LYS B 155 -13.73 25.84 15.19
CA LYS B 155 -14.01 27.26 14.92
C LYS B 155 -13.17 27.73 13.73
N THR B 156 -13.54 28.84 13.12
CA THR B 156 -12.89 29.34 11.91
C THR B 156 -11.39 29.63 12.05
N PHE B 157 -11.07 30.60 12.88
CA PHE B 157 -9.69 31.04 13.07
C PHE B 157 -8.68 29.97 13.52
N PRO B 158 -9.03 29.16 14.53
CA PRO B 158 -8.05 28.13 14.93
C PRO B 158 -7.75 27.15 13.80
N ASN B 159 -8.79 26.71 13.09
CA ASN B 159 -8.63 25.75 12.00
C ASN B 159 -7.94 26.36 10.79
N HIS B 160 -8.36 27.55 10.38
CA HIS B 160 -7.75 28.24 9.25
C HIS B 160 -6.26 28.46 9.49
N TYR B 161 -5.88 28.68 10.74
CA TYR B 161 -4.49 28.90 11.09
C TYR B 161 -3.74 27.58 11.27
N SER B 162 -4.46 26.54 11.66
CA SER B 162 -3.86 25.22 11.79
C SER B 162 -3.56 24.62 10.42
N ILE B 163 -4.37 24.98 9.44
CA ILE B 163 -4.17 24.55 8.06
C ILE B 163 -2.85 25.07 7.53
N VAL B 164 -2.61 26.37 7.73
CA VAL B 164 -1.41 27.02 7.18
C VAL B 164 -0.19 26.89 8.08
N THR B 165 -0.36 26.28 9.25
CA THR B 165 0.77 26.07 10.15
C THR B 165 1.06 24.59 10.41
N GLY B 166 0.04 23.75 10.23
CA GLY B 166 0.18 22.33 10.50
C GLY B 166 0.40 22.04 11.96
N LEU B 167 0.00 22.99 12.81
CA LEU B 167 0.20 22.85 14.25
C LEU B 167 -1.13 22.68 14.95
N TYR B 168 -1.10 22.03 16.10
CA TYR B 168 -2.26 21.96 16.97
C TYR B 168 -2.51 23.36 17.51
N PRO B 169 -3.78 23.73 17.70
CA PRO B 169 -4.17 25.04 18.24
C PRO B 169 -3.52 25.36 19.59
N GLU B 170 -3.25 24.33 20.39
CA GLU B 170 -2.62 24.52 21.69
C GLU B 170 -1.19 25.01 21.53
N SER B 171 -0.66 24.94 20.32
CA SER B 171 0.74 25.27 20.06
C SER B 171 0.88 26.53 19.20
N HIS B 172 -0.13 26.83 18.38
CA HIS B 172 -0.03 28.01 17.52
C HIS B 172 -0.70 29.24 18.12
N GLY B 173 -1.28 29.09 19.30
CA GLY B 173 -1.80 30.21 20.07
C GLY B 173 -3.26 30.57 19.92
N ILE B 174 -3.82 30.33 18.73
CA ILE B 174 -5.22 30.67 18.47
C ILE B 174 -6.18 29.57 18.91
N ILE B 175 -6.60 29.62 20.17
CA ILE B 175 -7.43 28.59 20.77
C ILE B 175 -8.88 28.69 20.29
N ASP B 176 -9.42 29.90 20.25
CA ASP B 176 -10.80 30.10 19.83
C ASP B 176 -10.94 31.45 19.13
N ASN B 177 -12.10 31.70 18.52
CA ASN B 177 -12.39 33.01 17.94
C ASN B 177 -12.39 34.10 19.00
N LYS B 178 -12.95 33.79 20.17
CA LYS B 178 -12.92 34.72 21.29
C LYS B 178 -12.22 34.01 22.44
N MET B 179 -11.10 34.57 22.87
CA MET B 179 -10.29 33.96 23.92
C MET B 179 -9.55 35.01 24.71
N TYR B 180 -8.87 34.57 25.78
CA TYR B 180 -8.19 35.50 26.67
C TYR B 180 -6.85 34.96 27.17
N ASP B 181 -5.86 35.84 27.22
CA ASP B 181 -4.53 35.51 27.71
C ASP B 181 -4.29 36.14 29.08
N PRO B 182 -4.09 35.30 30.11
CA PRO B 182 -3.88 35.75 31.49
C PRO B 182 -2.58 36.53 31.68
N LYS B 183 -1.49 36.07 31.06
CA LYS B 183 -0.19 36.71 31.21
C LYS B 183 -0.13 38.10 30.55
N MET B 184 -0.72 38.21 29.37
CA MET B 184 -0.71 39.47 28.63
C MET B 184 -1.76 40.46 29.13
N ASN B 185 -2.75 39.96 29.88
CA ASN B 185 -3.89 40.77 30.33
C ASN B 185 -4.64 41.44 29.17
N ALA B 186 -4.95 40.66 28.15
CA ALA B 186 -5.63 41.17 26.97
C ALA B 186 -6.60 40.14 26.38
N SER B 187 -7.73 40.61 25.87
CA SER B 187 -8.74 39.73 25.27
C SER B 187 -8.57 39.66 23.76
N PHE B 188 -9.20 38.67 23.13
CA PHE B 188 -9.10 38.51 21.68
C PHE B 188 -10.45 38.40 20.98
N SER B 189 -10.57 39.05 19.82
CA SER B 189 -11.80 38.98 19.02
C SER B 189 -11.50 39.31 17.56
N LEU B 190 -12.34 38.82 16.66
CA LEU B 190 -12.17 39.08 15.23
C LEU B 190 -12.45 40.55 14.90
N LYS B 191 -13.48 41.10 15.53
CA LYS B 191 -13.81 42.51 15.38
C LYS B 191 -13.21 43.26 16.56
N SER B 192 -11.89 43.35 16.57
CA SER B 192 -11.15 43.98 17.66
C SER B 192 -9.79 44.46 17.18
N LYS B 193 -9.20 45.40 17.89
CA LYS B 193 -7.89 45.91 17.52
C LYS B 193 -6.80 44.92 17.91
N GLU B 194 -7.11 44.05 18.88
CA GLU B 194 -6.15 43.04 19.34
C GLU B 194 -5.90 41.92 18.33
N LYS B 195 -6.79 41.78 17.36
CA LYS B 195 -6.63 40.77 16.32
C LYS B 195 -5.33 40.95 15.53
N PHE B 196 -4.99 42.20 15.27
CA PHE B 196 -3.83 42.54 14.46
C PHE B 196 -2.55 42.58 15.28
N ASN B 197 -2.61 42.07 16.50
CA ASN B 197 -1.46 42.00 17.38
C ASN B 197 -0.65 40.72 17.15
N PRO B 198 0.60 40.87 16.70
CA PRO B 198 1.52 39.77 16.35
C PRO B 198 1.91 38.91 17.54
N LEU B 199 1.56 39.33 18.75
CA LEU B 199 1.92 38.59 19.96
C LEU B 199 1.03 37.37 20.22
N TRP B 200 -0.06 37.26 19.47
CA TRP B 200 -0.98 36.13 19.63
C TRP B 200 -0.53 34.92 18.82
N TYR B 201 -0.12 35.19 17.58
CA TYR B 201 0.23 34.16 16.61
C TYR B 201 1.62 33.59 16.79
N LYS B 202 1.69 32.32 17.21
CA LYS B 202 2.96 31.62 17.35
C LYS B 202 3.18 30.69 16.16
N GLY B 203 4.27 29.93 16.20
CA GLY B 203 4.57 29.00 15.12
C GLY B 203 4.99 29.75 13.86
N GLN B 204 4.86 29.11 12.71
CA GLN B 204 5.24 29.71 11.45
C GLN B 204 4.33 29.30 10.29
N PRO B 205 3.45 30.23 9.87
CA PRO B 205 2.54 29.96 8.74
C PRO B 205 3.29 29.82 7.42
N ILE B 206 2.61 29.26 6.42
CA ILE B 206 3.23 28.90 5.14
C ILE B 206 3.81 30.08 4.34
N TRP B 207 3.15 31.24 4.39
CA TRP B 207 3.60 32.42 3.66
C TRP B 207 4.90 32.99 4.22
N VAL B 208 5.10 32.79 5.53
CA VAL B 208 6.34 33.18 6.20
C VAL B 208 7.46 32.22 5.78
N THR B 209 7.12 30.93 5.71
CA THR B 209 8.04 29.89 5.28
C THR B 209 8.54 30.11 3.85
N ALA B 210 7.61 30.46 2.95
CA ALA B 210 7.94 30.72 1.56
C ALA B 210 8.86 31.92 1.43
N ASN B 211 8.65 32.92 2.29
CA ASN B 211 9.44 34.14 2.28
C ASN B 211 10.89 33.92 2.67
N HIS B 212 11.12 33.03 3.64
CA HIS B 212 12.48 32.73 4.09
C HIS B 212 13.24 31.96 3.01
N GLN B 213 12.49 31.32 2.12
CA GLN B 213 13.05 30.53 1.02
C GLN B 213 12.79 31.14 -0.36
N GLU B 214 12.64 32.46 -0.37
CA GLU B 214 12.52 33.25 -1.61
C GLU B 214 11.34 32.87 -2.50
N VAL B 215 10.14 32.79 -1.92
CA VAL B 215 8.94 32.53 -2.68
C VAL B 215 7.86 33.57 -2.39
N LYS B 216 7.44 34.30 -3.42
CA LYS B 216 6.45 35.36 -3.25
C LYS B 216 5.09 34.73 -2.96
N SER B 217 4.26 35.44 -2.20
CA SER B 217 2.95 34.91 -1.83
C SER B 217 1.90 36.02 -1.82
N GLY B 218 0.76 35.74 -2.45
CA GLY B 218 -0.34 36.68 -2.52
C GLY B 218 -1.63 36.16 -1.93
N THR B 219 -2.01 36.72 -0.77
CA THR B 219 -3.17 36.23 -0.05
C THR B 219 -4.38 37.17 -0.14
N TYR B 220 -5.55 36.61 0.15
CA TYR B 220 -6.79 37.36 0.15
C TYR B 220 -7.71 36.83 1.25
N PHE B 221 -7.77 37.56 2.36
CA PHE B 221 -8.65 37.24 3.50
C PHE B 221 -8.36 35.91 4.19
N TRP B 222 -7.10 35.61 4.49
CA TRP B 222 -6.83 34.42 5.27
C TRP B 222 -6.48 34.85 6.68
N PRO B 223 -7.07 34.18 7.69
CA PRO B 223 -6.81 34.52 9.09
C PRO B 223 -5.32 34.50 9.40
N GLY B 224 -4.77 35.67 9.73
CA GLY B 224 -3.36 35.79 10.05
C GLY B 224 -2.56 36.43 8.94
N SER B 225 -3.21 36.69 7.80
CA SER B 225 -2.53 37.29 6.66
C SER B 225 -2.39 38.81 6.74
N ASP B 226 -3.37 39.49 7.34
CA ASP B 226 -3.31 40.93 7.50
C ASP B 226 -2.21 41.29 8.51
N VAL B 227 -2.10 40.47 9.55
CA VAL B 227 -1.12 40.68 10.61
C VAL B 227 0.27 40.17 10.26
N GLU B 228 1.31 40.85 10.75
CA GLU B 228 2.68 40.43 10.51
C GLU B 228 3.21 39.48 11.57
N ILE B 229 3.61 38.29 11.13
CA ILE B 229 4.19 37.28 12.01
C ILE B 229 5.69 37.25 11.72
N ASP B 230 6.52 37.35 12.77
CA ASP B 230 7.98 37.41 12.61
C ASP B 230 8.41 38.56 11.70
N GLY B 231 7.63 39.64 11.72
CA GLY B 231 7.91 40.80 10.90
C GLY B 231 7.73 40.54 9.42
N ILE B 232 6.97 39.50 9.10
CA ILE B 232 6.75 39.12 7.72
C ILE B 232 5.28 39.24 7.35
N LEU B 233 5.03 39.83 6.19
CA LEU B 233 3.68 39.93 5.66
C LEU B 233 3.73 39.37 4.26
N PRO B 234 2.63 38.72 3.83
CA PRO B 234 2.60 38.24 2.44
C PRO B 234 2.81 39.39 1.47
N ASP B 235 3.52 39.11 0.38
CA ASP B 235 3.92 40.12 -0.61
C ASP B 235 2.72 40.87 -1.16
N ILE B 236 1.59 40.20 -1.25
CA ILE B 236 0.34 40.85 -1.60
C ILE B 236 -0.73 40.37 -0.64
N TYR B 237 -1.24 41.30 0.17
CA TYR B 237 -2.25 40.97 1.17
C TYR B 237 -3.40 41.96 1.14
N LYS B 238 -4.46 41.61 1.86
CA LYS B 238 -5.62 42.48 1.96
C LYS B 238 -6.22 42.36 3.36
N VAL B 239 -6.25 43.47 4.09
CA VAL B 239 -6.86 43.52 5.40
C VAL B 239 -8.32 43.14 5.29
N TYR B 240 -8.79 42.28 6.19
CA TYR B 240 -10.12 41.68 6.05
C TYR B 240 -11.22 42.72 5.98
N ASN B 241 -12.04 42.60 4.93
CA ASN B 241 -13.19 43.46 4.73
C ASN B 241 -14.30 42.57 4.19
N GLY B 242 -15.19 42.14 5.08
CA GLY B 242 -16.26 41.22 4.73
C GLY B 242 -17.32 41.77 3.80
N SER B 243 -17.25 43.06 3.53
CA SER B 243 -18.23 43.70 2.66
C SER B 243 -17.90 43.52 1.19
N VAL B 244 -16.66 43.13 0.92
CA VAL B 244 -16.20 42.92 -0.46
C VAL B 244 -16.93 41.74 -1.13
N PRO B 245 -17.59 42.02 -2.26
CA PRO B 245 -18.35 41.01 -3.01
C PRO B 245 -17.42 39.89 -3.49
N PHE B 246 -17.94 38.67 -3.52
CA PHE B 246 -17.16 37.48 -3.84
C PHE B 246 -16.53 37.51 -5.22
N GLU B 247 -17.29 37.96 -6.22
CA GLU B 247 -16.81 38.00 -7.60
C GLU B 247 -15.54 38.85 -7.74
N GLU B 248 -15.44 39.85 -6.87
CA GLU B 248 -14.30 40.77 -6.87
C GLU B 248 -13.04 40.14 -6.27
N ARG B 249 -13.24 39.18 -5.37
CA ARG B 249 -12.12 38.49 -4.73
C ARG B 249 -11.39 37.60 -5.73
N ILE B 250 -12.16 36.93 -6.57
CA ILE B 250 -11.62 36.04 -7.58
C ILE B 250 -10.82 36.83 -8.60
N LEU B 251 -11.41 37.94 -9.07
CA LEU B 251 -10.78 38.79 -10.07
C LEU B 251 -9.48 39.39 -9.54
N ALA B 252 -9.44 39.66 -8.24
CA ALA B 252 -8.24 40.22 -7.62
C ALA B 252 -7.08 39.23 -7.76
N VAL B 253 -7.38 37.95 -7.53
CA VAL B 253 -6.39 36.89 -7.65
C VAL B 253 -6.01 36.60 -9.10
N LEU B 254 -7.01 36.63 -9.97
CA LEU B 254 -6.80 36.42 -11.40
C LEU B 254 -5.91 37.47 -12.05
N GLU B 255 -5.97 38.70 -11.54
CA GLU B 255 -5.14 39.79 -12.05
C GLU B 255 -3.67 39.63 -11.66
N TRP B 256 -3.44 39.06 -10.49
CA TRP B 256 -2.08 38.83 -10.00
C TRP B 256 -1.38 37.75 -10.83
N LEU B 257 -2.17 36.80 -11.32
CA LEU B 257 -1.67 35.73 -12.16
C LEU B 257 -1.11 36.25 -13.49
N GLN B 258 -1.40 37.51 -13.79
CA GLN B 258 -1.00 38.12 -15.05
C GLN B 258 0.24 38.98 -14.88
N LEU B 259 0.70 39.11 -13.63
CA LEU B 259 1.89 39.87 -13.29
C LEU B 259 3.15 39.30 -13.94
N PRO B 260 4.16 40.16 -14.19
CA PRO B 260 5.44 39.74 -14.76
C PRO B 260 6.06 38.61 -13.95
N SER B 261 6.87 37.78 -14.60
CA SER B 261 7.43 36.59 -13.98
C SER B 261 8.21 36.84 -12.69
N HIS B 262 8.74 38.05 -12.52
CA HIS B 262 9.53 38.36 -11.34
C HIS B 262 8.74 38.91 -10.14
N GLU B 263 7.56 39.47 -10.40
CA GLU B 263 6.77 40.08 -9.33
C GLU B 263 5.45 39.36 -9.09
N ARG B 264 5.32 38.15 -9.67
CA ARG B 264 4.11 37.34 -9.55
C ARG B 264 4.25 36.28 -8.46
N PRO B 265 3.27 36.25 -7.53
CA PRO B 265 3.26 35.27 -6.44
C PRO B 265 3.12 33.84 -6.94
N HIS B 266 3.61 32.89 -6.16
CA HIS B 266 3.56 31.48 -6.53
C HIS B 266 2.57 30.75 -5.64
N PHE B 267 2.21 31.38 -4.52
CA PHE B 267 1.22 30.83 -3.59
C PHE B 267 0.07 31.80 -3.39
N TYR B 268 -1.16 31.28 -3.43
CA TYR B 268 -2.36 32.12 -3.37
C TYR B 268 -3.39 31.57 -2.38
N THR B 269 -4.16 32.47 -1.78
CA THR B 269 -5.26 32.07 -0.89
C THR B 269 -6.57 32.75 -1.29
N LEU B 270 -7.69 32.09 -0.98
CA LEU B 270 -9.02 32.65 -1.21
C LEU B 270 -9.96 32.26 -0.09
N TYR B 271 -10.75 33.23 0.39
CA TYR B 271 -11.67 32.97 1.49
C TYR B 271 -13.07 33.52 1.25
N LEU B 272 -14.06 32.70 1.54
CA LEU B 272 -15.47 33.08 1.45
C LEU B 272 -16.17 32.76 2.77
N GLU B 273 -17.05 33.64 3.22
CA GLU B 273 -17.76 33.44 4.49
C GLU B 273 -18.88 32.41 4.38
N GLU B 274 -19.18 32.01 3.14
CA GLU B 274 -20.21 31.02 2.87
C GLU B 274 -19.58 29.63 2.71
N PRO B 275 -20.33 28.57 3.06
CA PRO B 275 -21.71 28.62 3.57
C PRO B 275 -21.82 28.68 5.09
N ASP B 276 -20.82 29.25 5.77
CA ASP B 276 -20.90 29.36 7.22
C ASP B 276 -22.00 30.34 7.63
N SER B 277 -22.05 31.48 6.94
CA SER B 277 -23.03 32.54 7.23
C SER B 277 -24.47 32.08 7.07
N SER B 278 -24.79 31.46 5.94
CA SER B 278 -26.13 30.95 5.69
C SER B 278 -26.44 29.76 6.58
N GLY B 279 -25.39 29.06 7.00
CA GLY B 279 -25.51 27.90 7.85
C GLY B 279 -25.94 28.28 9.26
N HIS B 280 -25.39 29.38 9.76
CA HIS B 280 -25.72 29.86 11.09
C HIS B 280 -27.16 30.38 11.18
N SER B 281 -27.54 31.25 10.25
CA SER B 281 -28.80 31.99 10.35
C SER B 281 -30.05 31.17 10.02
N HIS B 282 -29.88 30.07 9.30
CA HIS B 282 -31.03 29.29 8.86
C HIS B 282 -30.89 27.79 9.11
N GLY B 283 -29.67 27.36 9.43
CA GLY B 283 -29.41 25.98 9.74
C GLY B 283 -28.79 25.22 8.58
N PRO B 284 -28.10 24.10 8.89
CA PRO B 284 -27.40 23.23 7.94
C PRO B 284 -28.33 22.64 6.88
N VAL B 285 -29.57 22.37 7.26
CA VAL B 285 -30.57 21.83 6.35
C VAL B 285 -31.62 22.84 5.90
N SER B 286 -31.21 24.08 5.69
CA SER B 286 -32.13 25.15 5.28
C SER B 286 -32.29 25.23 3.76
N SER B 287 -33.22 26.05 3.31
CA SER B 287 -33.43 26.28 1.89
C SER B 287 -32.37 27.27 1.41
N GLU B 288 -31.89 28.07 2.36
CA GLU B 288 -30.92 29.13 2.07
C GLU B 288 -29.51 28.59 1.85
N VAL B 289 -29.16 27.48 2.49
CA VAL B 289 -27.83 26.91 2.30
C VAL B 289 -27.66 26.27 0.93
N ILE B 290 -28.73 25.68 0.40
CA ILE B 290 -28.68 25.13 -0.95
C ILE B 290 -28.43 26.27 -1.94
N LYS B 291 -29.14 27.38 -1.74
CA LYS B 291 -28.93 28.57 -2.54
C LYS B 291 -27.53 29.13 -2.31
N ALA B 292 -27.03 28.98 -1.10
CA ALA B 292 -25.67 29.43 -0.76
C ALA B 292 -24.65 28.50 -1.40
N LEU B 293 -24.93 27.21 -1.35
CA LEU B 293 -24.06 26.20 -1.95
C LEU B 293 -23.98 26.40 -3.46
N GLN B 294 -25.11 26.69 -4.09
CA GLN B 294 -25.13 26.94 -5.53
C GLN B 294 -24.37 28.23 -5.88
N LYS B 295 -24.48 29.25 -5.03
CA LYS B 295 -23.77 30.50 -5.25
C LYS B 295 -22.26 30.29 -5.13
N VAL B 296 -21.84 29.56 -4.11
CA VAL B 296 -20.42 29.30 -3.92
C VAL B 296 -19.91 28.36 -5.01
N ASP B 297 -20.77 27.47 -5.50
CA ASP B 297 -20.38 26.54 -6.55
C ASP B 297 -20.10 27.23 -7.88
N ARG B 298 -20.93 28.20 -8.24
CA ARG B 298 -20.75 28.92 -9.48
C ARG B 298 -19.51 29.82 -9.39
N LEU B 299 -19.22 30.28 -8.18
CA LEU B 299 -18.07 31.16 -7.94
C LEU B 299 -16.75 30.42 -8.18
N VAL B 300 -16.72 29.14 -7.83
CA VAL B 300 -15.56 28.29 -8.10
C VAL B 300 -15.50 28.04 -9.61
N GLY B 301 -16.68 27.90 -10.20
CA GLY B 301 -16.83 27.73 -11.63
C GLY B 301 -16.30 28.95 -12.37
N MET B 302 -16.53 30.12 -11.78
CA MET B 302 -16.05 31.37 -12.37
C MET B 302 -14.53 31.42 -12.30
N LEU B 303 -13.95 30.83 -11.26
CA LEU B 303 -12.50 30.73 -11.15
C LEU B 303 -11.94 29.81 -12.25
N MET B 304 -12.55 28.63 -12.40
CA MET B 304 -12.09 27.66 -13.39
C MET B 304 -12.22 28.17 -14.81
N ASP B 305 -13.33 28.84 -15.12
CA ASP B 305 -13.51 29.41 -16.45
C ASP B 305 -12.46 30.49 -16.70
N GLY B 306 -12.11 31.22 -15.65
CA GLY B 306 -11.09 32.25 -15.69
C GLY B 306 -9.68 31.73 -15.88
N LEU B 307 -9.40 30.59 -15.25
CA LEU B 307 -8.10 29.94 -15.38
C LEU B 307 -7.92 29.41 -16.79
N LYS B 308 -9.02 28.98 -17.39
CA LYS B 308 -9.01 28.42 -18.73
C LYS B 308 -8.71 29.53 -19.75
N ASP B 309 -9.28 30.71 -19.53
CA ASP B 309 -9.05 31.84 -20.43
C ASP B 309 -7.63 32.38 -20.31
N LEU B 310 -6.94 32.03 -19.23
CA LEU B 310 -5.56 32.43 -19.03
C LEU B 310 -4.60 31.29 -19.40
N GLY B 311 -5.16 30.15 -19.79
CA GLY B 311 -4.37 28.99 -20.16
C GLY B 311 -3.63 28.39 -18.99
N LEU B 312 -4.28 28.36 -17.83
CA LEU B 312 -3.65 27.86 -16.61
C LEU B 312 -4.47 26.75 -15.95
N ASP B 313 -5.50 26.30 -16.65
CA ASP B 313 -6.39 25.26 -16.13
C ASP B 313 -5.66 23.92 -15.97
N LYS B 314 -4.54 23.78 -16.68
CA LYS B 314 -3.69 22.61 -16.54
C LYS B 314 -2.31 23.01 -16.04
N CYS B 315 -2.26 24.10 -15.28
CA CYS B 315 -1.01 24.61 -14.74
C CYS B 315 -1.19 25.14 -13.32
N LEU B 316 -2.26 24.74 -12.65
CA LEU B 316 -2.49 25.21 -11.29
C LEU B 316 -2.91 24.08 -10.36
N ASN B 317 -2.30 24.06 -9.17
CA ASN B 317 -2.72 23.14 -8.13
C ASN B 317 -3.75 23.82 -7.23
N LEU B 318 -4.98 23.32 -7.27
CA LEU B 318 -6.06 23.89 -6.48
C LEU B 318 -6.42 23.00 -5.29
N ILE B 319 -6.51 23.60 -4.11
CA ILE B 319 -6.97 22.88 -2.94
C ILE B 319 -8.23 23.54 -2.37
N LEU B 320 -9.38 22.98 -2.71
CA LEU B 320 -10.65 23.51 -2.23
C LEU B 320 -10.98 22.90 -0.87
N ILE B 321 -10.83 23.71 0.18
CA ILE B 321 -10.88 23.23 1.54
C ILE B 321 -11.87 24.03 2.39
N SER B 322 -12.17 23.54 3.60
CA SER B 322 -12.97 24.29 4.56
C SER B 322 -12.40 24.12 5.97
N ASP B 323 -12.81 24.99 6.87
CA ASP B 323 -12.28 25.03 8.24
C ASP B 323 -12.99 24.08 9.19
N HIS B 324 -14.31 23.97 9.03
CA HIS B 324 -15.12 23.18 9.92
C HIS B 324 -16.48 22.85 9.32
N GLY B 325 -17.35 22.27 10.15
CA GLY B 325 -18.69 21.92 9.72
C GLY B 325 -19.75 22.84 10.27
N MET B 326 -20.97 22.32 10.36
CA MET B 326 -22.12 23.08 10.83
C MET B 326 -23.12 22.11 11.45
N GLU B 327 -23.64 22.45 12.61
CA GLU B 327 -24.60 21.60 13.30
C GLU B 327 -25.85 22.37 13.66
N GLN B 328 -27.00 21.70 13.61
CA GLN B 328 -28.26 22.34 13.95
C GLN B 328 -28.48 22.45 15.45
N GLY B 329 -28.48 23.69 15.93
CA GLY B 329 -28.72 24.00 17.32
C GLY B 329 -30.20 24.02 17.64
N SER B 330 -30.52 23.89 18.93
CA SER B 330 -31.91 23.88 19.36
C SER B 330 -32.05 24.62 20.68
N CYS B 331 -33.22 25.25 20.88
CA CYS B 331 -33.52 25.94 22.12
C CYS B 331 -33.71 24.95 23.26
N LYS B 332 -34.24 23.78 22.93
CA LYS B 332 -34.49 22.72 23.90
C LYS B 332 -33.18 22.08 24.32
N LYS B 333 -32.18 22.16 23.43
CA LYS B 333 -30.88 21.57 23.69
C LYS B 333 -29.79 22.59 24.04
N TYR B 334 -29.96 23.26 25.17
CA TYR B 334 -28.96 24.24 25.64
C TYR B 334 -28.76 24.10 27.15
N VAL B 335 -27.52 24.27 27.59
CA VAL B 335 -27.18 24.11 29.00
C VAL B 335 -26.82 25.44 29.64
N TYR B 336 -27.49 25.78 30.74
CA TYR B 336 -27.20 27.02 31.45
C TYR B 336 -26.63 26.75 32.84
N LEU B 337 -25.42 27.25 33.08
CA LEU B 337 -24.70 27.00 34.32
C LEU B 337 -25.39 27.60 35.54
N ASN B 338 -26.19 28.65 35.31
CA ASN B 338 -26.85 29.34 36.41
C ASN B 338 -27.79 28.42 37.18
N LYS B 339 -28.34 27.43 36.48
CA LYS B 339 -29.25 26.49 37.10
C LYS B 339 -28.57 25.65 38.17
N TYR B 340 -27.25 25.51 38.05
CA TYR B 340 -26.48 24.73 39.01
C TYR B 340 -25.59 25.57 39.93
N LEU B 341 -25.27 26.78 39.50
CA LEU B 341 -24.36 27.64 40.25
C LEU B 341 -25.08 28.87 40.82
N GLY B 342 -26.05 29.36 40.05
CA GLY B 342 -26.79 30.56 40.38
C GLY B 342 -26.27 31.75 39.62
N ASP B 343 -27.02 32.85 39.67
CA ASP B 343 -26.63 34.08 38.98
C ASP B 343 -25.41 34.75 39.61
N VAL B 344 -24.26 34.10 39.52
CA VAL B 344 -23.03 34.63 40.07
C VAL B 344 -22.37 35.50 39.02
N ASN B 345 -21.54 36.43 39.45
CA ASN B 345 -20.89 37.34 38.52
C ASN B 345 -19.38 37.33 38.68
N ASN B 346 -18.88 36.36 39.45
CA ASN B 346 -17.45 36.23 39.67
C ASN B 346 -16.80 35.38 38.60
N VAL B 347 -17.62 34.78 37.73
CA VAL B 347 -17.09 33.91 36.68
C VAL B 347 -17.61 34.29 35.29
N LYS B 348 -16.74 34.08 34.30
CA LYS B 348 -17.07 34.33 32.90
C LYS B 348 -17.06 33.02 32.12
N VAL B 349 -18.09 32.81 31.30
CA VAL B 349 -18.22 31.56 30.55
C VAL B 349 -18.24 31.88 29.06
N VAL B 350 -17.27 31.34 28.33
CA VAL B 350 -17.24 31.47 26.88
C VAL B 350 -18.19 30.47 26.26
N TYR B 351 -19.38 30.93 25.90
CA TYR B 351 -20.44 30.05 25.45
C TYR B 351 -20.10 29.30 24.18
N GLY B 352 -20.83 28.22 23.93
CA GLY B 352 -20.60 27.38 22.76
C GLY B 352 -20.52 25.93 23.17
N PRO B 353 -20.34 25.03 22.19
CA PRO B 353 -20.18 23.60 22.44
C PRO B 353 -18.81 23.28 23.02
N ALA B 354 -17.90 24.25 22.95
CA ALA B 354 -16.57 24.10 23.55
C ALA B 354 -16.33 25.19 24.58
N ALA B 355 -17.04 25.10 25.70
CA ALA B 355 -17.02 26.14 26.73
C ALA B 355 -15.77 26.10 27.60
N ARG B 356 -15.30 27.28 28.01
CA ARG B 356 -14.19 27.41 28.93
C ARG B 356 -14.57 28.38 30.04
N LEU B 357 -13.96 28.26 31.21
CA LEU B 357 -14.36 29.08 32.35
C LEU B 357 -13.19 29.79 33.03
N ARG B 358 -13.32 31.09 33.25
CA ARG B 358 -12.32 31.87 33.98
C ARG B 358 -12.98 32.82 34.98
N PRO B 359 -12.29 33.13 36.09
CA PRO B 359 -12.77 34.06 37.12
C PRO B 359 -12.79 35.51 36.64
N THR B 360 -13.62 36.34 37.28
CA THR B 360 -13.74 37.76 36.93
C THR B 360 -12.50 38.55 37.33
N ASP B 361 -12.00 38.29 38.53
CA ASP B 361 -10.79 38.95 39.01
C ASP B 361 -9.58 38.35 38.33
N VAL B 362 -9.18 38.93 37.21
CA VAL B 362 -8.13 38.35 36.39
C VAL B 362 -7.09 39.43 36.06
N PRO B 363 -5.79 39.07 36.14
CA PRO B 363 -5.24 37.77 36.48
C PRO B 363 -5.00 37.59 37.97
N GLU B 364 -5.75 38.35 38.78
CA GLU B 364 -5.62 38.28 40.23
C GLU B 364 -5.98 36.90 40.81
N THR B 365 -7.05 36.29 40.30
CA THR B 365 -7.48 35.00 40.81
C THR B 365 -7.52 33.91 39.74
N TYR B 366 -6.72 34.08 38.70
CA TYR B 366 -6.69 33.11 37.61
C TYR B 366 -6.15 31.74 38.00
N TYR B 367 -5.16 31.72 38.91
CA TYR B 367 -4.56 30.46 39.35
C TYR B 367 -4.92 30.13 40.80
N SER B 368 -5.15 31.17 41.60
CA SER B 368 -5.49 30.99 43.00
C SER B 368 -6.84 30.31 43.15
N PHE B 369 -7.72 30.58 42.19
CA PHE B 369 -9.04 29.99 42.16
C PHE B 369 -8.90 28.49 41.94
N ASN B 370 -9.49 27.69 42.82
CA ASN B 370 -9.45 26.25 42.64
C ASN B 370 -10.62 25.78 41.76
N TYR B 371 -10.29 25.39 40.53
CA TYR B 371 -11.30 24.97 39.57
C TYR B 371 -11.77 23.57 39.93
N GLU B 372 -10.89 22.83 40.60
CA GLU B 372 -11.14 21.44 40.98
C GLU B 372 -12.41 21.26 41.80
N ALA B 373 -12.66 22.20 42.72
CA ALA B 373 -13.85 22.16 43.56
C ALA B 373 -15.11 22.39 42.73
N LEU B 374 -15.03 23.36 41.82
CA LEU B 374 -16.15 23.70 40.96
C LEU B 374 -16.48 22.55 40.01
N ALA B 375 -15.44 21.87 39.53
CA ALA B 375 -15.60 20.74 38.62
C ALA B 375 -16.33 19.60 39.30
N LYS B 376 -15.99 19.32 40.56
CA LYS B 376 -16.64 18.26 41.30
C LYS B 376 -18.08 18.65 41.64
N ASN B 377 -18.31 19.96 41.74
CA ASN B 377 -19.62 20.49 42.06
C ASN B 377 -20.55 20.55 40.85
N LEU B 378 -19.99 20.37 39.65
CA LEU B 378 -20.76 20.44 38.42
C LEU B 378 -20.92 19.08 37.75
N SER B 379 -20.21 18.07 38.27
CA SER B 379 -20.23 16.75 37.65
C SER B 379 -21.34 15.85 38.20
N CYS B 380 -21.99 15.12 37.30
CA CYS B 380 -23.03 14.15 37.65
C CYS B 380 -24.18 14.78 38.42
N ARG B 381 -24.75 15.85 37.86
CA ARG B 381 -25.86 16.56 38.48
C ARG B 381 -27.19 16.15 37.85
N GLU B 382 -27.11 15.61 36.64
CA GLU B 382 -28.29 15.20 35.90
C GLU B 382 -28.34 13.71 35.62
N PRO B 383 -29.55 13.15 35.46
CA PRO B 383 -29.73 11.73 35.14
C PRO B 383 -29.06 11.39 33.80
N ASN B 384 -29.27 12.24 32.80
CA ASN B 384 -28.61 12.08 31.52
C ASN B 384 -27.90 13.37 31.13
N GLN B 385 -26.86 13.72 31.88
CA GLN B 385 -26.16 14.98 31.70
C GLN B 385 -25.51 15.02 30.32
N HIS B 386 -25.67 16.13 29.61
CA HIS B 386 -25.16 16.25 28.25
C HIS B 386 -23.84 17.03 28.19
N PHE B 387 -23.30 17.35 29.36
CA PHE B 387 -22.00 18.00 29.46
C PHE B 387 -21.19 17.37 30.58
N ARG B 388 -19.88 17.63 30.58
CA ARG B 388 -18.99 17.04 31.57
C ARG B 388 -17.84 17.98 31.89
N PRO B 389 -17.66 18.30 33.18
CA PRO B 389 -16.56 19.15 33.64
C PRO B 389 -15.21 18.46 33.50
N TYR B 390 -14.29 19.13 32.82
CA TYR B 390 -12.95 18.60 32.64
C TYR B 390 -11.87 19.62 32.98
N LEU B 391 -10.99 19.29 33.91
CA LEU B 391 -9.76 20.06 34.03
C LEU B 391 -9.04 19.76 32.71
N LYS B 392 -8.32 20.73 32.15
CA LYS B 392 -7.76 20.56 30.82
C LYS B 392 -6.80 19.37 30.63
N PRO B 393 -6.01 18.99 31.66
CA PRO B 393 -5.20 17.80 31.38
C PRO B 393 -6.00 16.49 31.43
N PHE B 394 -7.19 16.53 32.00
CA PHE B 394 -8.01 15.32 32.12
C PHE B 394 -8.86 15.11 30.86
N LEU B 395 -8.75 16.06 29.94
CA LEU B 395 -9.38 15.96 28.62
C LEU B 395 -8.79 14.84 27.80
N PRO B 396 -9.59 14.24 26.89
CA PRO B 396 -9.07 13.22 25.98
C PRO B 396 -7.85 13.75 25.21
N LYS B 397 -6.78 12.95 25.18
CA LYS B 397 -5.52 13.37 24.59
C LYS B 397 -5.58 13.61 23.08
N ARG B 398 -6.53 12.95 22.42
CA ARG B 398 -6.69 13.06 20.98
C ARG B 398 -7.02 14.49 20.54
N LEU B 399 -7.62 15.25 21.45
CA LEU B 399 -8.01 16.63 21.18
C LEU B 399 -6.80 17.55 21.18
N HIS B 400 -5.77 17.19 21.97
CA HIS B 400 -4.57 18.01 22.09
C HIS B 400 -4.87 19.45 22.50
N PHE B 401 -5.57 19.60 23.63
CA PHE B 401 -6.15 20.89 23.98
C PHE B 401 -5.91 21.23 25.44
N ALA B 402 -4.63 21.25 25.84
CA ALA B 402 -4.28 21.50 27.23
C ALA B 402 -3.10 22.46 27.38
N LYS B 403 -2.04 22.22 26.61
CA LYS B 403 -0.78 22.93 26.82
C LYS B 403 -0.75 24.30 26.16
N SER B 404 -1.62 25.19 26.61
CA SER B 404 -1.60 26.59 26.22
C SER B 404 -2.02 27.44 27.41
N ASP B 405 -1.46 28.64 27.51
CA ASP B 405 -1.84 29.57 28.57
C ASP B 405 -3.26 30.06 28.34
N ARG B 406 -3.62 30.20 27.07
CA ARG B 406 -4.91 30.76 26.71
C ARG B 406 -6.05 29.80 27.03
N ILE B 407 -5.75 28.50 27.08
CA ILE B 407 -6.78 27.52 27.46
C ILE B 407 -7.07 27.60 28.96
N GLU B 408 -8.34 27.76 29.30
CA GLU B 408 -8.77 27.82 30.70
C GLU B 408 -8.59 26.47 31.39
N PRO B 409 -8.18 26.49 32.68
CA PRO B 409 -7.99 25.24 33.43
C PRO B 409 -9.25 24.40 33.58
N LEU B 410 -10.41 24.98 33.29
CA LEU B 410 -11.67 24.24 33.30
C LEU B 410 -12.36 24.34 31.94
N THR B 411 -12.55 23.20 31.28
CA THR B 411 -13.22 23.17 29.98
C THR B 411 -14.49 22.32 30.04
N PHE B 412 -15.27 22.34 28.97
CA PHE B 412 -16.50 21.56 28.91
C PHE B 412 -16.67 20.76 27.63
N TYR B 413 -16.90 19.46 27.79
CA TYR B 413 -17.22 18.57 26.69
C TYR B 413 -18.73 18.34 26.63
N LEU B 414 -19.33 18.59 25.48
CA LEU B 414 -20.77 18.46 25.35
C LEU B 414 -21.18 17.38 24.36
N ASP B 415 -22.35 16.80 24.59
CA ASP B 415 -22.90 15.82 23.65
C ASP B 415 -23.19 16.55 22.34
N PRO B 416 -23.28 15.80 21.23
CA PRO B 416 -23.60 16.44 19.96
C PRO B 416 -24.93 17.20 20.01
N GLN B 417 -24.99 18.31 19.28
CA GLN B 417 -26.17 19.19 19.19
C GLN B 417 -26.50 19.94 20.49
N TRP B 418 -25.54 20.06 21.39
CA TRP B 418 -25.75 20.74 22.67
C TRP B 418 -24.72 21.85 22.90
N GLN B 419 -25.19 22.99 23.40
CA GLN B 419 -24.30 24.10 23.73
C GLN B 419 -24.44 24.49 25.21
N LEU B 420 -23.43 25.20 25.73
CA LEU B 420 -23.43 25.61 27.12
C LEU B 420 -23.16 27.11 27.29
N ALA B 421 -23.85 27.72 28.25
CA ALA B 421 -23.67 29.13 28.56
C ALA B 421 -23.97 29.42 30.03
N LEU B 422 -23.53 30.60 30.50
CA LEU B 422 -23.77 31.02 31.87
C LEU B 422 -25.23 31.44 32.08
N ASN B 423 -25.65 32.43 31.32
CA ASN B 423 -27.02 32.94 31.38
C ASN B 423 -27.67 32.92 30.01
N PRO B 424 -29.01 32.75 29.97
CA PRO B 424 -29.79 32.70 28.72
C PRO B 424 -29.69 33.98 27.88
N SER B 425 -29.08 35.02 28.43
CA SER B 425 -28.92 36.27 27.70
C SER B 425 -27.64 36.26 26.86
N TYR B 429 -28.12 33.45 19.94
CA TYR B 429 -29.36 32.72 19.72
C TYR B 429 -29.14 31.22 19.92
N CYS B 430 -30.21 30.51 20.29
CA CYS B 430 -30.14 29.10 20.66
C CYS B 430 -30.47 28.14 19.51
N GLY B 431 -31.34 28.56 18.61
CA GLY B 431 -31.80 27.69 17.53
C GLY B 431 -31.18 27.99 16.19
N SER B 432 -29.91 28.39 16.21
CA SER B 432 -29.17 28.68 14.99
C SER B 432 -28.11 27.61 14.71
N GLY B 433 -27.64 27.56 13.47
CA GLY B 433 -26.58 26.65 13.11
C GLY B 433 -25.29 27.00 13.81
N PHE B 434 -24.67 26.02 14.45
CA PHE B 434 -23.44 26.27 15.19
C PHE B 434 -22.35 25.25 14.87
N HIS B 435 -21.17 25.49 15.41
CA HIS B 435 -20.04 24.57 15.29
C HIS B 435 -19.07 24.84 16.44
N GLY B 436 -18.12 23.95 16.63
CA GLY B 436 -17.18 24.06 17.74
C GLY B 436 -17.17 22.77 18.55
N SER B 437 -18.05 21.86 18.17
CA SER B 437 -18.16 20.55 18.82
C SER B 437 -16.92 19.68 18.60
N ASP B 438 -16.95 18.49 19.20
CA ASP B 438 -15.85 17.51 19.08
C ASP B 438 -15.50 17.25 17.62
N ASN B 439 -14.21 17.25 17.31
CA ASN B 439 -13.74 17.11 15.93
C ASN B 439 -13.94 15.73 15.33
N LEU B 440 -14.47 14.80 16.13
CA LEU B 440 -14.78 13.46 15.66
C LEU B 440 -16.27 13.28 15.34
N PHE B 441 -17.04 14.34 15.55
CA PHE B 441 -18.47 14.30 15.23
C PHE B 441 -18.70 14.32 13.73
N SER B 442 -19.77 13.66 13.31
CA SER B 442 -20.07 13.49 11.89
C SER B 442 -20.25 14.82 11.18
N ASN B 443 -20.98 15.74 11.82
CA ASN B 443 -21.28 17.03 11.20
C ASN B 443 -20.21 18.11 11.41
N MET B 444 -19.14 17.77 12.13
CA MET B 444 -18.03 18.71 12.30
C MET B 444 -16.97 18.52 11.21
N GLN B 445 -17.17 17.50 10.38
CA GLN B 445 -16.21 17.17 9.32
C GLN B 445 -16.16 18.21 8.20
N ALA B 446 -14.95 18.40 7.66
CA ALA B 446 -14.69 19.43 6.65
C ALA B 446 -14.50 18.89 5.23
N LEU B 447 -14.25 19.80 4.30
CA LEU B 447 -14.10 19.49 2.88
C LEU B 447 -12.64 19.52 2.46
N PHE B 448 -12.27 18.63 1.54
CA PHE B 448 -10.94 18.68 0.92
C PHE B 448 -10.96 18.16 -0.51
N ILE B 449 -10.55 19.01 -1.45
CA ILE B 449 -10.37 18.60 -2.84
C ILE B 449 -9.07 19.11 -3.42
N GLY B 450 -8.21 18.20 -3.85
CA GLY B 450 -6.95 18.58 -4.48
C GLY B 450 -7.04 18.34 -5.97
N TYR B 451 -6.92 19.43 -6.73
CA TYR B 451 -6.98 19.36 -8.19
C TYR B 451 -5.78 20.05 -8.83
N GLY B 452 -5.33 19.51 -9.96
CA GLY B 452 -4.20 20.07 -10.67
C GLY B 452 -3.29 18.99 -11.23
N PRO B 453 -2.18 19.40 -11.86
CA PRO B 453 -1.21 18.46 -12.43
C PRO B 453 -0.54 17.61 -11.37
N ALA B 454 -0.44 18.15 -10.15
CA ALA B 454 0.24 17.46 -9.06
C ALA B 454 -0.65 16.43 -8.36
N PHE B 455 -1.96 16.56 -8.51
CA PHE B 455 -2.90 15.66 -7.86
C PHE B 455 -3.43 14.59 -8.79
N LYS B 456 -3.67 13.40 -8.25
CA LYS B 456 -4.23 12.31 -9.03
C LYS B 456 -5.65 12.65 -9.46
N HIS B 457 -6.15 11.91 -10.45
CA HIS B 457 -7.46 12.20 -11.03
C HIS B 457 -8.53 11.15 -10.70
N GLY B 458 -9.53 11.56 -9.94
CA GLY B 458 -10.62 10.69 -9.56
C GLY B 458 -10.23 9.74 -8.44
N ALA B 459 -9.29 10.18 -7.62
CA ALA B 459 -8.82 9.37 -6.49
C ALA B 459 -9.48 9.80 -5.19
N GLU B 460 -10.13 8.85 -4.52
CA GLU B 460 -10.74 9.12 -3.22
C GLU B 460 -9.92 8.45 -2.14
N VAL B 461 -9.38 9.25 -1.23
CA VAL B 461 -8.51 8.74 -0.17
C VAL B 461 -9.22 8.72 1.18
N ASP B 462 -8.58 8.11 2.17
CA ASP B 462 -9.16 8.01 3.51
C ASP B 462 -9.03 9.34 4.25
N SER B 463 -9.74 9.43 5.37
CA SER B 463 -9.80 10.67 6.14
C SER B 463 -8.44 11.04 6.72
N PHE B 464 -8.19 12.35 6.84
CA PHE B 464 -6.96 12.83 7.46
C PHE B 464 -7.15 14.16 8.15
N GLU B 465 -6.28 14.49 9.09
CA GLU B 465 -6.39 15.75 9.82
C GLU B 465 -5.88 16.88 8.94
N ASN B 466 -6.32 18.10 9.22
CA ASN B 466 -5.95 19.25 8.40
C ASN B 466 -4.53 19.76 8.66
N ILE B 467 -3.93 19.32 9.76
CA ILE B 467 -2.57 19.71 10.09
C ILE B 467 -1.55 18.97 9.21
N GLU B 468 -2.03 17.96 8.48
CA GLU B 468 -1.19 17.17 7.60
C GLU B 468 -1.03 17.91 6.29
N VAL B 469 -1.95 18.83 6.02
CA VAL B 469 -1.98 19.59 4.78
C VAL B 469 -0.80 20.57 4.66
N TYR B 470 -0.34 21.08 5.79
CA TYR B 470 0.80 22.00 5.83
C TYR B 470 2.02 21.46 5.11
N ASN B 471 2.39 20.22 5.43
CA ASN B 471 3.52 19.57 4.80
C ASN B 471 3.27 19.34 3.30
N LEU B 472 2.01 19.09 2.93
CA LEU B 472 1.66 18.91 1.54
C LEU B 472 1.96 20.18 0.74
N MET B 473 1.57 21.33 1.28
CA MET B 473 1.77 22.61 0.61
C MET B 473 3.25 23.01 0.55
N CYS B 474 4.03 22.55 1.52
CA CYS B 474 5.47 22.77 1.50
C CYS B 474 6.11 21.98 0.37
N ASP B 475 5.59 20.77 0.14
CA ASP B 475 6.06 19.90 -0.92
C ASP B 475 5.66 20.41 -2.31
N LEU B 476 4.54 21.12 -2.36
CA LEU B 476 4.03 21.67 -3.62
C LEU B 476 4.76 22.95 -4.04
N LEU B 477 5.37 23.63 -3.07
CA LEU B 477 6.06 24.88 -3.33
C LEU B 477 7.57 24.72 -3.25
N GLY B 478 8.02 23.50 -3.00
CA GLY B 478 9.44 23.22 -2.87
C GLY B 478 10.04 23.91 -1.66
N LEU B 479 9.35 23.78 -0.53
CA LEU B 479 9.77 24.44 0.69
C LEU B 479 10.16 23.41 1.73
N ILE B 480 11.15 23.74 2.56
CA ILE B 480 11.48 22.92 3.71
C ILE B 480 10.47 23.27 4.78
N PRO B 481 9.61 22.32 5.15
CA PRO B 481 8.53 22.63 6.08
C PRO B 481 9.06 22.98 7.46
N ALA B 482 8.42 23.95 8.12
CA ALA B 482 8.75 24.26 9.50
C ALA B 482 8.27 23.11 10.38
N PRO B 483 8.87 22.97 11.56
CA PRO B 483 8.47 21.93 12.52
C PRO B 483 7.00 22.02 12.88
N ASN B 484 6.21 21.07 12.39
CA ASN B 484 4.78 21.03 12.68
C ASN B 484 4.35 19.73 13.35
N ASN B 485 3.04 19.55 13.50
CA ASN B 485 2.51 18.38 14.19
C ASN B 485 2.06 17.30 13.20
N GLY B 486 2.18 17.60 11.91
CA GLY B 486 1.80 16.67 10.88
C GLY B 486 2.91 15.70 10.52
N SER B 487 2.54 14.44 10.28
CA SER B 487 3.48 13.41 9.86
C SER B 487 3.88 13.63 8.42
N HIS B 488 5.10 14.15 8.21
CA HIS B 488 5.54 14.51 6.88
C HIS B 488 5.61 13.30 5.96
N GLY B 489 4.83 13.33 4.89
CA GLY B 489 4.82 12.25 3.91
C GLY B 489 3.59 11.36 3.97
N SER B 490 2.72 11.61 4.96
CA SER B 490 1.53 10.77 5.14
C SER B 490 0.47 11.02 4.08
N LEU B 491 0.57 12.14 3.36
CA LEU B 491 -0.39 12.46 2.31
C LEU B 491 0.20 12.26 0.92
N ASN B 492 1.27 11.47 0.84
CA ASN B 492 1.94 11.20 -0.42
C ASN B 492 1.04 10.49 -1.45
N HIS B 493 0.03 9.78 -0.96
CA HIS B 493 -0.87 9.02 -1.82
C HIS B 493 -1.80 9.90 -2.65
N LEU B 494 -1.81 11.20 -2.34
CA LEU B 494 -2.63 12.17 -3.06
C LEU B 494 -1.91 12.65 -4.32
N LEU B 495 -0.58 12.64 -4.27
CA LEU B 495 0.24 13.21 -5.34
C LEU B 495 0.64 12.18 -6.40
N LYS B 496 0.78 12.65 -7.63
CA LYS B 496 1.30 11.84 -8.73
C LYS B 496 2.77 11.49 -8.48
N LYS B 497 3.59 12.51 -8.27
CA LYS B 497 5.00 12.33 -7.99
C LYS B 497 5.30 12.88 -6.60
N PRO B 498 5.33 12.01 -5.59
CA PRO B 498 5.62 12.41 -4.20
C PRO B 498 6.99 13.07 -4.11
N ILE B 499 7.08 14.14 -3.33
CA ILE B 499 8.33 14.88 -3.19
C ILE B 499 9.21 14.35 -2.06
N TYR B 500 8.60 14.10 -0.91
CA TYR B 500 9.35 13.64 0.26
C TYR B 500 9.10 12.16 0.53
N ASN B 501 10.17 11.39 0.65
CA ASN B 501 10.05 9.99 0.98
C ASN B 501 10.47 9.73 2.42
N PRO B 502 9.48 9.54 3.31
CA PRO B 502 9.67 9.41 4.76
C PRO B 502 10.39 8.13 5.17
N SER B 503 10.96 8.15 6.37
CA SER B 503 11.63 6.99 6.93
C SER B 503 11.16 6.79 8.37
N HIS B 504 11.37 5.60 8.91
CA HIS B 504 11.01 5.33 10.29
C HIS B 504 11.99 6.01 11.23
N PRO B 505 11.51 6.50 12.38
CA PRO B 505 12.39 7.16 13.34
C PRO B 505 13.40 6.17 13.91
N LYS B 506 14.67 6.55 13.90
CA LYS B 506 15.74 5.70 14.41
C LYS B 506 15.62 5.48 15.92
N GLU B 507 16.13 4.34 16.37
CA GLU B 507 16.05 3.99 17.78
C GLU B 507 17.17 4.67 18.56
N GLU B 508 16.80 5.59 19.43
CA GLU B 508 17.75 6.37 20.23
C GLU B 508 18.03 5.73 21.59
N GLY B 509 17.23 4.72 21.94
CA GLY B 509 17.36 4.04 23.21
C GLY B 509 18.59 3.17 23.36
N PHE B 510 19.14 3.17 24.57
CA PHE B 510 20.30 2.34 24.88
C PHE B 510 19.85 0.93 25.24
N LEU B 511 19.80 0.08 24.22
CA LEU B 511 19.27 -1.27 24.34
C LEU B 511 20.26 -2.21 25.02
N SER B 512 19.87 -2.73 26.18
CA SER B 512 20.69 -3.66 26.92
C SER B 512 19.94 -4.96 27.19
N GLN B 513 20.62 -5.93 27.78
CA GLN B 513 20.01 -7.23 28.05
C GLN B 513 19.93 -7.50 29.54
N CYS B 514 18.88 -8.20 29.97
CA CYS B 514 18.68 -8.46 31.39
C CYS B 514 18.73 -9.95 31.67
N PRO B 515 19.90 -10.44 32.11
CA PRO B 515 20.05 -11.86 32.46
C PRO B 515 19.67 -12.10 33.91
N ILE B 516 19.74 -13.36 34.34
CA ILE B 516 19.48 -13.73 35.72
C ILE B 516 20.67 -13.21 36.51
N LYS B 517 20.44 -12.27 37.42
CA LYS B 517 21.55 -11.62 38.11
C LYS B 517 21.42 -11.55 39.63
N SER B 518 20.20 -11.73 40.14
CA SER B 518 20.01 -11.58 41.58
C SER B 518 19.46 -12.87 42.22
N THR B 519 19.23 -12.81 43.52
CA THR B 519 18.73 -13.95 44.26
C THR B 519 17.37 -13.61 44.87
N SER B 520 16.43 -14.55 44.77
CA SER B 520 15.04 -14.30 45.17
C SER B 520 14.87 -14.11 46.68
N ASN B 521 14.28 -12.99 47.05
CA ASN B 521 13.91 -12.69 48.43
C ASN B 521 12.41 -12.88 48.62
N ASP B 522 11.95 -12.81 49.86
CA ASP B 522 10.55 -13.08 50.13
C ASP B 522 9.69 -11.88 49.76
N LEU B 523 8.72 -12.12 48.89
CA LEU B 523 7.80 -11.10 48.41
C LEU B 523 6.61 -11.01 49.36
N GLY B 524 6.43 -12.05 50.16
CA GLY B 524 5.34 -12.09 51.12
C GLY B 524 3.99 -12.18 50.46
N CYS B 525 3.85 -13.18 49.59
CA CYS B 525 2.61 -13.39 48.85
C CYS B 525 2.03 -14.79 49.07
N THR B 526 0.71 -14.85 49.11
CA THR B 526 -0.03 -16.10 49.26
C THR B 526 -0.56 -16.63 47.93
N CYS B 527 -0.17 -17.83 47.54
CA CYS B 527 -0.62 -18.36 46.25
C CYS B 527 -1.50 -19.61 46.37
N ASP B 528 -2.75 -19.46 45.94
CA ASP B 528 -3.71 -20.55 45.95
C ASP B 528 -3.49 -21.46 44.75
N PRO B 529 -3.52 -22.78 44.96
CA PRO B 529 -3.33 -23.73 43.86
C PRO B 529 -4.38 -23.55 42.76
N ASP B 547 12.25 -20.96 20.03
CA ASP B 547 12.62 -19.71 20.70
C ASP B 547 12.60 -18.55 19.70
N ASP B 548 13.03 -18.82 18.48
CA ASP B 548 13.01 -17.79 17.44
C ASP B 548 11.55 -17.61 17.02
N ASP B 549 10.79 -18.69 17.20
CA ASP B 549 9.37 -18.78 16.90
C ASP B 549 8.47 -18.01 17.88
N ILE B 550 8.83 -18.02 19.16
CA ILE B 550 8.01 -17.39 20.19
C ILE B 550 8.16 -15.87 20.20
N TYR B 551 9.24 -15.37 19.61
CA TYR B 551 9.46 -13.94 19.49
C TYR B 551 8.49 -13.37 18.46
N HIS B 552 8.55 -13.92 17.25
CA HIS B 552 7.72 -13.49 16.13
C HIS B 552 6.23 -13.64 16.43
N MET B 553 5.90 -14.54 17.34
CA MET B 553 4.52 -14.82 17.69
C MET B 553 3.94 -13.70 18.57
N THR B 554 4.81 -13.05 19.33
CA THR B 554 4.39 -11.98 20.23
C THR B 554 4.44 -10.61 19.58
N VAL B 555 5.41 -10.40 18.70
CA VAL B 555 5.52 -9.16 17.94
C VAL B 555 5.56 -9.46 16.43
N PRO B 556 4.41 -9.83 15.86
CA PRO B 556 4.34 -10.26 14.46
C PRO B 556 4.53 -9.13 13.46
N TYR B 557 4.46 -7.89 13.93
CA TYR B 557 4.61 -6.74 13.05
C TYR B 557 5.93 -6.07 13.36
N GLY B 558 6.69 -6.68 14.26
CA GLY B 558 7.95 -6.13 14.71
C GLY B 558 7.79 -5.51 16.08
N ARG B 559 8.82 -5.64 16.92
CA ARG B 559 8.78 -5.05 18.25
C ARG B 559 8.75 -3.53 18.18
N PRO B 560 8.10 -2.90 19.16
CA PRO B 560 8.08 -1.43 19.29
C PRO B 560 9.49 -0.90 19.48
N ARG B 561 9.85 0.14 18.73
CA ARG B 561 11.18 0.74 18.85
C ARG B 561 11.21 1.82 19.90
N ILE B 562 12.31 1.90 20.63
CA ILE B 562 12.45 2.86 21.72
C ILE B 562 13.00 4.18 21.21
N LEU B 563 12.14 5.20 21.15
CA LEU B 563 12.53 6.51 20.65
C LEU B 563 13.08 7.41 21.75
N LEU B 564 13.11 6.92 22.98
CA LEU B 564 13.62 7.67 24.11
C LEU B 564 15.15 7.80 24.07
N LYS B 565 15.64 9.02 24.29
CA LYS B 565 17.08 9.27 24.26
C LYS B 565 17.56 9.92 25.55
N GLN B 566 18.40 9.22 26.31
CA GLN B 566 18.83 7.87 25.94
C GLN B 566 18.47 6.87 27.05
N HIS B 567 17.21 6.47 27.06
CA HIS B 567 16.65 5.60 28.10
C HIS B 567 17.28 4.20 28.06
N ARG B 568 17.42 3.58 29.23
CA ARG B 568 17.95 2.21 29.28
C ARG B 568 16.81 1.19 29.31
N VAL B 569 16.71 0.39 28.25
CA VAL B 569 15.61 -0.56 28.11
C VAL B 569 16.08 -2.00 27.86
N CYS B 570 15.50 -2.96 28.59
CA CYS B 570 15.76 -4.37 28.35
C CYS B 570 14.59 -5.13 27.72
N LEU B 571 14.90 -6.13 26.90
CA LEU B 571 13.86 -6.96 26.27
C LEU B 571 13.73 -8.30 26.99
N LEU B 572 12.64 -8.46 27.73
CA LEU B 572 12.39 -9.70 28.50
C LEU B 572 11.42 -10.61 27.77
N GLN B 573 11.89 -11.75 27.30
CA GLN B 573 11.05 -12.66 26.52
C GLN B 573 10.35 -13.72 27.36
N GLN B 574 9.04 -13.86 27.13
CA GLN B 574 8.23 -14.90 27.76
C GLN B 574 7.54 -15.73 26.67
N GLN B 575 6.71 -16.69 27.08
CA GLN B 575 6.06 -17.59 26.13
C GLN B 575 4.71 -17.11 25.60
N GLN B 576 4.12 -16.10 26.22
CA GLN B 576 2.83 -15.59 25.79
C GLN B 576 2.93 -14.12 25.40
N PHE B 577 3.96 -13.45 25.91
CA PHE B 577 4.14 -12.04 25.64
C PHE B 577 5.61 -11.62 25.61
N LEU B 578 5.87 -10.48 24.98
CA LEU B 578 7.19 -9.88 24.96
C LEU B 578 7.08 -8.51 25.61
N THR B 579 7.95 -8.24 26.57
CA THR B 579 7.86 -6.98 27.31
C THR B 579 9.15 -6.17 27.26
N GLY B 580 9.00 -4.86 26.97
CA GLY B 580 10.12 -3.95 27.00
C GLY B 580 10.26 -3.33 28.38
N TYR B 581 11.27 -3.75 29.13
CA TYR B 581 11.42 -3.29 30.51
C TYR B 581 12.39 -2.13 30.62
N SER B 582 12.05 -1.17 31.48
CA SER B 582 12.86 0.01 31.72
C SER B 582 13.72 -0.12 32.98
N LEU B 583 15.01 0.17 32.87
CA LEU B 583 15.91 0.12 34.03
C LEU B 583 15.87 1.42 34.81
N ASP B 584 15.51 2.50 34.13
CA ASP B 584 15.45 3.81 34.77
C ASP B 584 14.16 3.99 35.57
N LEU B 585 13.12 3.25 35.20
CA LEU B 585 11.84 3.37 35.87
C LEU B 585 11.53 2.11 36.67
N LEU B 586 12.31 1.05 36.43
CA LEU B 586 12.10 -0.24 37.08
C LEU B 586 10.68 -0.76 36.89
N MET B 587 10.12 -0.49 35.71
CA MET B 587 8.78 -0.95 35.36
C MET B 587 8.66 -1.11 33.85
N PRO B 588 7.81 -2.03 33.38
CA PRO B 588 7.68 -2.30 31.95
C PRO B 588 7.14 -1.10 31.16
N LEU B 589 7.77 -0.79 30.04
CA LEU B 589 7.30 0.28 29.16
C LEU B 589 6.16 -0.20 28.26
N TRP B 590 6.29 -1.42 27.76
CA TRP B 590 5.25 -2.00 26.91
C TRP B 590 5.24 -3.52 26.99
N ALA B 591 4.09 -4.10 26.67
CA ALA B 591 3.95 -5.56 26.65
C ALA B 591 3.09 -5.95 25.46
N SER B 592 3.67 -6.74 24.56
CA SER B 592 2.97 -7.16 23.35
C SER B 592 2.64 -8.65 23.41
N TYR B 593 1.42 -8.99 23.02
CA TYR B 593 0.99 -10.37 23.01
C TYR B 593 -0.10 -10.62 21.97
N THR B 594 -0.27 -11.87 21.57
CA THR B 594 -1.28 -12.25 20.58
C THR B 594 -2.42 -13.07 21.18
N PHE B 595 -3.64 -12.60 20.96
CA PHE B 595 -4.83 -13.25 21.47
C PHE B 595 -5.62 -13.83 20.29
N LEU B 596 -5.69 -15.16 20.23
CA LEU B 596 -6.30 -15.86 19.10
C LEU B 596 -7.82 -15.90 19.19
N SER B 597 -8.46 -16.55 18.24
CA SER B 597 -9.93 -16.53 18.14
C SER B 597 -10.64 -17.09 19.37
N ASN B 598 -10.18 -18.23 19.87
CA ASN B 598 -10.78 -18.78 21.09
C ASN B 598 -9.75 -19.51 21.94
N ASP B 599 -9.19 -18.79 22.90
CA ASP B 599 -8.20 -19.37 23.81
C ASP B 599 -8.07 -18.54 25.09
N ASN B 608 -3.07 -11.39 44.89
CA ASN B 608 -2.11 -11.10 45.94
C ASN B 608 -0.83 -11.93 45.75
N CYS B 609 -0.75 -12.63 44.62
CA CYS B 609 0.43 -13.43 44.36
C CYS B 609 1.29 -12.87 43.24
N LEU B 610 2.60 -13.00 43.40
CA LEU B 610 3.57 -12.54 42.40
C LEU B 610 4.87 -13.35 42.49
N TYR B 611 5.61 -13.39 41.40
CA TYR B 611 6.88 -14.10 41.34
C TYR B 611 8.00 -13.12 41.04
N GLN B 612 9.12 -13.24 41.75
CA GLN B 612 10.22 -12.30 41.54
C GLN B 612 10.93 -12.63 40.23
N ASP B 613 11.01 -11.64 39.35
CA ASP B 613 11.72 -11.79 38.08
C ASP B 613 13.21 -11.55 38.31
N LEU B 614 13.98 -12.64 38.26
CA LEU B 614 15.40 -12.60 38.56
C LEU B 614 16.24 -11.88 37.50
N ARG B 615 15.61 -11.47 36.40
CA ARG B 615 16.35 -10.79 35.35
C ARG B 615 16.45 -9.28 35.61
N ILE B 616 15.55 -8.77 36.45
CA ILE B 616 15.55 -7.36 36.78
C ILE B 616 15.90 -7.16 38.26
N PRO B 617 16.55 -6.03 38.60
CA PRO B 617 16.86 -5.73 40.00
C PRO B 617 15.61 -5.53 40.86
N LEU B 618 15.64 -6.02 42.09
CA LEU B 618 14.49 -5.95 42.99
C LEU B 618 14.30 -4.55 43.57
N SER B 619 13.05 -4.11 43.60
CA SER B 619 12.68 -2.84 44.18
C SER B 619 11.65 -3.11 45.28
N PRO B 620 11.65 -2.29 46.35
CA PRO B 620 10.68 -2.46 47.45
C PRO B 620 9.23 -2.42 46.98
N VAL B 621 8.99 -1.83 45.80
CA VAL B 621 7.64 -1.75 45.25
C VAL B 621 7.29 -3.01 44.46
N HIS B 622 8.21 -3.98 44.43
CA HIS B 622 7.95 -5.25 43.76
C HIS B 622 7.36 -6.25 44.74
N LYS B 623 7.60 -6.03 46.03
CA LYS B 623 7.10 -6.91 47.08
C LYS B 623 5.60 -6.69 47.34
N CYS B 624 4.88 -7.79 47.55
CA CYS B 624 3.44 -7.74 47.79
C CYS B 624 3.08 -7.14 49.14
N SER B 625 4.02 -7.17 50.08
CA SER B 625 3.83 -6.61 51.41
C SER B 625 3.66 -5.10 51.34
N TYR B 626 4.12 -4.52 50.25
CA TYR B 626 4.01 -3.09 50.01
C TYR B 626 2.56 -2.67 49.78
N TYR B 627 1.77 -3.58 49.23
CA TYR B 627 0.38 -3.29 48.90
C TYR B 627 -0.58 -3.89 49.92
N LYS B 628 -1.37 -3.05 50.57
CA LYS B 628 -2.36 -3.51 51.54
C LYS B 628 -3.77 -3.52 50.94
N LEU B 633 -4.43 2.80 45.73
CA LEU B 633 -3.24 2.52 44.94
C LEU B 633 -2.91 1.03 45.01
N SER B 634 -2.78 0.40 43.84
CA SER B 634 -2.41 -1.02 43.77
C SER B 634 -1.49 -1.31 42.60
N TYR B 635 -1.40 -2.59 42.23
CA TYR B 635 -0.63 -3.00 41.07
C TYR B 635 -1.55 -3.62 40.02
N GLY B 636 -1.26 -3.36 38.74
CA GLY B 636 -2.02 -3.98 37.66
C GLY B 636 -1.14 -4.75 36.70
N PHE B 637 -1.73 -5.63 35.91
CA PHE B 637 -0.95 -6.38 34.92
C PHE B 637 -1.09 -5.76 33.53
N LEU B 638 0.03 -5.71 32.80
CA LEU B 638 0.02 -5.28 31.42
C LEU B 638 -0.50 -6.36 30.49
N THR B 639 -0.11 -7.61 30.79
CA THR B 639 -0.59 -8.76 30.06
C THR B 639 -1.58 -9.51 30.93
N PRO B 640 -2.80 -9.74 30.42
CA PRO B 640 -3.79 -10.45 31.23
C PRO B 640 -3.28 -11.83 31.62
N PRO B 641 -3.36 -12.18 32.91
CA PRO B 641 -2.88 -13.45 33.44
C PRO B 641 -3.81 -14.59 33.10
N ARG B 642 -5.02 -14.24 32.68
CA ARG B 642 -6.06 -15.22 32.37
C ARG B 642 -5.89 -15.80 30.96
N LEU B 643 -4.73 -15.58 30.36
CA LEU B 643 -4.42 -16.07 29.02
C LEU B 643 -4.14 -17.58 28.96
N ASN B 644 -4.64 -18.21 27.90
CA ASN B 644 -4.50 -19.65 27.70
C ASN B 644 -4.84 -20.52 28.92
N HIS B 649 -6.50 -24.10 33.52
CA HIS B 649 -5.09 -23.74 33.59
C HIS B 649 -4.91 -22.22 33.64
N ILE B 650 -3.71 -21.78 33.98
CA ILE B 650 -3.42 -20.35 34.02
C ILE B 650 -1.93 -20.04 33.81
N TYR B 651 -1.66 -19.08 32.92
CA TYR B 651 -0.31 -18.66 32.59
C TYR B 651 0.36 -18.04 33.82
N SER B 652 1.47 -18.63 34.27
CA SER B 652 2.10 -18.18 35.52
C SER B 652 3.13 -17.06 35.32
N GLU B 653 3.72 -16.98 34.14
CA GLU B 653 4.74 -15.96 33.86
C GLU B 653 4.14 -14.55 33.75
N ALA B 654 2.81 -14.48 33.64
CA ALA B 654 2.10 -13.20 33.63
C ALA B 654 1.97 -12.59 35.03
N LEU B 655 2.25 -13.40 36.04
CA LEU B 655 2.21 -12.93 37.43
C LEU B 655 3.61 -12.53 37.89
N LEU B 656 4.49 -12.34 36.91
CA LEU B 656 5.85 -11.88 37.16
C LEU B 656 5.91 -10.41 37.58
N THR B 657 6.92 -10.07 38.37
CA THR B 657 7.11 -8.70 38.85
C THR B 657 7.31 -7.75 37.67
N SER B 658 7.82 -8.28 36.57
CA SER B 658 8.14 -7.44 35.42
C SER B 658 6.90 -7.20 34.57
N ASN B 659 5.75 -7.65 35.08
CA ASN B 659 4.49 -7.48 34.37
C ASN B 659 3.49 -6.64 35.16
N ILE B 660 3.97 -5.98 36.21
CA ILE B 660 3.10 -5.13 37.03
C ILE B 660 3.37 -3.64 36.91
N VAL B 661 2.30 -2.85 37.03
CA VAL B 661 2.39 -1.40 37.01
C VAL B 661 1.48 -0.84 38.10
N PRO B 662 1.88 0.30 38.71
CA PRO B 662 1.07 0.94 39.74
C PRO B 662 -0.30 1.36 39.19
N MET B 663 -1.37 1.06 39.91
CA MET B 663 -2.72 1.29 39.42
C MET B 663 -3.71 1.62 40.54
N TYR B 664 -4.62 2.56 40.27
CA TYR B 664 -5.66 2.90 41.24
C TYR B 664 -6.71 1.79 41.23
N GLN B 665 -7.37 1.59 42.37
CA GLN B 665 -8.39 0.54 42.48
C GLN B 665 -9.62 0.84 41.63
N SER B 666 -9.96 2.12 41.47
CA SER B 666 -11.11 2.50 40.68
C SER B 666 -10.83 2.24 39.20
N PHE B 667 -9.57 2.40 38.82
CA PHE B 667 -9.14 2.17 37.45
C PHE B 667 -8.96 0.68 37.15
N GLN B 668 -8.68 -0.10 38.18
CA GLN B 668 -8.53 -1.55 38.03
C GLN B 668 -9.85 -2.19 37.61
N VAL B 669 -10.94 -1.50 37.92
CA VAL B 669 -12.29 -1.89 37.52
C VAL B 669 -12.44 -1.82 36.00
N ILE B 670 -11.80 -0.82 35.41
CA ILE B 670 -11.86 -0.60 33.97
C ILE B 670 -10.89 -1.53 33.24
N TRP B 671 -9.74 -1.75 33.85
CA TRP B 671 -8.67 -2.51 33.22
C TRP B 671 -9.02 -4.00 33.11
N HIS B 672 -9.73 -4.51 34.11
CA HIS B 672 -10.13 -5.91 34.11
C HIS B 672 -11.27 -6.19 33.12
N TYR B 673 -12.25 -5.32 33.07
CA TYR B 673 -13.37 -5.48 32.15
C TYR B 673 -12.88 -5.36 30.71
N LEU B 674 -11.81 -4.60 30.53
CA LEU B 674 -11.24 -4.41 29.20
C LEU B 674 -10.64 -5.73 28.70
N HIS B 675 -10.13 -6.53 29.63
CA HIS B 675 -9.46 -7.77 29.30
C HIS B 675 -10.33 -9.00 29.52
N ASP B 676 -11.20 -8.95 30.53
CA ASP B 676 -12.05 -10.08 30.88
C ASP B 676 -13.28 -10.18 29.97
N THR B 677 -13.73 -9.04 29.47
CA THR B 677 -14.95 -9.00 28.67
C THR B 677 -14.74 -8.55 27.21
N LEU B 678 -14.24 -7.32 27.05
CA LEU B 678 -14.10 -6.71 25.73
C LEU B 678 -13.10 -7.41 24.81
N LEU B 679 -11.93 -7.73 25.33
CA LEU B 679 -10.86 -8.32 24.53
C LEU B 679 -11.27 -9.66 23.92
N GLN B 680 -12.02 -10.46 24.67
CA GLN B 680 -12.45 -11.77 24.19
C GLN B 680 -13.53 -11.63 23.12
N ARG B 681 -14.39 -10.62 23.28
CA ARG B 681 -15.45 -10.38 22.31
C ARG B 681 -14.84 -9.89 21.01
N TYR B 682 -13.81 -9.05 21.14
CA TYR B 682 -13.11 -8.48 19.99
C TYR B 682 -12.32 -9.51 19.20
N ALA B 683 -11.92 -10.59 19.87
CA ALA B 683 -11.18 -11.67 19.22
C ALA B 683 -12.05 -12.49 18.27
N HIS B 684 -13.35 -12.52 18.55
CA HIS B 684 -14.30 -13.23 17.70
C HIS B 684 -14.69 -12.37 16.51
N GLU B 685 -14.89 -11.08 16.76
CA GLU B 685 -15.30 -10.15 15.72
C GLU B 685 -14.17 -9.91 14.72
N ARG B 686 -12.94 -9.85 15.20
CA ARG B 686 -11.79 -9.53 14.35
C ARG B 686 -10.89 -10.74 14.06
N ASN B 687 -11.38 -11.94 14.39
CA ASN B 687 -10.64 -13.18 14.20
C ASN B 687 -9.27 -13.16 14.88
N GLY B 688 -9.26 -12.76 16.14
CA GLY B 688 -8.03 -12.64 16.91
C GLY B 688 -7.55 -11.21 16.86
N ILE B 689 -6.86 -10.77 17.90
CA ILE B 689 -6.32 -9.42 17.97
C ILE B 689 -4.91 -9.41 18.57
N ASN B 690 -4.04 -8.56 18.04
CA ASN B 690 -2.75 -8.34 18.69
C ASN B 690 -2.77 -7.10 19.57
N VAL B 691 -2.41 -7.28 20.84
CA VAL B 691 -2.50 -6.20 21.82
C VAL B 691 -1.13 -5.78 22.33
N VAL B 692 -0.89 -4.48 22.36
CA VAL B 692 0.31 -3.92 22.99
C VAL B 692 -0.14 -2.89 24.02
N SER B 693 0.25 -3.09 25.27
CA SER B 693 -0.18 -2.19 26.34
C SER B 693 1.00 -1.69 27.17
N GLY B 694 0.80 -0.59 27.87
CA GLY B 694 1.82 -0.03 28.74
C GLY B 694 1.37 1.26 29.41
N PRO B 695 2.15 1.73 30.39
CA PRO B 695 1.87 2.95 31.16
C PRO B 695 2.27 4.22 30.40
N VAL B 696 1.60 5.32 30.72
CA VAL B 696 1.87 6.60 30.10
C VAL B 696 2.17 7.67 31.16
N PHE B 697 3.28 8.38 30.99
CA PHE B 697 3.68 9.42 31.92
C PHE B 697 3.82 10.77 31.22
N ASP B 698 2.76 11.58 31.30
CA ASP B 698 2.76 12.93 30.75
C ASP B 698 2.18 13.95 31.73
N PHE B 699 3.00 14.39 32.68
CA PHE B 699 2.53 15.32 33.72
C PHE B 699 2.40 16.76 33.25
N ASP B 700 3.14 17.11 32.20
CA ASP B 700 3.10 18.48 31.66
C ASP B 700 2.03 18.64 30.58
N TYR B 701 1.21 17.60 30.41
CA TYR B 701 0.08 17.58 29.46
C TYR B 701 0.34 18.25 28.11
N ASP B 702 1.48 17.94 27.51
CA ASP B 702 1.84 18.50 26.21
C ASP B 702 1.61 17.46 25.12
N GLY B 703 1.28 16.23 25.53
CA GLY B 703 1.01 15.17 24.58
C GLY B 703 2.24 14.34 24.21
N ARG B 704 3.37 14.69 24.78
CA ARG B 704 4.62 13.98 24.51
C ARG B 704 5.21 13.38 25.77
N TYR B 705 6.10 12.40 25.62
CA TYR B 705 6.67 11.72 26.78
C TYR B 705 7.56 12.67 27.58
N ASP B 706 7.57 12.48 28.90
CA ASP B 706 8.30 13.36 29.81
C ASP B 706 9.77 13.03 29.92
N SER B 707 10.58 14.06 30.17
CA SER B 707 12.00 13.86 30.37
C SER B 707 12.26 13.32 31.76
N LEU B 708 13.48 12.86 32.00
CA LEU B 708 13.87 12.29 33.29
C LEU B 708 13.78 13.32 34.41
N GLU B 709 14.01 14.59 34.07
CA GLU B 709 14.01 15.66 35.05
C GLU B 709 12.64 15.88 35.67
N ILE B 710 11.63 16.03 34.81
CA ILE B 710 10.27 16.25 35.30
C ILE B 710 9.64 14.94 35.80
N LEU B 711 10.15 13.81 35.33
CA LEU B 711 9.65 12.54 35.81
C LEU B 711 10.01 12.36 37.29
N LYS B 712 11.21 12.79 37.67
CA LYS B 712 11.66 12.71 39.05
C LYS B 712 11.01 13.73 39.97
N GLN B 713 10.55 14.84 39.39
CA GLN B 713 9.92 15.90 40.18
C GLN B 713 8.47 15.61 40.57
N ASN B 714 7.80 14.78 39.78
CA ASN B 714 6.40 14.47 40.01
C ASN B 714 6.22 13.09 40.63
N SER B 715 7.31 12.53 41.13
CA SER B 715 7.28 11.22 41.75
C SER B 715 6.84 11.38 43.20
N ARG B 716 5.58 11.10 43.48
CA ARG B 716 5.04 11.20 44.82
C ARG B 716 5.64 10.11 45.71
N VAL B 717 5.49 10.29 47.02
CA VAL B 717 5.97 9.29 47.97
C VAL B 717 4.84 8.70 48.81
N ILE B 718 4.75 7.37 48.80
CA ILE B 718 3.73 6.66 49.56
C ILE B 718 4.35 5.40 50.19
N ARG B 719 4.00 5.16 51.45
CA ARG B 719 4.47 4.00 52.21
C ARG B 719 5.99 3.92 52.33
N SER B 720 6.62 5.09 52.45
CA SER B 720 8.08 5.22 52.65
C SER B 720 8.91 4.84 51.43
N GLN B 721 8.27 4.74 50.27
CA GLN B 721 8.97 4.41 49.03
C GLN B 721 8.56 5.33 47.88
N GLU B 722 9.49 5.58 46.96
CA GLU B 722 9.21 6.45 45.82
C GLU B 722 8.52 5.69 44.70
N ILE B 723 7.39 6.23 44.24
CA ILE B 723 6.60 5.59 43.18
C ILE B 723 6.17 6.57 42.09
N LEU B 724 6.40 6.16 40.84
CA LEU B 724 5.91 6.92 39.69
C LEU B 724 4.59 6.34 39.16
N ILE B 725 3.48 7.04 39.38
CA ILE B 725 2.17 6.54 38.98
C ILE B 725 1.79 7.12 37.61
N PRO B 726 1.31 6.25 36.70
CA PRO B 726 0.97 6.63 35.32
C PRO B 726 -0.18 7.63 35.23
N THR B 727 -0.06 8.60 34.33
CA THR B 727 -1.14 9.55 34.09
C THR B 727 -2.18 8.88 33.20
N HIS B 728 -1.71 8.03 32.30
CA HIS B 728 -2.59 7.29 31.42
C HIS B 728 -2.10 5.85 31.20
N PHE B 729 -2.92 5.04 30.54
CA PHE B 729 -2.51 3.72 30.07
C PHE B 729 -2.91 3.53 28.61
N PHE B 730 -1.95 3.17 27.77
CA PHE B 730 -2.24 2.96 26.36
C PHE B 730 -2.47 1.49 26.02
N ILE B 731 -3.29 1.26 24.99
CA ILE B 731 -3.51 -0.09 24.47
C ILE B 731 -3.82 -0.03 22.97
N VAL B 732 -3.02 -0.74 22.18
CA VAL B 732 -3.20 -0.76 20.73
C VAL B 732 -3.67 -2.11 20.22
N LEU B 733 -4.83 -2.13 19.59
CA LEU B 733 -5.40 -3.37 19.05
C LEU B 733 -5.18 -3.47 17.55
N THR B 734 -4.51 -4.55 17.12
CA THR B 734 -4.24 -4.76 15.71
C THR B 734 -4.84 -6.06 15.20
N SER B 735 -5.51 -5.99 14.05
CA SER B 735 -6.10 -7.16 13.42
C SER B 735 -5.90 -7.10 11.91
N CYS B 736 -6.44 -8.10 11.22
CA CYS B 736 -6.34 -8.16 9.77
C CYS B 736 -7.54 -7.47 9.14
N LYS B 737 -7.32 -6.84 7.99
CA LYS B 737 -8.40 -6.20 7.26
C LYS B 737 -9.26 -7.27 6.62
N GLN B 738 -8.66 -8.44 6.43
CA GLN B 738 -9.38 -9.59 5.91
C GLN B 738 -9.63 -10.54 7.08
N LEU B 739 -10.92 -10.75 7.39
CA LEU B 739 -11.30 -11.54 8.56
C LEU B 739 -10.93 -13.02 8.47
N SER B 740 -10.49 -13.45 7.29
CA SER B 740 -10.09 -14.82 7.07
C SER B 740 -8.71 -15.11 7.65
N GLU B 741 -7.98 -14.04 8.00
CA GLU B 741 -6.62 -14.16 8.49
C GLU B 741 -6.51 -13.91 9.99
N THR B 742 -5.59 -14.62 10.64
CA THR B 742 -5.30 -14.38 12.04
C THR B 742 -4.22 -13.31 12.08
N PRO B 743 -4.08 -12.59 13.21
CA PRO B 743 -3.09 -11.52 13.40
C PRO B 743 -1.64 -11.88 13.07
N LEU B 744 -1.35 -13.16 12.86
CA LEU B 744 0.01 -13.59 12.55
C LEU B 744 0.26 -13.67 11.04
N GLU B 745 -0.79 -13.41 10.26
CA GLU B 745 -0.70 -13.53 8.80
C GLU B 745 -1.49 -12.43 8.08
N CYS B 746 -1.51 -11.23 8.65
CA CYS B 746 -2.23 -10.12 8.05
C CYS B 746 -1.60 -9.66 6.74
N SER B 747 -2.44 -9.42 5.73
CA SER B 747 -2.03 -8.81 4.47
C SER B 747 -2.07 -7.30 4.58
N ALA B 748 -3.10 -6.80 5.27
CA ALA B 748 -3.21 -5.38 5.58
C ALA B 748 -3.59 -5.24 7.04
N LEU B 749 -3.26 -4.12 7.65
CA LEU B 749 -3.48 -3.97 9.08
C LEU B 749 -4.78 -3.25 9.47
N GLU B 750 -5.19 -3.48 10.71
CA GLU B 750 -6.36 -2.83 11.28
C GLU B 750 -6.06 -2.35 12.70
N SER B 751 -5.60 -1.11 12.83
CA SER B 751 -5.17 -0.59 14.12
C SER B 751 -6.27 0.21 14.81
N SER B 752 -6.25 0.19 16.14
CA SER B 752 -7.12 1.01 16.95
C SER B 752 -6.46 1.21 18.32
N ALA B 753 -6.14 2.45 18.63
CA ALA B 753 -5.44 2.75 19.88
C ALA B 753 -6.33 3.47 20.88
N TYR B 754 -5.97 3.34 22.16
CA TYR B 754 -6.70 4.00 23.24
C TYR B 754 -5.70 4.55 24.24
N ILE B 755 -5.96 5.75 24.74
CA ILE B 755 -5.19 6.32 25.83
C ILE B 755 -6.12 6.62 27.00
N LEU B 756 -6.17 5.67 27.93
CA LEU B 756 -7.13 5.74 29.04
C LEU B 756 -6.59 6.55 30.20
N PRO B 757 -7.39 7.53 30.67
CA PRO B 757 -7.00 8.38 31.80
C PRO B 757 -6.94 7.56 33.09
N HIS B 758 -5.86 7.73 33.85
CA HIS B 758 -5.68 7.01 35.09
C HIS B 758 -6.21 7.82 36.27
N ARG B 759 -7.46 7.56 36.64
CA ARG B 759 -8.09 8.36 37.69
C ARG B 759 -8.30 7.59 39.00
N PRO B 760 -8.14 8.28 40.13
CA PRO B 760 -8.37 7.72 41.47
C PRO B 760 -9.85 7.44 41.72
N ASP B 761 -10.70 8.08 40.93
CA ASP B 761 -12.14 7.92 41.05
C ASP B 761 -12.84 7.88 39.69
N ASN B 762 -14.14 7.59 39.69
CA ASN B 762 -14.90 7.54 38.45
C ASN B 762 -15.95 8.66 38.37
N ILE B 763 -15.51 9.88 38.67
CA ILE B 763 -16.39 11.04 38.61
C ILE B 763 -16.67 11.36 37.15
N GLU B 764 -15.68 11.06 36.31
CA GLU B 764 -15.76 11.30 34.88
C GLU B 764 -16.88 10.47 34.26
N SER B 765 -17.11 9.29 34.82
CA SER B 765 -18.05 8.35 34.23
C SER B 765 -19.47 8.50 34.75
N CYS B 766 -19.63 9.12 35.90
CA CYS B 766 -20.93 9.23 36.58
C CYS B 766 -21.50 7.83 36.74
N THR B 767 -20.79 6.97 37.46
CA THR B 767 -21.19 5.57 37.57
C THR B 767 -22.52 5.31 38.28
N HIS B 768 -22.86 6.12 39.28
CA HIS B 768 -24.12 5.95 40.00
C HIS B 768 -25.35 6.06 39.09
N GLY B 769 -26.02 4.95 38.83
CA GLY B 769 -27.15 5.00 37.92
C GLY B 769 -27.10 4.19 36.64
N LYS B 770 -25.90 3.77 36.23
CA LYS B 770 -25.76 3.00 35.01
C LYS B 770 -25.20 1.59 35.20
N ARG B 771 -25.14 0.86 34.10
CA ARG B 771 -24.58 -0.50 34.07
C ARG B 771 -23.11 -0.51 33.68
N GLU B 772 -22.37 -1.44 34.26
CA GLU B 772 -20.92 -1.52 34.09
C GLU B 772 -20.56 -1.74 32.62
N SER B 773 -21.36 -2.54 31.93
CA SER B 773 -21.10 -2.88 30.54
C SER B 773 -21.32 -1.66 29.63
N SER B 774 -21.94 -0.62 30.17
CA SER B 774 -22.24 0.58 29.41
C SER B 774 -21.17 1.67 29.51
N TRP B 775 -20.87 2.12 30.73
CA TRP B 775 -19.98 3.26 30.94
C TRP B 775 -18.52 3.01 30.59
N VAL B 776 -18.07 1.75 30.70
CA VAL B 776 -16.70 1.41 30.38
C VAL B 776 -16.48 1.58 28.90
N GLU B 777 -17.37 0.98 28.10
CA GLU B 777 -17.30 1.08 26.65
C GLU B 777 -17.41 2.52 26.17
N GLU B 778 -18.18 3.33 26.88
CA GLU B 778 -18.33 4.75 26.52
C GLU B 778 -17.05 5.53 26.82
N LEU B 779 -16.29 5.07 27.81
CA LEU B 779 -15.02 5.71 28.16
C LEU B 779 -13.91 5.32 27.18
N LEU B 780 -13.91 4.05 26.79
CA LEU B 780 -12.95 3.54 25.82
C LEU B 780 -13.12 4.30 24.50
N THR B 781 -14.35 4.38 24.03
CA THR B 781 -14.66 5.03 22.75
C THR B 781 -14.32 6.51 22.78
N LEU B 782 -14.52 7.13 23.94
CA LEU B 782 -14.25 8.56 24.11
C LEU B 782 -12.76 8.85 24.07
N HIS B 783 -11.96 7.93 24.61
CA HIS B 783 -10.52 8.11 24.67
C HIS B 783 -9.76 7.32 23.61
N ARG B 784 -10.43 7.07 22.48
CA ARG B 784 -9.75 6.50 21.33
C ARG B 784 -8.74 7.52 20.86
N ALA B 785 -7.63 7.07 20.28
CA ALA B 785 -6.58 7.98 19.86
C ALA B 785 -5.85 7.43 18.64
N ARG B 786 -5.13 8.30 17.94
CA ARG B 786 -4.30 7.86 16.84
C ARG B 786 -3.18 7.00 17.39
N VAL B 787 -2.69 6.08 16.57
CA VAL B 787 -1.53 5.27 16.95
C VAL B 787 -0.34 6.20 17.08
N THR B 788 -0.34 7.25 16.27
CA THR B 788 0.69 8.29 16.33
C THR B 788 0.65 9.00 17.69
N ASP B 789 -0.54 9.23 18.21
CA ASP B 789 -0.72 9.85 19.52
C ASP B 789 -0.08 9.02 20.62
N VAL B 790 -0.25 7.71 20.54
CA VAL B 790 0.36 6.81 21.51
C VAL B 790 1.88 6.86 21.36
N GLU B 791 2.33 6.90 20.11
CA GLU B 791 3.77 6.98 19.81
C GLU B 791 4.37 8.25 20.38
N LEU B 792 3.67 9.36 20.19
CA LEU B 792 4.16 10.67 20.62
C LEU B 792 4.24 10.77 22.13
N ILE B 793 3.33 10.09 22.83
CA ILE B 793 3.22 10.21 24.28
C ILE B 793 4.02 9.13 25.04
N THR B 794 4.46 8.10 24.33
CA THR B 794 5.22 7.03 24.97
C THR B 794 6.65 6.93 24.46
N GLY B 795 6.90 7.55 23.32
CA GLY B 795 8.22 7.50 22.71
C GLY B 795 8.52 6.14 22.15
N LEU B 796 7.49 5.50 21.60
CA LEU B 796 7.66 4.18 21.01
C LEU B 796 7.27 4.24 19.55
N SER B 797 7.79 3.31 18.76
CA SER B 797 7.48 3.26 17.33
C SER B 797 7.00 1.86 16.96
N PHE B 798 5.80 1.78 16.40
CA PHE B 798 5.20 0.49 16.09
C PHE B 798 5.27 0.15 14.61
N TYR B 799 5.12 -1.14 14.31
CA TYR B 799 5.00 -1.65 12.94
C TYR B 799 6.18 -1.39 12.01
N GLN B 800 7.39 -1.32 12.57
CA GLN B 800 8.57 -1.01 11.76
C GLN B 800 9.01 -2.16 10.85
N ASP B 801 8.71 -3.39 11.24
CA ASP B 801 9.08 -4.55 10.44
C ASP B 801 7.95 -4.98 9.51
N ARG B 802 6.89 -4.17 9.49
CA ARG B 802 5.71 -4.42 8.67
C ARG B 802 6.00 -4.23 7.17
N GLN B 803 5.33 -5.02 6.33
CA GLN B 803 5.63 -5.03 4.90
C GLN B 803 5.32 -3.73 4.16
N GLU B 804 4.30 -3.01 4.60
CA GLU B 804 3.92 -1.76 3.96
C GLU B 804 5.02 -0.70 4.09
N SER B 805 5.03 0.26 3.17
CA SER B 805 6.03 1.31 3.18
C SER B 805 5.77 2.28 4.33
N VAL B 806 6.74 3.14 4.62
CA VAL B 806 6.62 4.12 5.70
C VAL B 806 5.42 5.04 5.49
N SER B 807 5.27 5.54 4.27
CA SER B 807 4.18 6.43 3.92
C SER B 807 2.81 5.78 4.14
N GLU B 808 2.72 4.50 3.81
CA GLU B 808 1.50 3.74 4.01
C GLU B 808 1.21 3.57 5.50
N LEU B 809 2.25 3.28 6.28
CA LEU B 809 2.10 3.07 7.71
C LEU B 809 1.74 4.36 8.45
N LEU B 810 2.21 5.49 7.93
CA LEU B 810 1.86 6.79 8.48
C LEU B 810 0.36 7.04 8.27
N ARG B 811 -0.15 6.64 7.11
CA ARG B 811 -1.57 6.77 6.82
C ARG B 811 -2.39 6.01 7.85
N LEU B 812 -1.88 4.83 8.21
CA LEU B 812 -2.54 3.94 9.16
C LEU B 812 -2.54 4.51 10.57
N LYS B 813 -1.43 5.11 10.97
CA LYS B 813 -1.23 5.57 12.35
C LYS B 813 -1.91 6.90 12.67
N THR B 814 -2.26 7.67 11.65
CA THR B 814 -2.90 8.97 11.86
C THR B 814 -4.42 8.88 11.78
N HIS B 815 -4.95 7.65 11.79
CA HIS B 815 -6.38 7.43 11.59
C HIS B 815 -7.18 7.46 12.89
N LEU B 816 -8.38 8.04 12.80
CA LEU B 816 -9.37 8.02 13.89
C LEU B 816 -10.76 7.83 13.28
N PRO B 817 -11.60 7.01 13.91
CA PRO B 817 -12.97 6.80 13.43
C PRO B 817 -13.91 7.98 13.70
N ILE B 818 -14.83 8.25 12.76
CA ILE B 818 -15.80 9.32 12.92
C ILE B 818 -17.06 8.82 13.63
N PHE B 819 -17.46 9.53 14.67
CA PHE B 819 -18.68 9.23 15.43
C PHE B 819 -19.99 9.51 14.70
N SER B 820 -20.90 8.53 14.74
CA SER B 820 -22.22 8.63 14.12
C SER B 820 -22.17 8.93 12.62
#